data_6KTL
#
_entry.id   6KTL
#
_cell.length_a   90.592
_cell.length_b   128.191
_cell.length_c   137.429
_cell.angle_alpha   90.00
_cell.angle_beta   90.00
_cell.angle_gamma   90.00
#
_symmetry.space_group_name_H-M   'P 21 21 21'
#
loop_
_entity.id
_entity.type
_entity.pdbx_description
1 polymer 'Scyllo-inositol dehydrogenase with L-glucose dehydrogenase activity'
2 non-polymer 'ACETATE ION'
3 non-polymer NICOTINAMIDE-ADENINE-DINUCLEOTIDE
4 non-polymer 1,2,3,4,5,6-HEXAHYDROXY-CYCLOHEXANE
5 water water
#
_entity_poly.entity_id   1
_entity_poly.type   'polypeptide(L)'
_entity_poly.pdbx_seq_one_letter_code
;MSNAEKALGVALIGTGFMGKCHAMAWRNVATAFGGLPPRLEVLADMPADKAHSLASSFGFARGTADWREAVSDPAVDVVS
ITTPNGLHREMAEAALAAGKHVWLEKPMALSVEDAQAMEAAARASDRRTIIGYNYTRSPAFRAAVDLIAEGAIGRPIHFR
GMYDEDYMADPDLPWSWALTRKDGGLGALGDLGCHLVSVMVSLMGPVARVYAQADTVITDRPHQGGTARVENEDQAQALI
RFASGTSGEFSCSRVARGYRCRLAWEVQGTEGTLRFDQERMNELWLYQPGRPEIDGFRRILTGPAQPGFAAFCPGGGHNF
GFNEQKVVEAEMLRQAIAGRGKAWPDFTDGLTIERVIHGMATSAQTGQPVNFLEHHHHHH
;
_entity_poly.pdbx_strand_id   A,B,C,D
#
loop_
_chem_comp.id
_chem_comp.type
_chem_comp.name
_chem_comp.formula
ACT non-polymer 'ACETATE ION' 'C2 H3 O2 -1'
INS non-polymer 1,2,3,4,5,6-HEXAHYDROXY-CYCLOHEXANE 'C6 H12 O6'
NAD non-polymer NICOTINAMIDE-ADENINE-DINUCLEOTIDE 'C21 H27 N7 O14 P2'
#
# COMPACT_ATOMS: atom_id res chain seq x y z
N LYS A 6 -33.32 -29.28 -20.78
CA LYS A 6 -33.35 -28.58 -19.45
C LYS A 6 -32.19 -27.58 -19.37
N ALA A 7 -31.11 -27.78 -20.14
CA ALA A 7 -30.01 -26.79 -20.29
C ALA A 7 -30.59 -25.53 -20.92
N LEU A 8 -30.13 -24.37 -20.43
CA LEU A 8 -30.51 -23.04 -20.94
C LEU A 8 -29.88 -22.85 -22.32
N GLY A 9 -30.67 -22.48 -23.33
CA GLY A 9 -30.18 -22.14 -24.68
C GLY A 9 -29.76 -20.68 -24.76
N VAL A 10 -28.51 -20.42 -25.15
CA VAL A 10 -27.91 -19.05 -25.08
C VAL A 10 -27.69 -18.53 -26.50
N ALA A 11 -28.07 -17.27 -26.72
CA ALA A 11 -27.65 -16.45 -27.87
C ALA A 11 -26.77 -15.31 -27.33
N LEU A 12 -25.75 -14.94 -28.09
CA LEU A 12 -24.87 -13.80 -27.76
C LEU A 12 -24.81 -12.86 -28.97
N ILE A 13 -25.08 -11.58 -28.76
CA ILE A 13 -24.93 -10.55 -29.83
C ILE A 13 -23.72 -9.67 -29.45
N GLY A 14 -22.70 -9.66 -30.30
CA GLY A 14 -21.45 -8.91 -30.08
C GLY A 14 -20.36 -9.79 -29.51
N THR A 15 -19.10 -9.52 -29.86
CA THR A 15 -17.93 -10.36 -29.51
C THR A 15 -16.76 -9.50 -29.01
N GLY A 16 -17.01 -8.24 -28.69
CA GLY A 16 -15.96 -7.29 -28.26
C GLY A 16 -15.61 -7.47 -26.80
N PHE A 17 -15.22 -6.38 -26.13
CA PHE A 17 -14.83 -6.38 -24.70
C PHE A 17 -15.87 -7.17 -23.90
N MET A 18 -17.13 -6.76 -23.95
CA MET A 18 -18.18 -7.41 -23.11
C MET A 18 -18.68 -8.69 -23.78
N GLY A 19 -18.78 -8.74 -25.11
CA GLY A 19 -19.21 -9.95 -25.84
C GLY A 19 -18.38 -11.17 -25.44
N LYS A 20 -17.06 -11.05 -25.49
CA LYS A 20 -16.14 -12.17 -25.16
C LYS A 20 -16.23 -12.46 -23.66
N CYS A 21 -16.43 -11.43 -22.83
CA CYS A 21 -16.59 -11.57 -21.36
C CYS A 21 -17.85 -12.42 -21.08
N HIS A 22 -18.97 -12.13 -21.74
CA HIS A 22 -20.23 -12.91 -21.65
C HIS A 22 -19.97 -14.35 -22.11
N ALA A 23 -19.27 -14.53 -23.24
CA ALA A 23 -18.98 -15.86 -23.83
C ALA A 23 -18.21 -16.70 -22.81
N MET A 24 -17.20 -16.13 -22.16
CA MET A 24 -16.37 -16.85 -21.16
C MET A 24 -17.23 -17.21 -19.95
N ALA A 25 -18.17 -16.34 -19.58
CA ALA A 25 -19.05 -16.53 -18.40
C ALA A 25 -20.02 -17.69 -18.66
N TRP A 26 -20.69 -17.68 -19.81
CA TRP A 26 -21.68 -18.73 -20.18
C TRP A 26 -20.98 -20.07 -20.27
N ARG A 27 -19.72 -20.07 -20.71
CA ARG A 27 -18.95 -21.32 -20.94
C ARG A 27 -18.66 -22.01 -19.60
N ASN A 28 -18.44 -21.26 -18.52
CA ASN A 28 -17.98 -21.88 -17.25
C ASN A 28 -18.98 -21.71 -16.09
N VAL A 29 -20.18 -21.19 -16.32
CA VAL A 29 -21.12 -20.93 -15.18
C VAL A 29 -21.46 -22.25 -14.48
N ALA A 30 -21.69 -23.36 -15.20
CA ALA A 30 -22.04 -24.65 -14.56
C ALA A 30 -20.77 -25.30 -13.97
N THR A 31 -19.60 -25.06 -14.56
CA THR A 31 -18.32 -25.55 -13.98
C THR A 31 -18.19 -25.01 -12.56
N ALA A 32 -18.46 -23.72 -12.37
CA ALA A 32 -18.35 -23.05 -11.07
C ALA A 32 -19.52 -23.47 -10.16
N PHE A 33 -20.76 -23.37 -10.63
CA PHE A 33 -21.96 -23.39 -9.75
C PHE A 33 -22.78 -24.67 -9.87
N GLY A 34 -22.39 -25.59 -10.75
CA GLY A 34 -23.08 -26.89 -10.92
C GLY A 34 -24.31 -26.79 -11.80
N GLY A 35 -25.12 -27.84 -11.84
CA GLY A 35 -26.27 -27.94 -12.75
C GLY A 35 -25.82 -28.23 -14.16
N LEU A 36 -26.66 -27.92 -15.14
CA LEU A 36 -26.43 -28.24 -16.58
C LEU A 36 -25.70 -27.08 -17.25
N PRO A 37 -24.59 -27.34 -17.96
CA PRO A 37 -23.94 -26.31 -18.77
C PRO A 37 -24.92 -25.70 -19.77
N PRO A 38 -25.11 -24.37 -19.80
CA PRO A 38 -25.90 -23.75 -20.86
C PRO A 38 -25.39 -24.16 -22.24
N ARG A 39 -26.33 -24.40 -23.17
CA ARG A 39 -26.05 -24.70 -24.60
C ARG A 39 -25.76 -23.37 -25.31
N LEU A 40 -24.57 -23.22 -25.89
CA LEU A 40 -24.18 -22.02 -26.66
C LEU A 40 -24.68 -22.20 -28.09
N GLU A 41 -25.83 -21.59 -28.42
CA GLU A 41 -26.58 -21.92 -29.66
C GLU A 41 -26.18 -20.98 -30.80
N VAL A 42 -26.35 -19.67 -30.63
CA VAL A 42 -26.18 -18.69 -31.75
C VAL A 42 -25.31 -17.53 -31.27
N LEU A 43 -24.24 -17.24 -32.01
CA LEU A 43 -23.41 -16.03 -31.85
C LEU A 43 -23.70 -15.12 -33.05
N ALA A 44 -24.10 -13.88 -32.80
CA ALA A 44 -24.34 -12.87 -33.87
C ALA A 44 -23.28 -11.79 -33.78
N ASP A 45 -22.69 -11.45 -34.93
CA ASP A 45 -21.65 -10.41 -35.06
C ASP A 45 -21.50 -10.07 -36.53
N MET A 46 -20.95 -8.90 -36.83
CA MET A 46 -20.69 -8.46 -38.22
C MET A 46 -19.22 -8.04 -38.30
N PRO A 47 -18.52 -8.36 -39.41
CA PRO A 47 -19.09 -9.12 -40.53
C PRO A 47 -19.23 -10.63 -40.29
N ALA A 48 -19.89 -11.31 -41.23
CA ALA A 48 -20.21 -12.76 -41.20
C ALA A 48 -18.96 -13.60 -40.94
N ASP A 49 -17.83 -13.32 -41.61
CA ASP A 49 -16.61 -14.17 -41.47
C ASP A 49 -16.11 -14.10 -40.02
N LYS A 50 -16.27 -12.96 -39.36
CA LYS A 50 -15.88 -12.78 -37.92
C LYS A 50 -16.84 -13.60 -37.04
N ALA A 51 -18.15 -13.52 -37.27
CA ALA A 51 -19.16 -14.29 -36.50
C ALA A 51 -18.84 -15.79 -36.63
N HIS A 52 -18.47 -16.26 -37.82
CA HIS A 52 -18.17 -17.70 -38.06
C HIS A 52 -16.90 -18.11 -37.30
N SER A 53 -15.85 -17.28 -37.34
CA SER A 53 -14.55 -17.59 -36.68
C SER A 53 -14.74 -17.66 -35.17
N LEU A 54 -15.39 -16.65 -34.61
CA LEU A 54 -15.53 -16.52 -33.14
C LEU A 54 -16.57 -17.53 -32.62
N ALA A 55 -17.60 -17.85 -33.41
CA ALA A 55 -18.56 -18.92 -33.02
C ALA A 55 -17.78 -20.21 -32.83
N SER A 56 -16.84 -20.52 -33.73
CA SER A 56 -16.03 -21.75 -33.69
C SER A 56 -15.13 -21.75 -32.44
N SER A 57 -14.38 -20.68 -32.19
CA SER A 57 -13.41 -20.63 -31.06
C SER A 57 -14.16 -20.48 -29.72
N PHE A 58 -15.29 -19.77 -29.68
CA PHE A 58 -16.09 -19.57 -28.45
C PHE A 58 -16.93 -20.82 -28.13
N GLY A 59 -17.08 -21.74 -29.09
CA GLY A 59 -17.85 -23.00 -28.93
C GLY A 59 -19.35 -22.78 -29.06
N PHE A 60 -19.77 -21.76 -29.81
CA PHE A 60 -21.19 -21.58 -30.20
C PHE A 60 -21.48 -22.52 -31.37
N ALA A 61 -22.67 -23.11 -31.39
CA ALA A 61 -23.08 -24.09 -32.41
C ALA A 61 -23.01 -23.44 -33.80
N ARG A 62 -23.25 -22.13 -33.89
CA ARG A 62 -23.13 -21.39 -35.17
C ARG A 62 -22.98 -19.89 -34.95
N GLY A 63 -22.43 -19.22 -35.95
CA GLY A 63 -22.32 -17.76 -36.03
C GLY A 63 -23.16 -17.23 -37.17
N THR A 64 -23.65 -16.00 -37.04
CA THR A 64 -24.50 -15.34 -38.06
C THR A 64 -24.24 -13.83 -38.02
N ALA A 65 -24.39 -13.17 -39.16
CA ALA A 65 -24.33 -11.71 -39.29
C ALA A 65 -25.71 -11.11 -38.99
N ASP A 66 -26.73 -11.94 -38.72
CA ASP A 66 -28.12 -11.48 -38.54
C ASP A 66 -28.49 -11.57 -37.05
N TRP A 67 -28.43 -10.45 -36.33
CA TRP A 67 -28.74 -10.42 -34.87
C TRP A 67 -30.17 -10.91 -34.61
N ARG A 68 -31.12 -10.70 -35.52
CA ARG A 68 -32.54 -11.11 -35.27
C ARG A 68 -32.65 -12.63 -35.29
N GLU A 69 -31.71 -13.31 -35.95
CA GLU A 69 -31.67 -14.79 -35.94
C GLU A 69 -31.41 -15.25 -34.51
N ALA A 70 -30.51 -14.56 -33.81
CA ALA A 70 -30.09 -14.92 -32.44
C ALA A 70 -31.29 -14.79 -31.49
N VAL A 71 -32.13 -13.77 -31.66
CA VAL A 71 -33.24 -13.48 -30.70
C VAL A 71 -34.49 -14.31 -31.06
N SER A 72 -34.57 -14.89 -32.26
CA SER A 72 -35.79 -15.57 -32.79
C SER A 72 -35.65 -17.09 -32.82
N ASP A 73 -34.47 -17.66 -32.60
CA ASP A 73 -34.25 -19.13 -32.72
C ASP A 73 -35.02 -19.83 -31.60
N PRO A 74 -35.88 -20.85 -31.91
CA PRO A 74 -36.63 -21.56 -30.87
C PRO A 74 -35.77 -22.25 -29.79
N ALA A 75 -34.52 -22.57 -30.11
CA ALA A 75 -33.59 -23.28 -29.19
C ALA A 75 -32.94 -22.28 -28.23
N VAL A 76 -33.18 -20.99 -28.41
CA VAL A 76 -32.64 -19.90 -27.53
C VAL A 76 -33.67 -19.57 -26.45
N ASP A 77 -33.24 -19.54 -25.19
CA ASP A 77 -34.08 -19.14 -24.03
C ASP A 77 -33.65 -17.75 -23.54
N VAL A 78 -32.37 -17.39 -23.69
CA VAL A 78 -31.80 -16.15 -23.12
C VAL A 78 -30.81 -15.54 -24.11
N VAL A 79 -30.81 -14.21 -24.21
CA VAL A 79 -29.94 -13.44 -25.14
C VAL A 79 -29.06 -12.50 -24.33
N SER A 80 -27.74 -12.65 -24.47
CA SER A 80 -26.71 -11.66 -24.06
C SER A 80 -26.63 -10.60 -25.16
N ILE A 81 -26.82 -9.32 -24.82
CA ILE A 81 -26.76 -8.20 -25.79
C ILE A 81 -25.60 -7.28 -25.39
N THR A 82 -24.53 -7.22 -26.20
CA THR A 82 -23.25 -6.50 -25.88
C THR A 82 -22.81 -5.62 -27.05
N THR A 83 -23.77 -5.16 -27.83
CA THR A 83 -23.53 -4.29 -29.01
C THR A 83 -23.42 -2.85 -28.53
N PRO A 84 -23.07 -1.90 -29.41
CA PRO A 84 -22.96 -0.50 -29.03
C PRO A 84 -24.29 0.01 -28.45
N ASN A 85 -24.18 0.97 -27.53
CA ASN A 85 -25.29 1.56 -26.74
C ASN A 85 -26.50 1.88 -27.66
N GLY A 86 -26.24 2.35 -28.88
CA GLY A 86 -27.25 2.90 -29.81
C GLY A 86 -28.29 1.88 -30.26
N LEU A 87 -28.01 0.57 -30.21
CA LEU A 87 -29.01 -0.42 -30.69
C LEU A 87 -29.51 -1.31 -29.55
N HIS A 88 -29.20 -0.98 -28.29
CA HIS A 88 -29.69 -1.73 -27.09
C HIS A 88 -31.22 -1.79 -27.08
N ARG A 89 -31.90 -0.65 -27.27
CA ARG A 89 -33.38 -0.61 -27.16
C ARG A 89 -33.99 -1.54 -28.21
N GLU A 90 -33.58 -1.41 -29.47
CA GLU A 90 -34.16 -2.20 -30.59
C GLU A 90 -33.99 -3.70 -30.30
N MET A 91 -32.78 -4.12 -29.92
CA MET A 91 -32.44 -5.56 -29.78
C MET A 91 -33.12 -6.13 -28.53
N ALA A 92 -33.09 -5.40 -27.41
CA ALA A 92 -33.73 -5.84 -26.13
C ALA A 92 -35.23 -6.03 -26.34
N GLU A 93 -35.92 -5.06 -26.95
CA GLU A 93 -37.39 -5.13 -27.17
C GLU A 93 -37.72 -6.31 -28.10
N ALA A 94 -36.93 -6.52 -29.14
CA ALA A 94 -37.13 -7.63 -30.10
C ALA A 94 -36.97 -8.97 -29.37
N ALA A 95 -35.99 -9.07 -28.47
CA ALA A 95 -35.71 -10.31 -27.70
C ALA A 95 -36.88 -10.57 -26.75
N LEU A 96 -37.38 -9.56 -26.05
CA LEU A 96 -38.52 -9.69 -25.11
C LEU A 96 -39.79 -10.07 -25.88
N ALA A 97 -40.03 -9.43 -27.04
CA ALA A 97 -41.20 -9.69 -27.91
C ALA A 97 -41.15 -11.14 -28.43
N ALA A 98 -39.95 -11.72 -28.57
CA ALA A 98 -39.73 -13.11 -29.03
C ALA A 98 -39.83 -14.09 -27.85
N GLY A 99 -40.04 -13.58 -26.63
CA GLY A 99 -40.22 -14.41 -25.42
C GLY A 99 -38.91 -14.88 -24.84
N LYS A 100 -37.81 -14.14 -25.04
CA LYS A 100 -36.48 -14.51 -24.50
C LYS A 100 -36.20 -13.70 -23.23
N HIS A 101 -35.50 -14.31 -22.28
CA HIS A 101 -34.87 -13.60 -21.14
C HIS A 101 -33.72 -12.77 -21.71
N VAL A 102 -33.35 -11.67 -21.05
CA VAL A 102 -32.35 -10.72 -21.62
C VAL A 102 -31.30 -10.37 -20.57
N TRP A 103 -30.04 -10.53 -20.95
CA TRP A 103 -28.84 -10.05 -20.24
C TRP A 103 -28.28 -8.88 -21.05
N LEU A 104 -28.62 -7.66 -20.65
CA LEU A 104 -28.29 -6.46 -21.47
C LEU A 104 -27.10 -5.75 -20.83
N GLU A 105 -26.05 -5.52 -21.61
CA GLU A 105 -24.90 -4.70 -21.15
C GLU A 105 -25.39 -3.29 -20.85
N LYS A 106 -24.81 -2.65 -19.84
CA LYS A 106 -25.09 -1.22 -19.53
C LYS A 106 -24.54 -0.37 -20.67
N PRO A 107 -25.10 0.86 -20.87
CA PRO A 107 -26.30 1.29 -20.17
C PRO A 107 -27.50 0.73 -20.93
N MET A 108 -28.71 0.89 -20.39
CA MET A 108 -29.95 0.38 -21.01
C MET A 108 -30.11 0.95 -22.43
N ALA A 109 -29.98 2.27 -22.58
CA ALA A 109 -30.12 2.98 -23.87
C ALA A 109 -29.44 4.35 -23.75
N LEU A 110 -29.60 5.22 -24.76
CA LEU A 110 -28.93 6.55 -24.80
C LEU A 110 -29.75 7.59 -24.04
N SER A 111 -31.06 7.38 -23.89
CA SER A 111 -31.99 8.37 -23.25
C SER A 111 -32.85 7.68 -22.21
N VAL A 112 -33.36 8.46 -21.25
CA VAL A 112 -34.37 8.00 -20.26
C VAL A 112 -35.61 7.53 -21.03
N GLU A 113 -36.03 8.26 -22.07
CA GLU A 113 -37.26 7.93 -22.83
C GLU A 113 -37.12 6.51 -23.42
N ASP A 114 -35.97 6.15 -24.00
CA ASP A 114 -35.77 4.79 -24.56
C ASP A 114 -35.77 3.77 -23.41
N ALA A 115 -35.14 4.08 -22.29
CA ALA A 115 -35.07 3.18 -21.11
C ALA A 115 -36.48 2.96 -20.54
N GLN A 116 -37.33 4.00 -20.53
CA GLN A 116 -38.73 3.91 -20.02
C GLN A 116 -39.53 2.92 -20.90
N ALA A 117 -39.37 3.01 -22.22
CA ALA A 117 -40.06 2.13 -23.19
C ALA A 117 -39.63 0.68 -22.96
N MET A 118 -38.33 0.45 -22.74
CA MET A 118 -37.76 -0.91 -22.51
C MET A 118 -38.31 -1.44 -21.18
N GLU A 119 -38.39 -0.59 -20.17
CA GLU A 119 -38.87 -0.98 -18.82
C GLU A 119 -40.31 -1.51 -18.93
N ALA A 120 -41.16 -0.81 -19.69
CA ALA A 120 -42.57 -1.20 -19.91
C ALA A 120 -42.64 -2.52 -20.69
N ALA A 121 -41.78 -2.68 -21.71
CA ALA A 121 -41.71 -3.90 -22.55
C ALA A 121 -41.32 -5.12 -21.71
N ALA A 122 -40.42 -4.95 -20.73
CA ALA A 122 -39.95 -6.05 -19.87
C ALA A 122 -41.10 -6.50 -18.96
N ARG A 123 -41.85 -5.55 -18.38
CA ARG A 123 -43.01 -5.88 -17.50
C ARG A 123 -44.04 -6.68 -18.31
N ALA A 124 -44.33 -6.25 -19.55
CA ALA A 124 -45.32 -6.88 -20.45
C ALA A 124 -44.90 -8.31 -20.84
N SER A 125 -43.60 -8.59 -20.93
CA SER A 125 -43.05 -9.84 -21.52
C SER A 125 -43.13 -11.01 -20.55
N ASP A 126 -43.13 -10.74 -19.23
CA ASP A 126 -43.00 -11.77 -18.16
C ASP A 126 -41.73 -12.60 -18.37
N ARG A 127 -40.67 -11.98 -18.88
N ARG A 127 -40.67 -11.98 -18.87
CA ARG A 127 -39.33 -12.60 -19.05
CA ARG A 127 -39.33 -12.60 -19.04
C ARG A 127 -38.38 -11.94 -18.03
C ARG A 127 -38.38 -11.94 -18.03
N ARG A 128 -37.35 -12.66 -17.60
CA ARG A 128 -36.33 -12.13 -16.66
C ARG A 128 -35.41 -11.20 -17.45
N THR A 129 -34.99 -10.10 -16.81
CA THR A 129 -33.98 -9.17 -17.34
C THR A 129 -32.94 -8.90 -16.26
N ILE A 130 -31.70 -8.70 -16.67
CA ILE A 130 -30.61 -8.18 -15.80
C ILE A 130 -29.73 -7.27 -16.65
N ILE A 131 -29.20 -6.21 -16.05
CA ILE A 131 -28.24 -5.29 -16.72
C ILE A 131 -26.82 -5.59 -16.20
N GLY A 132 -25.82 -5.55 -17.09
CA GLY A 132 -24.45 -6.05 -16.86
C GLY A 132 -23.57 -5.17 -15.99
N TYR A 133 -23.99 -4.91 -14.74
CA TYR A 133 -23.24 -4.08 -13.76
C TYR A 133 -22.27 -4.98 -13.00
N ASN A 134 -21.17 -5.36 -13.63
CA ASN A 134 -20.37 -6.49 -13.12
C ASN A 134 -19.57 -6.08 -11.88
N TYR A 135 -19.41 -4.80 -11.56
CA TYR A 135 -18.64 -4.39 -10.34
C TYR A 135 -19.47 -4.63 -9.08
N THR A 136 -20.76 -4.98 -9.22
CA THR A 136 -21.61 -5.40 -8.08
C THR A 136 -21.44 -6.89 -7.78
N ARG A 137 -20.59 -7.63 -8.52
CA ARG A 137 -20.54 -9.11 -8.44
C ARG A 137 -19.27 -9.62 -7.74
N SER A 138 -18.29 -8.77 -7.44
CA SER A 138 -17.04 -9.22 -6.79
C SER A 138 -17.38 -9.77 -5.41
N PRO A 139 -16.67 -10.82 -4.95
CA PRO A 139 -16.82 -11.28 -3.57
C PRO A 139 -16.63 -10.13 -2.56
N ALA A 140 -15.66 -9.24 -2.81
CA ALA A 140 -15.36 -8.12 -1.89
C ALA A 140 -16.57 -7.20 -1.78
N PHE A 141 -17.17 -6.85 -2.92
CA PHE A 141 -18.33 -5.92 -2.92
C PHE A 141 -19.52 -6.57 -2.22
N ARG A 142 -19.83 -7.81 -2.58
CA ARG A 142 -20.98 -8.53 -1.99
C ARG A 142 -20.73 -8.71 -0.49
N ALA A 143 -19.48 -8.96 -0.08
CA ALA A 143 -19.09 -9.08 1.35
C ALA A 143 -19.35 -7.76 2.06
N ALA A 144 -19.04 -6.63 1.41
CA ALA A 144 -19.22 -5.28 1.98
C ALA A 144 -20.72 -5.01 2.20
N VAL A 145 -21.55 -5.36 1.23
CA VAL A 145 -23.02 -5.14 1.35
C VAL A 145 -23.51 -5.94 2.54
N ASP A 146 -23.05 -7.18 2.70
CA ASP A 146 -23.50 -8.06 3.82
C ASP A 146 -23.01 -7.48 5.14
N LEU A 147 -21.77 -7.00 5.21
CA LEU A 147 -21.22 -6.39 6.45
C LEU A 147 -22.08 -5.18 6.84
N ILE A 148 -22.46 -4.33 5.88
CA ILE A 148 -23.33 -3.16 6.19
C ILE A 148 -24.67 -3.65 6.71
N ALA A 149 -25.26 -4.66 6.07
CA ALA A 149 -26.59 -5.23 6.44
C ALA A 149 -26.52 -5.79 7.87
N GLU A 150 -25.37 -6.32 8.28
CA GLU A 150 -25.17 -6.96 9.61
C GLU A 150 -24.77 -5.94 10.68
N GLY A 151 -24.65 -4.66 10.34
CA GLY A 151 -24.37 -3.58 11.30
C GLY A 151 -22.89 -3.44 11.62
N ALA A 152 -22.01 -4.00 10.79
CA ALA A 152 -20.55 -4.01 11.01
C ALA A 152 -19.98 -2.59 11.15
N ILE A 153 -20.60 -1.59 10.49
CA ILE A 153 -20.13 -0.17 10.57
C ILE A 153 -21.24 0.72 11.12
N GLY A 154 -22.25 0.14 11.76
CA GLY A 154 -23.39 0.92 12.30
C GLY A 154 -24.23 1.52 11.19
N ARG A 155 -24.68 2.76 11.37
CA ARG A 155 -25.50 3.51 10.39
C ARG A 155 -24.58 4.23 9.42
N PRO A 156 -24.70 4.05 8.08
CA PRO A 156 -23.93 4.87 7.14
C PRO A 156 -24.23 6.36 7.33
N ILE A 157 -23.18 7.19 7.37
CA ILE A 157 -23.30 8.67 7.53
C ILE A 157 -22.72 9.40 6.32
N HIS A 158 -21.90 8.74 5.49
CA HIS A 158 -21.32 9.39 4.29
C HIS A 158 -20.88 8.35 3.28
N PHE A 159 -21.10 8.62 2.00
CA PHE A 159 -20.57 7.85 0.87
C PHE A 159 -19.63 8.75 0.08
N ARG A 160 -18.47 8.22 -0.31
CA ARG A 160 -17.58 8.90 -1.28
C ARG A 160 -17.12 7.87 -2.31
N GLY A 161 -17.44 8.14 -3.58
CA GLY A 161 -17.15 7.21 -4.69
C GLY A 161 -16.54 7.94 -5.86
N MET A 162 -15.67 7.26 -6.59
CA MET A 162 -15.06 7.78 -7.84
C MET A 162 -14.96 6.63 -8.84
N TYR A 163 -14.89 6.96 -10.12
CA TYR A 163 -14.53 5.98 -11.16
C TYR A 163 -13.67 6.71 -12.19
N ASP A 164 -12.36 6.59 -12.03
CA ASP A 164 -11.34 7.23 -12.88
C ASP A 164 -10.76 6.20 -13.84
N GLU A 165 -10.75 6.52 -15.13
CA GLU A 165 -9.95 5.83 -16.17
C GLU A 165 -9.34 6.90 -17.08
N ASP A 166 -8.39 6.53 -17.93
CA ASP A 166 -7.68 7.53 -18.78
C ASP A 166 -7.77 7.13 -20.27
N TYR A 167 -8.75 6.31 -20.67
CA TYR A 167 -8.82 5.81 -22.07
C TYR A 167 -9.04 6.95 -23.07
N MET A 168 -9.53 8.13 -22.67
CA MET A 168 -9.71 9.29 -23.59
C MET A 168 -8.72 10.41 -23.28
N ALA A 169 -7.72 10.19 -22.43
CA ALA A 169 -6.79 11.26 -21.99
C ALA A 169 -5.98 11.79 -23.18
N ASP A 170 -5.64 10.93 -24.15
CA ASP A 170 -4.84 11.29 -25.35
C ASP A 170 -5.68 12.20 -26.25
N PRO A 171 -5.31 13.49 -26.42
CA PRO A 171 -6.11 14.40 -27.24
C PRO A 171 -6.09 14.05 -28.74
N ASP A 172 -5.15 13.20 -29.18
CA ASP A 172 -5.02 12.76 -30.59
C ASP A 172 -5.96 11.60 -30.91
N LEU A 173 -6.53 10.92 -29.90
CA LEU A 173 -7.51 9.84 -30.17
C LEU A 173 -8.63 10.42 -31.01
N PRO A 174 -8.98 9.78 -32.15
CA PRO A 174 -9.95 10.36 -33.07
C PRO A 174 -11.35 10.48 -32.49
N TRP A 175 -12.10 11.44 -33.06
CA TRP A 175 -13.55 11.64 -32.81
C TRP A 175 -14.30 10.37 -33.20
N SER A 176 -15.45 10.13 -32.57
CA SER A 176 -16.36 9.01 -32.91
C SER A 176 -17.80 9.41 -32.61
N TRP A 177 -18.74 8.62 -33.14
CA TRP A 177 -20.20 8.77 -32.89
C TRP A 177 -20.50 8.77 -31.38
N ALA A 178 -19.71 8.04 -30.61
CA ALA A 178 -19.89 7.90 -29.14
C ALA A 178 -19.70 9.26 -28.45
N LEU A 179 -19.09 10.24 -29.12
CA LEU A 179 -18.80 11.58 -28.55
C LEU A 179 -19.87 12.61 -28.97
N THR A 180 -20.96 12.17 -29.60
CA THR A 180 -22.14 13.03 -29.88
C THR A 180 -23.24 12.70 -28.88
N ARG A 181 -24.08 13.69 -28.55
CA ARG A 181 -25.27 13.51 -27.68
C ARG A 181 -26.24 12.55 -28.38
N LYS A 182 -26.54 12.79 -29.65
CA LYS A 182 -27.60 12.06 -30.39
C LYS A 182 -27.24 10.56 -30.50
N ASP A 183 -25.98 10.24 -30.83
CA ASP A 183 -25.59 8.84 -31.18
C ASP A 183 -24.75 8.20 -30.07
N GLY A 184 -24.25 8.98 -29.12
CA GLY A 184 -23.38 8.47 -28.03
C GLY A 184 -24.01 8.60 -26.66
N GLY A 185 -25.04 9.45 -26.51
CA GLY A 185 -25.65 9.76 -25.20
C GLY A 185 -24.66 10.47 -24.30
N LEU A 186 -24.60 10.09 -23.03
CA LEU A 186 -23.68 10.70 -22.04
C LEU A 186 -22.25 10.24 -22.30
N GLY A 187 -21.27 10.98 -21.78
CA GLY A 187 -19.85 10.65 -21.90
C GLY A 187 -19.39 9.79 -20.73
N ALA A 188 -18.54 10.34 -19.88
CA ALA A 188 -18.00 9.66 -18.68
C ALA A 188 -19.16 9.16 -17.79
N LEU A 189 -20.26 9.90 -17.69
CA LEU A 189 -21.42 9.47 -16.85
C LEU A 189 -22.01 8.17 -17.42
N GLY A 190 -22.05 8.02 -18.74
CA GLY A 190 -22.61 6.84 -19.43
C GLY A 190 -21.70 5.64 -19.37
N ASP A 191 -20.38 5.84 -19.54
N ASP A 191 -20.39 5.83 -19.55
CA ASP A 191 -19.38 4.75 -19.60
CA ASP A 191 -19.41 4.72 -19.60
C ASP A 191 -19.02 4.27 -18.19
C ASP A 191 -19.06 4.27 -18.18
N LEU A 192 -18.85 5.21 -17.26
CA LEU A 192 -18.31 4.95 -15.90
C LEU A 192 -19.32 5.33 -14.82
N GLY A 193 -19.95 6.50 -14.94
CA GLY A 193 -20.88 7.01 -13.91
C GLY A 193 -21.92 5.96 -13.54
N CYS A 194 -22.54 5.31 -14.53
CA CYS A 194 -23.64 4.33 -14.27
C CYS A 194 -23.10 3.16 -13.44
N HIS A 195 -21.85 2.70 -13.68
CA HIS A 195 -21.22 1.65 -12.84
C HIS A 195 -21.15 2.12 -11.38
N LEU A 196 -20.68 3.35 -11.17
CA LEU A 196 -20.54 3.88 -9.79
C LEU A 196 -21.94 4.00 -9.15
N VAL A 197 -22.96 4.41 -9.91
CA VAL A 197 -24.33 4.48 -9.35
C VAL A 197 -24.76 3.07 -8.91
N SER A 198 -24.52 2.04 -9.73
CA SER A 198 -24.96 0.65 -9.42
C SER A 198 -24.38 0.20 -8.07
N VAL A 199 -23.11 0.52 -7.83
CA VAL A 199 -22.39 0.18 -6.57
C VAL A 199 -22.94 1.06 -5.45
N MET A 200 -23.05 2.36 -5.70
CA MET A 200 -23.45 3.37 -4.69
C MET A 200 -24.85 3.06 -4.13
N VAL A 201 -25.85 2.82 -4.98
CA VAL A 201 -27.25 2.59 -4.50
C VAL A 201 -27.35 1.21 -3.84
N SER A 202 -26.51 0.25 -4.22
CA SER A 202 -26.43 -1.08 -3.55
C SER A 202 -25.96 -0.89 -2.11
N LEU A 203 -25.09 0.09 -1.85
CA LEU A 203 -24.49 0.34 -0.51
C LEU A 203 -25.39 1.26 0.32
N MET A 204 -25.96 2.30 -0.29
CA MET A 204 -26.57 3.46 0.43
C MET A 204 -28.07 3.54 0.23
N GLY A 205 -28.64 2.72 -0.65
CA GLY A 205 -30.07 2.82 -1.01
C GLY A 205 -30.28 3.89 -2.07
N PRO A 206 -31.55 4.18 -2.43
CA PRO A 206 -31.85 5.07 -3.55
C PRO A 206 -31.37 6.52 -3.37
N VAL A 207 -31.13 7.19 -4.49
CA VAL A 207 -30.75 8.63 -4.55
C VAL A 207 -32.04 9.47 -4.53
N ALA A 208 -32.07 10.53 -3.71
CA ALA A 208 -33.20 11.48 -3.59
C ALA A 208 -32.88 12.79 -4.33
N ARG A 209 -31.62 13.23 -4.32
CA ARG A 209 -31.23 14.55 -4.89
C ARG A 209 -29.77 14.46 -5.36
N VAL A 210 -29.48 15.12 -6.47
CA VAL A 210 -28.09 15.34 -6.95
C VAL A 210 -27.90 16.83 -7.25
N TYR A 211 -26.70 17.32 -7.02
CA TYR A 211 -26.21 18.60 -7.59
C TYR A 211 -24.88 18.28 -8.25
N ALA A 212 -24.75 18.54 -9.56
CA ALA A 212 -23.58 18.08 -10.33
C ALA A 212 -22.94 19.22 -11.13
N GLN A 213 -21.67 19.01 -11.46
CA GLN A 213 -20.90 19.83 -12.41
C GLN A 213 -20.21 18.86 -13.36
N ALA A 214 -19.87 19.32 -14.55
CA ALA A 214 -19.18 18.48 -15.55
C ALA A 214 -18.22 19.34 -16.36
N ASP A 215 -17.28 18.69 -17.02
CA ASP A 215 -16.30 19.38 -17.89
C ASP A 215 -16.01 18.50 -19.10
N THR A 216 -15.73 19.16 -20.21
CA THR A 216 -15.07 18.55 -21.39
C THR A 216 -13.68 19.17 -21.47
N VAL A 217 -12.66 18.34 -21.23
CA VAL A 217 -11.23 18.75 -21.18
C VAL A 217 -10.69 18.84 -22.61
N ILE A 218 -11.00 17.84 -23.42
CA ILE A 218 -10.61 17.79 -24.87
C ILE A 218 -11.89 18.00 -25.68
N THR A 219 -12.09 19.23 -26.16
CA THR A 219 -13.38 19.74 -26.69
C THR A 219 -13.54 19.39 -28.17
N ASP A 220 -12.43 19.13 -28.88
CA ASP A 220 -12.42 18.79 -30.32
C ASP A 220 -11.37 17.71 -30.57
N ARG A 221 -11.62 16.85 -31.56
CA ARG A 221 -10.71 15.72 -31.87
C ARG A 221 -10.56 15.55 -33.38
N PRO A 222 -9.44 14.93 -33.81
CA PRO A 222 -9.21 14.64 -35.23
C PRO A 222 -10.37 13.83 -35.84
N HIS A 223 -10.81 14.24 -37.03
CA HIS A 223 -11.87 13.56 -37.82
C HIS A 223 -11.60 13.70 -39.31
N GLN A 224 -11.08 12.64 -39.94
CA GLN A 224 -10.90 12.49 -41.40
C GLN A 224 -10.22 13.74 -41.99
N GLY A 225 -9.06 14.13 -41.44
CA GLY A 225 -8.23 15.24 -41.94
C GLY A 225 -8.64 16.59 -41.38
N GLY A 226 -9.81 16.65 -40.73
CA GLY A 226 -10.31 17.85 -40.03
C GLY A 226 -10.46 17.58 -38.54
N THR A 227 -11.44 18.20 -37.90
CA THR A 227 -11.77 17.96 -36.47
C THR A 227 -13.28 18.08 -36.28
N ALA A 228 -13.80 17.43 -35.24
CA ALA A 228 -15.22 17.48 -34.87
C ALA A 228 -15.32 17.68 -33.36
N ARG A 229 -16.42 18.32 -32.93
CA ARG A 229 -16.59 18.73 -31.52
C ARG A 229 -17.00 17.52 -30.67
N VAL A 230 -16.40 17.40 -29.49
CA VAL A 230 -16.80 16.42 -28.45
C VAL A 230 -17.98 17.03 -27.70
N GLU A 231 -19.15 16.38 -27.77
CA GLU A 231 -20.42 16.99 -27.28
C GLU A 231 -20.78 16.50 -25.87
N ASN A 232 -20.13 15.46 -25.36
CA ASN A 232 -20.44 14.94 -24.00
C ASN A 232 -19.22 15.08 -23.09
N GLU A 233 -19.43 14.87 -21.78
CA GLU A 233 -18.49 15.24 -20.70
C GLU A 233 -17.34 14.24 -20.61
N ASP A 234 -16.14 14.73 -20.30
CA ASP A 234 -14.95 13.89 -20.00
C ASP A 234 -14.93 13.55 -18.51
N GLN A 235 -15.54 14.38 -17.67
CA GLN A 235 -15.55 14.16 -16.21
C GLN A 235 -16.78 14.86 -15.61
N ALA A 236 -17.24 14.35 -14.48
CA ALA A 236 -18.39 14.92 -13.75
C ALA A 236 -18.25 14.62 -12.28
N GLN A 237 -18.74 15.53 -11.45
CA GLN A 237 -18.78 15.36 -9.98
C GLN A 237 -20.18 15.74 -9.49
N ALA A 238 -20.61 15.13 -8.40
CA ALA A 238 -21.94 15.43 -7.81
C ALA A 238 -21.90 15.28 -6.30
N LEU A 239 -22.67 16.11 -5.61
CA LEU A 239 -23.07 15.87 -4.20
C LEU A 239 -24.43 15.16 -4.21
N ILE A 240 -24.58 14.18 -3.33
CA ILE A 240 -25.76 13.27 -3.30
C ILE A 240 -26.49 13.49 -1.97
N ARG A 241 -27.81 13.48 -2.01
CA ARG A 241 -28.64 13.18 -0.82
C ARG A 241 -29.41 11.90 -1.13
N PHE A 242 -29.21 10.88 -0.31
CA PHE A 242 -29.93 9.58 -0.43
C PHE A 242 -31.32 9.74 0.15
N ALA A 243 -32.22 8.83 -0.19
CA ALA A 243 -33.60 8.77 0.35
C ALA A 243 -33.55 8.67 1.87
N SER A 244 -32.47 8.09 2.42
CA SER A 244 -32.18 8.00 3.88
C SER A 244 -31.89 9.38 4.49
N GLY A 245 -31.55 10.38 3.67
CA GLY A 245 -31.12 11.72 4.12
C GLY A 245 -29.60 11.82 4.24
N THR A 246 -28.90 10.70 4.07
CA THR A 246 -27.42 10.60 4.18
C THR A 246 -26.78 11.34 3.00
N SER A 247 -25.56 11.83 3.19
CA SER A 247 -24.76 12.59 2.19
C SER A 247 -23.93 11.64 1.33
N GLY A 248 -23.58 12.08 0.13
CA GLY A 248 -22.68 11.37 -0.78
C GLY A 248 -21.84 12.32 -1.61
N GLU A 249 -20.65 11.87 -1.98
CA GLU A 249 -19.76 12.50 -2.98
C GLU A 249 -19.57 11.49 -4.10
N PHE A 250 -19.59 11.96 -5.34
CA PHE A 250 -19.61 11.11 -6.54
C PHE A 250 -18.78 11.79 -7.62
N SER A 251 -17.96 11.03 -8.34
CA SER A 251 -17.26 11.56 -9.54
C SER A 251 -17.00 10.43 -10.52
N CYS A 252 -16.80 10.80 -11.77
CA CYS A 252 -16.25 9.87 -12.79
C CYS A 252 -15.41 10.68 -13.77
N SER A 253 -14.47 10.03 -14.43
CA SER A 253 -13.59 10.68 -15.43
C SER A 253 -13.05 9.64 -16.40
N ARG A 254 -13.03 9.99 -17.68
CA ARG A 254 -12.38 9.15 -18.73
C ARG A 254 -11.05 9.79 -19.15
N VAL A 255 -10.56 10.79 -18.41
CA VAL A 255 -9.30 11.52 -18.76
C VAL A 255 -8.38 11.63 -17.55
N ALA A 256 -8.56 10.78 -16.53
CA ALA A 256 -7.79 10.82 -15.27
C ALA A 256 -6.51 9.99 -15.45
N ARG A 257 -5.41 10.67 -15.79
CA ARG A 257 -4.15 10.00 -16.23
C ARG A 257 -3.59 9.07 -15.16
N GLY A 258 -3.26 7.83 -15.54
CA GLY A 258 -2.63 6.82 -14.67
C GLY A 258 -3.62 5.80 -14.14
N TYR A 259 -4.93 6.09 -14.23
CA TYR A 259 -6.01 5.21 -13.72
C TYR A 259 -6.57 4.39 -14.88
N ARG A 260 -6.77 3.09 -14.65
CA ARG A 260 -7.19 2.13 -15.70
C ARG A 260 -8.56 1.55 -15.38
N CYS A 261 -8.85 1.34 -14.09
CA CYS A 261 -10.16 0.79 -13.67
C CYS A 261 -10.42 1.20 -12.21
N ARG A 262 -10.24 2.48 -11.91
CA ARG A 262 -10.21 2.98 -10.52
C ARG A 262 -11.65 3.34 -10.09
N LEU A 263 -12.51 2.32 -10.02
CA LEU A 263 -13.81 2.40 -9.33
C LEU A 263 -13.50 2.20 -7.85
N ALA A 264 -13.51 3.28 -7.08
CA ALA A 264 -13.10 3.26 -5.67
C ALA A 264 -14.20 3.91 -4.84
N TRP A 265 -14.53 3.32 -3.70
CA TRP A 265 -15.62 3.88 -2.88
C TRP A 265 -15.35 3.63 -1.41
N GLU A 266 -16.09 4.34 -0.60
CA GLU A 266 -15.94 4.28 0.87
C GLU A 266 -17.29 4.61 1.49
N VAL A 267 -17.69 3.81 2.47
CA VAL A 267 -18.90 4.08 3.30
C VAL A 267 -18.40 4.35 4.71
N GLN A 268 -18.62 5.56 5.19
CA GLN A 268 -18.31 5.95 6.59
C GLN A 268 -19.58 5.76 7.41
N GLY A 269 -19.49 5.06 8.52
CA GLY A 269 -20.64 4.78 9.39
C GLY A 269 -20.40 5.28 10.81
N THR A 270 -21.42 5.18 11.66
CA THR A 270 -21.34 5.57 13.08
C THR A 270 -20.38 4.65 13.84
N GLU A 271 -20.17 3.41 13.37
CA GLU A 271 -19.37 2.40 14.11
C GLU A 271 -18.32 1.75 13.22
N GLY A 272 -17.95 2.39 12.11
CA GLY A 272 -16.83 1.88 11.31
C GLY A 272 -16.80 2.48 9.92
N THR A 273 -15.83 2.03 9.12
CA THR A 273 -15.63 2.50 7.73
C THR A 273 -15.30 1.30 6.85
N LEU A 274 -15.87 1.26 5.64
CA LEU A 274 -15.51 0.27 4.60
C LEU A 274 -14.93 1.04 3.40
N ARG A 275 -13.86 0.52 2.82
CA ARG A 275 -13.16 1.20 1.69
C ARG A 275 -12.70 0.15 0.68
N PHE A 276 -12.81 0.47 -0.61
CA PHE A 276 -12.55 -0.48 -1.71
C PHE A 276 -12.05 0.27 -2.94
N ASP A 277 -11.16 -0.39 -3.68
CA ASP A 277 -10.64 0.10 -4.99
C ASP A 277 -10.59 -1.09 -5.95
N GLN A 278 -11.34 -1.03 -7.04
CA GLN A 278 -11.48 -2.11 -8.05
C GLN A 278 -10.11 -2.47 -8.65
N GLU A 279 -9.14 -1.56 -8.68
CA GLU A 279 -7.78 -1.86 -9.22
C GLU A 279 -7.08 -2.89 -8.31
N ARG A 280 -7.53 -3.01 -7.06
CA ARG A 280 -7.13 -4.08 -6.12
C ARG A 280 -8.39 -4.80 -5.64
N MET A 281 -9.09 -5.47 -6.54
CA MET A 281 -10.49 -5.93 -6.30
C MET A 281 -10.53 -7.05 -5.26
N ASN A 282 -9.38 -7.57 -4.80
CA ASN A 282 -9.35 -8.67 -3.80
C ASN A 282 -9.15 -8.13 -2.39
N GLU A 283 -9.18 -6.80 -2.19
CA GLU A 283 -8.98 -6.22 -0.84
C GLU A 283 -10.18 -5.37 -0.45
N LEU A 284 -10.66 -5.59 0.77
CA LEU A 284 -11.73 -4.77 1.38
C LEU A 284 -11.19 -4.26 2.71
N TRP A 285 -11.18 -2.94 2.91
CA TRP A 285 -10.65 -2.34 4.14
C TRP A 285 -11.80 -2.08 5.11
N LEU A 286 -11.72 -2.64 6.32
CA LEU A 286 -12.78 -2.48 7.33
C LEU A 286 -12.17 -1.91 8.60
N TYR A 287 -12.64 -0.73 9.01
CA TYR A 287 -12.32 -0.19 10.36
C TYR A 287 -13.53 -0.37 11.26
N GLN A 288 -13.28 -0.92 12.46
CA GLN A 288 -14.23 -0.93 13.58
C GLN A 288 -13.46 -0.52 14.84
N PRO A 289 -14.09 0.22 15.77
CA PRO A 289 -13.40 0.61 17.00
C PRO A 289 -12.77 -0.62 17.67
N GLY A 290 -11.53 -0.46 18.12
CA GLY A 290 -10.75 -1.51 18.80
C GLY A 290 -10.01 -0.93 19.97
N ARG A 291 -9.42 -1.76 20.82
CA ARG A 291 -8.68 -1.21 21.98
C ARG A 291 -7.48 -0.46 21.44
N PRO A 292 -7.06 0.63 22.11
CA PRO A 292 -6.07 1.56 21.57
C PRO A 292 -4.76 0.91 21.09
N GLU A 293 -4.33 -0.17 21.72
CA GLU A 293 -3.02 -0.83 21.41
C GLU A 293 -3.06 -1.50 20.03
N ILE A 294 -4.22 -1.93 19.53
CA ILE A 294 -4.28 -2.69 18.24
C ILE A 294 -5.23 -2.04 17.24
N ASP A 295 -5.68 -0.81 17.52
CA ASP A 295 -6.75 -0.14 16.75
C ASP A 295 -6.26 0.17 15.34
N GLY A 296 -7.06 -0.13 14.32
CA GLY A 296 -6.72 0.20 12.93
C GLY A 296 -7.56 -0.56 11.92
N PHE A 297 -7.52 -0.10 10.66
CA PHE A 297 -8.21 -0.77 9.54
C PHE A 297 -7.68 -2.20 9.36
N ARG A 298 -8.57 -3.13 9.06
CA ARG A 298 -8.23 -4.52 8.66
C ARG A 298 -8.20 -4.58 7.14
N ARG A 299 -7.18 -5.25 6.59
CA ARG A 299 -7.11 -5.64 5.16
C ARG A 299 -7.77 -7.01 5.04
N ILE A 300 -9.01 -7.07 4.55
CA ILE A 300 -9.70 -8.37 4.31
C ILE A 300 -9.33 -8.83 2.89
N LEU A 301 -8.57 -9.90 2.78
CA LEU A 301 -8.15 -10.46 1.47
C LEU A 301 -9.24 -11.44 1.03
N THR A 302 -9.69 -11.34 -0.23
CA THR A 302 -10.80 -12.15 -0.77
C THR A 302 -10.48 -13.64 -0.63
N GLY A 303 -11.48 -14.42 -0.21
CA GLY A 303 -11.39 -15.87 -0.03
C GLY A 303 -12.78 -16.48 0.16
N PRO A 304 -12.84 -17.78 0.51
CA PRO A 304 -14.11 -18.50 0.52
C PRO A 304 -15.15 -18.05 1.56
N ALA A 305 -14.82 -17.16 2.49
CA ALA A 305 -15.81 -16.55 3.41
C ALA A 305 -16.69 -15.56 2.67
N GLN A 306 -16.30 -15.11 1.47
CA GLN A 306 -17.00 -14.03 0.74
C GLN A 306 -17.91 -14.64 -0.31
N PRO A 307 -19.07 -14.00 -0.58
CA PRO A 307 -20.05 -14.53 -1.54
C PRO A 307 -19.42 -14.84 -2.90
N GLY A 308 -19.71 -16.04 -3.42
CA GLY A 308 -19.35 -16.48 -4.78
C GLY A 308 -17.97 -17.11 -4.86
N PHE A 309 -17.03 -16.74 -3.99
CA PHE A 309 -15.60 -17.10 -4.19
C PHE A 309 -15.41 -18.62 -4.18
N ALA A 310 -16.05 -19.33 -3.24
CA ALA A 310 -15.86 -20.79 -3.04
C ALA A 310 -16.25 -21.58 -4.30
N ALA A 311 -17.12 -21.03 -5.15
CA ALA A 311 -17.52 -21.68 -6.42
C ALA A 311 -16.32 -21.73 -7.38
N PHE A 312 -15.32 -20.88 -7.19
CA PHE A 312 -14.17 -20.72 -8.13
C PHE A 312 -12.88 -21.29 -7.55
N CYS A 313 -12.76 -21.36 -6.23
CA CYS A 313 -11.48 -21.69 -5.55
C CYS A 313 -11.73 -21.92 -4.06
N PRO A 314 -11.19 -23.00 -3.47
CA PRO A 314 -11.32 -23.21 -2.02
C PRO A 314 -10.24 -22.51 -1.19
N GLY A 315 -9.23 -21.92 -1.84
CA GLY A 315 -8.06 -21.32 -1.18
C GLY A 315 -8.14 -19.81 -1.14
N GLY A 316 -8.18 -19.21 0.06
CA GLY A 316 -8.14 -17.74 0.22
C GLY A 316 -6.90 -17.14 -0.41
N GLY A 317 -6.98 -15.88 -0.84
CA GLY A 317 -5.83 -15.11 -1.33
C GLY A 317 -5.40 -15.49 -2.73
N HIS A 318 -6.05 -16.50 -3.35
CA HIS A 318 -5.91 -16.82 -4.80
C HIS A 318 -6.81 -15.85 -5.56
N ASN A 319 -6.23 -14.79 -6.14
CA ASN A 319 -6.99 -13.58 -6.53
C ASN A 319 -8.13 -13.95 -7.50
N PHE A 320 -9.33 -13.47 -7.19
CA PHE A 320 -10.52 -13.50 -8.05
C PHE A 320 -10.31 -12.46 -9.16
N GLY A 321 -10.73 -12.77 -10.39
CA GLY A 321 -10.46 -11.89 -11.53
C GLY A 321 -11.70 -11.12 -11.99
N PHE A 322 -11.48 -10.06 -12.76
CA PHE A 322 -12.54 -9.24 -13.36
C PHE A 322 -13.53 -10.13 -14.12
N ASN A 323 -13.04 -11.05 -14.95
CA ASN A 323 -13.91 -11.86 -15.84
C ASN A 323 -14.81 -12.76 -15.01
N GLU A 324 -14.36 -13.20 -13.82
CA GLU A 324 -15.16 -14.12 -12.97
C GLU A 324 -16.37 -13.38 -12.38
N GLN A 325 -16.32 -12.06 -12.29
CA GLN A 325 -17.53 -11.27 -11.91
C GLN A 325 -18.67 -11.60 -12.87
N LYS A 326 -18.36 -11.82 -14.14
CA LYS A 326 -19.39 -12.05 -15.17
C LYS A 326 -19.96 -13.47 -15.03
N VAL A 327 -19.15 -14.42 -14.55
CA VAL A 327 -19.64 -15.81 -14.27
C VAL A 327 -20.66 -15.74 -13.14
N VAL A 328 -20.39 -14.95 -12.10
CA VAL A 328 -21.35 -14.72 -10.98
C VAL A 328 -22.63 -14.09 -11.55
N GLU A 329 -22.50 -13.09 -12.42
CA GLU A 329 -23.66 -12.40 -13.04
C GLU A 329 -24.49 -13.41 -13.83
N ALA A 330 -23.86 -14.26 -14.65
CA ALA A 330 -24.55 -15.31 -15.44
C ALA A 330 -25.35 -16.21 -14.49
N GLU A 331 -24.72 -16.64 -13.39
CA GLU A 331 -25.34 -17.54 -12.40
C GLU A 331 -26.56 -16.87 -11.77
N MET A 332 -26.48 -15.58 -11.45
CA MET A 332 -27.64 -14.86 -10.86
C MET A 332 -28.80 -14.88 -11.86
N LEU A 333 -28.52 -14.71 -13.15
CA LEU A 333 -29.59 -14.72 -14.18
C LEU A 333 -30.12 -16.15 -14.33
N ARG A 334 -29.24 -17.16 -14.37
CA ARG A 334 -29.65 -18.59 -14.41
C ARG A 334 -30.65 -18.87 -13.29
N GLN A 335 -30.30 -18.49 -12.06
CA GLN A 335 -31.13 -18.80 -10.86
C GLN A 335 -32.45 -18.05 -10.95
N ALA A 336 -32.46 -16.80 -11.46
CA ALA A 336 -33.70 -15.99 -11.62
C ALA A 336 -34.63 -16.69 -12.62
N ILE A 337 -34.09 -17.13 -13.76
CA ILE A 337 -34.86 -17.84 -14.83
C ILE A 337 -35.48 -19.11 -14.25
N ALA A 338 -34.77 -19.80 -13.36
CA ALA A 338 -35.23 -21.06 -12.71
C ALA A 338 -36.18 -20.77 -11.55
N GLY A 339 -36.45 -19.49 -11.25
CA GLY A 339 -37.34 -19.04 -10.17
C GLY A 339 -36.75 -19.28 -8.80
N ARG A 340 -35.42 -19.28 -8.69
CA ARG A 340 -34.67 -19.64 -7.45
C ARG A 340 -33.96 -18.42 -6.87
N GLY A 341 -34.23 -17.24 -7.40
CA GLY A 341 -33.54 -16.00 -7.01
C GLY A 341 -34.02 -14.83 -7.84
N LYS A 342 -33.80 -13.62 -7.35
CA LYS A 342 -34.09 -12.38 -8.09
C LYS A 342 -32.77 -11.90 -8.68
N ALA A 343 -32.79 -11.45 -9.94
CA ALA A 343 -31.62 -10.81 -10.58
C ALA A 343 -31.76 -9.30 -10.37
N TRP A 344 -30.66 -8.66 -9.97
CA TRP A 344 -30.60 -7.19 -9.81
C TRP A 344 -29.43 -6.65 -10.64
N PRO A 345 -29.60 -5.51 -11.35
CA PRO A 345 -30.90 -4.85 -11.50
C PRO A 345 -31.64 -5.34 -12.75
N ASP A 346 -32.95 -5.54 -12.64
CA ASP A 346 -33.82 -5.81 -13.81
C ASP A 346 -34.07 -4.47 -14.51
N PHE A 347 -34.87 -4.45 -15.58
CA PHE A 347 -35.07 -3.20 -16.38
C PHE A 347 -35.74 -2.12 -15.52
N THR A 348 -36.53 -2.50 -14.52
CA THR A 348 -37.20 -1.51 -13.62
C THR A 348 -36.16 -0.83 -12.74
N ASP A 349 -35.30 -1.61 -12.08
CA ASP A 349 -34.24 -1.06 -11.20
C ASP A 349 -33.18 -0.37 -12.06
N GLY A 350 -32.96 -0.84 -13.29
CA GLY A 350 -32.04 -0.24 -14.26
C GLY A 350 -32.51 1.15 -14.69
N LEU A 351 -33.80 1.32 -14.93
CA LEU A 351 -34.38 2.63 -15.33
C LEU A 351 -34.05 3.66 -14.23
N THR A 352 -34.15 3.28 -12.96
CA THR A 352 -33.84 4.22 -11.84
C THR A 352 -32.39 4.70 -11.97
N ILE A 353 -31.46 3.80 -12.26
CA ILE A 353 -30.02 4.14 -12.43
C ILE A 353 -29.88 5.12 -13.60
N GLU A 354 -30.56 4.88 -14.73
CA GLU A 354 -30.52 5.77 -15.92
C GLU A 354 -31.03 7.16 -15.51
N ARG A 355 -32.10 7.23 -14.71
CA ARG A 355 -32.67 8.54 -14.28
C ARG A 355 -31.63 9.31 -13.45
N VAL A 356 -30.89 8.62 -12.58
CA VAL A 356 -29.86 9.27 -11.72
C VAL A 356 -28.75 9.88 -12.60
N ILE A 357 -28.15 9.13 -13.53
CA ILE A 357 -27.02 9.66 -14.35
C ILE A 357 -27.53 10.78 -15.26
N HIS A 358 -28.73 10.66 -15.85
CA HIS A 358 -29.29 11.72 -16.73
C HIS A 358 -29.66 12.96 -15.88
N GLY A 359 -30.10 12.74 -14.64
CA GLY A 359 -30.38 13.83 -13.69
C GLY A 359 -29.10 14.58 -13.33
N MET A 360 -27.99 13.86 -13.15
CA MET A 360 -26.67 14.51 -12.92
C MET A 360 -26.31 15.36 -14.14
N ALA A 361 -26.51 14.83 -15.35
CA ALA A 361 -26.21 15.55 -16.61
C ALA A 361 -27.09 16.82 -16.68
N THR A 362 -28.38 16.69 -16.39
CA THR A 362 -29.34 17.84 -16.36
C THR A 362 -28.87 18.86 -15.33
N SER A 363 -28.52 18.42 -14.12
CA SER A 363 -28.08 19.33 -13.03
C SER A 363 -26.86 20.13 -13.49
N ALA A 364 -25.87 19.45 -14.08
CA ALA A 364 -24.61 20.10 -14.54
C ALA A 364 -24.93 21.18 -15.58
N GLN A 365 -25.90 20.92 -16.45
CA GLN A 365 -26.28 21.83 -17.57
C GLN A 365 -27.08 23.03 -17.02
N THR A 366 -28.04 22.79 -16.13
CA THR A 366 -29.03 23.81 -15.68
C THR A 366 -28.51 24.56 -14.45
N GLY A 367 -27.51 24.01 -13.75
CA GLY A 367 -26.97 24.59 -12.51
C GLY A 367 -27.95 24.48 -11.34
N GLN A 368 -28.92 23.57 -11.45
N GLN A 368 -28.95 23.60 -11.45
CA GLN A 368 -29.99 23.35 -10.43
CA GLN A 368 -29.98 23.37 -10.41
C GLN A 368 -29.84 21.96 -9.85
C GLN A 368 -29.83 21.96 -9.84
N PRO A 369 -30.14 21.76 -8.55
CA PRO A 369 -30.25 20.41 -8.00
C PRO A 369 -31.40 19.70 -8.71
N VAL A 370 -31.31 18.39 -8.88
CA VAL A 370 -32.40 17.55 -9.46
C VAL A 370 -32.86 16.59 -8.37
N ASN A 371 -34.17 16.53 -8.14
CA ASN A 371 -34.81 15.65 -7.13
C ASN A 371 -35.43 14.45 -7.84
N PHE A 372 -35.47 13.31 -7.17
CA PHE A 372 -36.06 12.04 -7.66
C PHE A 372 -37.18 11.59 -6.70
N ALA B 7 -9.68 -31.36 -33.03
CA ALA B 7 -9.57 -30.80 -31.64
C ALA B 7 -8.92 -31.83 -30.71
N LEU B 8 -8.23 -31.34 -29.68
CA LEU B 8 -7.57 -32.19 -28.64
C LEU B 8 -8.64 -32.87 -27.79
N GLY B 9 -8.52 -34.18 -27.59
CA GLY B 9 -9.37 -34.95 -26.68
C GLY B 9 -8.78 -34.94 -25.27
N VAL B 10 -9.58 -34.53 -24.28
CA VAL B 10 -9.09 -34.30 -22.90
C VAL B 10 -9.69 -35.36 -21.96
N ALA B 11 -8.82 -35.95 -21.15
CA ALA B 11 -9.17 -36.73 -19.94
C ALA B 11 -8.75 -35.90 -18.72
N LEU B 12 -9.63 -35.80 -17.72
CA LEU B 12 -9.33 -35.12 -16.44
C LEU B 12 -9.47 -36.15 -15.32
N ILE B 13 -8.42 -36.33 -14.52
CA ILE B 13 -8.45 -37.18 -13.30
C ILE B 13 -8.43 -36.26 -12.08
N GLY B 14 -9.48 -36.32 -11.27
CA GLY B 14 -9.63 -35.46 -10.08
C GLY B 14 -10.47 -34.24 -10.40
N THR B 15 -11.18 -33.73 -9.40
CA THR B 15 -12.21 -32.68 -9.57
C THR B 15 -12.17 -31.67 -8.42
N GLY B 16 -11.08 -31.64 -7.63
CA GLY B 16 -10.95 -30.80 -6.44
C GLY B 16 -10.49 -29.40 -6.77
N PHE B 17 -9.64 -28.83 -5.91
CA PHE B 17 -9.00 -27.50 -6.10
C PHE B 17 -8.44 -27.42 -7.53
N MET B 18 -7.50 -28.29 -7.89
CA MET B 18 -6.85 -28.23 -9.22
C MET B 18 -7.73 -28.90 -10.29
N GLY B 19 -8.50 -29.94 -9.96
CA GLY B 19 -9.40 -30.57 -10.93
C GLY B 19 -10.35 -29.56 -11.56
N LYS B 20 -11.06 -28.78 -10.73
CA LYS B 20 -12.01 -27.76 -11.23
C LYS B 20 -11.22 -26.68 -11.96
N CYS B 21 -10.04 -26.32 -11.47
CA CYS B 21 -9.17 -25.28 -12.10
C CYS B 21 -8.82 -25.73 -13.53
N HIS B 22 -8.37 -26.97 -13.70
CA HIS B 22 -8.05 -27.55 -15.03
C HIS B 22 -9.30 -27.57 -15.91
N ALA B 23 -10.46 -27.97 -15.37
CA ALA B 23 -11.71 -28.07 -16.14
C ALA B 23 -12.09 -26.68 -16.67
N MET B 24 -12.02 -25.65 -15.83
CA MET B 24 -12.32 -24.26 -16.26
C MET B 24 -11.32 -23.79 -17.33
N ALA B 25 -10.06 -24.22 -17.24
CA ALA B 25 -8.99 -23.85 -18.20
C ALA B 25 -9.27 -24.48 -19.57
N TRP B 26 -9.51 -25.80 -19.61
CA TRP B 26 -9.81 -26.52 -20.86
C TRP B 26 -11.06 -25.93 -21.53
N ARG B 27 -12.06 -25.51 -20.75
CA ARG B 27 -13.34 -25.01 -21.30
C ARG B 27 -13.14 -23.65 -21.98
N ASN B 28 -12.21 -22.81 -21.51
CA ASN B 28 -12.09 -21.42 -22.06
C ASN B 28 -10.79 -21.19 -22.83
N VAL B 29 -9.93 -22.19 -22.99
CA VAL B 29 -8.60 -21.96 -23.65
C VAL B 29 -8.82 -21.46 -25.08
N ALA B 30 -9.76 -22.04 -25.85
CA ALA B 30 -10.03 -21.60 -27.24
C ALA B 30 -10.79 -20.27 -27.23
N THR B 31 -11.66 -20.04 -26.25
CA THR B 31 -12.38 -18.75 -26.12
C THR B 31 -11.33 -17.64 -26.05
N ALA B 32 -10.33 -17.80 -25.19
CA ALA B 32 -9.28 -16.77 -24.96
C ALA B 32 -8.33 -16.69 -26.15
N PHE B 33 -7.81 -17.83 -26.63
CA PHE B 33 -6.63 -17.88 -27.54
C PHE B 33 -6.98 -18.28 -28.97
N GLY B 34 -8.22 -18.67 -29.25
CA GLY B 34 -8.66 -19.05 -30.60
C GLY B 34 -8.41 -20.53 -30.87
N GLY B 35 -8.57 -20.95 -32.14
CA GLY B 35 -8.46 -22.35 -32.55
C GLY B 35 -9.70 -23.13 -32.15
N LEU B 36 -9.59 -24.46 -32.09
CA LEU B 36 -10.71 -25.37 -31.79
C LEU B 36 -10.78 -25.60 -30.29
N PRO B 37 -11.98 -25.52 -29.68
CA PRO B 37 -12.16 -25.94 -28.29
C PRO B 37 -11.77 -27.39 -28.12
N PRO B 38 -10.92 -27.73 -27.14
CA PRO B 38 -10.65 -29.14 -26.82
C PRO B 38 -11.96 -29.90 -26.53
N ARG B 39 -12.00 -31.17 -26.91
CA ARG B 39 -13.14 -32.09 -26.61
C ARG B 39 -12.95 -32.63 -25.20
N LEU B 40 -13.92 -32.39 -24.33
CA LEU B 40 -13.89 -32.89 -22.93
C LEU B 40 -14.50 -34.29 -22.92
N GLU B 41 -13.63 -35.30 -23.00
CA GLU B 41 -14.04 -36.69 -23.33
C GLU B 41 -14.36 -37.47 -22.05
N VAL B 42 -13.43 -37.56 -21.11
CA VAL B 42 -13.63 -38.43 -19.91
C VAL B 42 -13.14 -37.71 -18.65
N LEU B 43 -13.97 -37.74 -17.61
CA LEU B 43 -13.62 -37.26 -16.25
C LEU B 43 -13.58 -38.48 -15.34
N ALA B 44 -12.49 -38.64 -14.59
CA ALA B 44 -12.28 -39.75 -13.63
C ALA B 44 -12.25 -39.17 -12.21
N ASP B 45 -13.02 -39.77 -11.30
CA ASP B 45 -13.08 -39.37 -9.87
C ASP B 45 -13.74 -40.51 -9.10
N MET B 46 -13.61 -40.49 -7.77
CA MET B 46 -14.26 -41.48 -6.89
C MET B 46 -15.06 -40.74 -5.82
N PRO B 47 -16.27 -41.23 -5.46
CA PRO B 47 -16.88 -42.42 -6.07
C PRO B 47 -17.52 -42.13 -7.44
N ALA B 48 -18.10 -43.16 -8.07
CA ALA B 48 -18.65 -43.13 -9.44
C ALA B 48 -19.80 -42.12 -9.53
N ASP B 49 -20.61 -41.97 -8.49
CA ASP B 49 -21.76 -41.01 -8.49
C ASP B 49 -21.22 -39.59 -8.63
N LYS B 50 -20.10 -39.30 -7.95
CA LYS B 50 -19.42 -37.98 -7.99
C LYS B 50 -18.82 -37.75 -9.39
N ALA B 51 -18.17 -38.76 -9.94
CA ALA B 51 -17.59 -38.72 -11.31
C ALA B 51 -18.70 -38.41 -12.32
N HIS B 52 -19.90 -38.98 -12.15
CA HIS B 52 -21.02 -38.80 -13.10
C HIS B 52 -21.61 -37.39 -12.95
N SER B 53 -21.85 -36.92 -11.73
CA SER B 53 -22.46 -35.59 -11.50
C SER B 53 -21.49 -34.49 -11.94
N LEU B 54 -20.17 -34.64 -11.69
CA LEU B 54 -19.19 -33.59 -12.06
C LEU B 54 -18.87 -33.65 -13.56
N ALA B 55 -18.90 -34.82 -14.20
CA ALA B 55 -18.79 -34.91 -15.68
C ALA B 55 -19.94 -34.10 -16.29
N SER B 56 -21.14 -34.18 -15.72
CA SER B 56 -22.34 -33.46 -16.22
C SER B 56 -22.13 -31.94 -16.06
N SER B 57 -21.78 -31.46 -14.87
CA SER B 57 -21.65 -30.01 -14.59
C SER B 57 -20.38 -29.43 -15.25
N PHE B 58 -19.32 -30.22 -15.43
CA PHE B 58 -18.05 -29.77 -16.07
C PHE B 58 -18.14 -29.87 -17.60
N GLY B 59 -19.14 -30.57 -18.13
CA GLY B 59 -19.37 -30.70 -19.59
C GLY B 59 -18.49 -31.76 -20.23
N PHE B 60 -18.08 -32.79 -19.47
CA PHE B 60 -17.36 -33.98 -20.01
C PHE B 60 -18.38 -34.98 -20.53
N ALA B 61 -18.05 -35.65 -21.63
CA ALA B 61 -18.95 -36.59 -22.34
C ALA B 61 -19.30 -37.76 -21.43
N ARG B 62 -18.37 -38.18 -20.56
CA ARG B 62 -18.66 -39.29 -19.61
C ARG B 62 -17.79 -39.19 -18.35
N GLY B 63 -18.34 -39.70 -17.25
CA GLY B 63 -17.67 -39.88 -15.96
C GLY B 63 -17.37 -41.34 -15.71
N THR B 64 -16.25 -41.63 -15.04
CA THR B 64 -15.86 -43.00 -14.65
C THR B 64 -15.15 -42.94 -13.29
N ALA B 65 -15.26 -44.03 -12.52
CA ALA B 65 -14.56 -44.21 -11.23
C ALA B 65 -13.25 -44.98 -11.46
N ASP B 66 -12.95 -45.33 -12.72
CA ASP B 66 -11.77 -46.11 -13.14
C ASP B 66 -10.85 -45.21 -13.97
N TRP B 67 -9.87 -44.56 -13.35
CA TRP B 67 -8.95 -43.62 -14.06
C TRP B 67 -8.16 -44.36 -15.13
N ARG B 68 -7.89 -45.66 -14.95
CA ARG B 68 -7.02 -46.44 -15.88
C ARG B 68 -7.67 -46.54 -17.26
N GLU B 69 -9.00 -46.68 -17.33
CA GLU B 69 -9.66 -46.82 -18.66
C GLU B 69 -9.89 -45.42 -19.26
N ALA B 70 -9.89 -44.35 -18.44
CA ALA B 70 -9.94 -42.95 -18.92
C ALA B 70 -8.65 -42.61 -19.69
N VAL B 71 -7.47 -42.97 -19.16
CA VAL B 71 -6.16 -42.62 -19.79
C VAL B 71 -5.92 -43.51 -21.02
N SER B 72 -6.66 -44.62 -21.15
CA SER B 72 -6.52 -45.60 -22.26
C SER B 72 -7.54 -45.35 -23.38
N ASP B 73 -8.48 -44.42 -23.17
CA ASP B 73 -9.58 -44.13 -24.13
C ASP B 73 -8.97 -43.63 -25.43
N PRO B 74 -9.34 -44.21 -26.61
CA PRO B 74 -8.79 -43.78 -27.89
C PRO B 74 -9.13 -42.33 -28.28
N ALA B 75 -10.23 -41.78 -27.73
CA ALA B 75 -10.71 -40.40 -27.99
C ALA B 75 -9.90 -39.39 -27.17
N VAL B 76 -9.02 -39.85 -26.28
CA VAL B 76 -8.21 -39.00 -25.36
C VAL B 76 -6.82 -38.82 -25.98
N ASP B 77 -6.34 -37.57 -26.07
CA ASP B 77 -4.97 -37.23 -26.56
C ASP B 77 -4.11 -36.72 -25.40
N VAL B 78 -4.72 -36.05 -24.42
CA VAL B 78 -4.00 -35.39 -23.30
C VAL B 78 -4.74 -35.67 -22.00
N VAL B 79 -4.00 -35.90 -20.91
CA VAL B 79 -4.55 -36.24 -19.57
C VAL B 79 -4.12 -35.15 -18.58
N SER B 80 -5.10 -34.50 -17.95
CA SER B 80 -4.91 -33.63 -16.76
C SER B 80 -4.92 -34.52 -15.51
N ILE B 81 -3.84 -34.50 -14.74
CA ILE B 81 -3.73 -35.31 -13.48
C ILE B 81 -3.69 -34.36 -12.29
N THR B 82 -4.78 -34.30 -11.52
CA THR B 82 -4.97 -33.34 -10.40
C THR B 82 -5.24 -34.13 -9.11
N THR B 83 -4.70 -35.35 -9.02
CA THR B 83 -4.88 -36.25 -7.86
C THR B 83 -3.82 -35.96 -6.81
N PRO B 84 -3.97 -36.49 -5.58
CA PRO B 84 -2.96 -36.30 -4.53
C PRO B 84 -1.56 -36.79 -4.95
N ASN B 85 -0.53 -36.23 -4.33
CA ASN B 85 0.90 -36.40 -4.69
C ASN B 85 1.26 -37.89 -4.82
N GLY B 86 0.78 -38.72 -3.90
CA GLY B 86 1.12 -40.16 -3.84
C GLY B 86 0.66 -40.94 -5.06
N LEU B 87 -0.26 -40.40 -5.87
CA LEU B 87 -0.81 -41.09 -7.06
C LEU B 87 -0.18 -40.57 -8.36
N HIS B 88 0.63 -39.50 -8.31
CA HIS B 88 1.16 -38.83 -9.52
C HIS B 88 1.98 -39.80 -10.37
N ARG B 89 2.91 -40.53 -9.75
CA ARG B 89 3.85 -41.40 -10.52
C ARG B 89 3.04 -42.45 -11.29
N GLU B 90 2.17 -43.19 -10.59
CA GLU B 90 1.37 -44.30 -11.16
C GLU B 90 0.56 -43.77 -12.36
N MET B 91 -0.15 -42.65 -12.18
CA MET B 91 -1.09 -42.14 -13.19
C MET B 91 -0.33 -41.54 -14.38
N ALA B 92 0.74 -40.77 -14.14
CA ALA B 92 1.55 -40.17 -15.24
C ALA B 92 2.23 -41.28 -16.05
N GLU B 93 2.78 -42.30 -15.40
CA GLU B 93 3.49 -43.41 -16.11
C GLU B 93 2.49 -44.15 -17.01
N ALA B 94 1.29 -44.44 -16.51
CA ALA B 94 0.21 -45.12 -17.26
C ALA B 94 -0.21 -44.28 -18.46
N ALA B 95 -0.41 -42.96 -18.28
CA ALA B 95 -0.82 -42.04 -19.35
C ALA B 95 0.25 -42.00 -20.46
N LEU B 96 1.53 -41.91 -20.09
CA LEU B 96 2.63 -41.85 -21.08
C LEU B 96 2.72 -43.18 -21.84
N ALA B 97 2.59 -44.29 -21.12
CA ALA B 97 2.64 -45.67 -21.68
C ALA B 97 1.50 -45.87 -22.68
N ALA B 98 0.35 -45.21 -22.45
CA ALA B 98 -0.85 -45.27 -23.31
C ALA B 98 -0.74 -44.29 -24.47
N GLY B 99 0.38 -43.56 -24.56
CA GLY B 99 0.68 -42.64 -25.67
C GLY B 99 -0.03 -41.30 -25.53
N LYS B 100 -0.28 -40.85 -24.30
CA LYS B 100 -1.01 -39.58 -24.05
C LYS B 100 -0.01 -38.50 -23.60
N HIS B 101 -0.25 -37.25 -24.01
CA HIS B 101 0.39 -36.04 -23.43
C HIS B 101 -0.13 -35.87 -22.00
N VAL B 102 0.66 -35.25 -21.12
CA VAL B 102 0.33 -35.22 -19.66
C VAL B 102 0.50 -33.78 -19.14
N TRP B 103 -0.56 -33.28 -18.52
CA TRP B 103 -0.56 -32.05 -17.69
C TRP B 103 -0.61 -32.48 -16.23
N LEU B 104 0.53 -32.53 -15.55
CA LEU B 104 0.64 -33.10 -14.18
C LEU B 104 0.71 -31.97 -13.15
N GLU B 105 -0.05 -32.08 -12.07
CA GLU B 105 0.03 -31.12 -10.95
C GLU B 105 1.34 -31.32 -10.19
N LYS B 106 1.84 -30.25 -9.57
CA LYS B 106 3.06 -30.26 -8.73
C LYS B 106 2.72 -30.81 -7.35
N PRO B 107 3.72 -31.27 -6.56
CA PRO B 107 5.05 -31.55 -7.06
C PRO B 107 4.97 -32.86 -7.87
N MET B 108 6.04 -33.28 -8.54
CA MET B 108 6.02 -34.45 -9.45
C MET B 108 5.56 -35.70 -8.68
N ALA B 109 6.20 -35.99 -7.55
CA ALA B 109 5.87 -37.17 -6.70
C ALA B 109 6.38 -36.93 -5.28
N LEU B 110 6.49 -37.97 -4.46
CA LEU B 110 6.92 -37.84 -3.05
C LEU B 110 8.45 -37.83 -2.94
N SER B 111 9.16 -38.43 -3.90
CA SER B 111 10.62 -38.65 -3.83
C SER B 111 11.30 -38.31 -5.16
N VAL B 112 12.60 -38.02 -5.10
CA VAL B 112 13.47 -37.85 -6.30
C VAL B 112 13.50 -39.17 -7.07
N GLU B 113 13.57 -40.31 -6.37
CA GLU B 113 13.53 -41.67 -6.97
C GLU B 113 12.32 -41.75 -7.92
N ASP B 114 11.13 -41.38 -7.44
CA ASP B 114 9.87 -41.42 -8.23
C ASP B 114 9.97 -40.44 -9.41
N ALA B 115 10.45 -39.22 -9.18
CA ALA B 115 10.55 -38.19 -10.23
C ALA B 115 11.53 -38.64 -11.32
N GLN B 116 12.64 -39.28 -10.93
CA GLN B 116 13.67 -39.82 -11.87
C GLN B 116 13.00 -40.85 -12.79
N ALA B 117 12.17 -41.74 -12.22
CA ALA B 117 11.46 -42.79 -12.98
C ALA B 117 10.46 -42.14 -13.95
N MET B 118 9.74 -41.10 -13.51
CA MET B 118 8.74 -40.39 -14.36
C MET B 118 9.46 -39.65 -15.50
N GLU B 119 10.61 -39.03 -15.21
CA GLU B 119 11.39 -38.26 -16.21
C GLU B 119 11.87 -39.19 -17.33
N ALA B 120 12.37 -40.38 -16.98
CA ALA B 120 12.83 -41.41 -17.94
C ALA B 120 11.66 -41.83 -18.82
N ALA B 121 10.49 -42.09 -18.21
CA ALA B 121 9.25 -42.52 -18.90
C ALA B 121 8.83 -41.46 -19.92
N ALA B 122 8.93 -40.17 -19.55
CA ALA B 122 8.53 -39.04 -20.43
C ALA B 122 9.47 -38.97 -21.64
N ARG B 123 10.79 -39.11 -21.44
CA ARG B 123 11.76 -39.10 -22.56
C ARG B 123 11.50 -40.32 -23.45
N ALA B 124 11.33 -41.50 -22.86
CA ALA B 124 11.09 -42.77 -23.59
C ALA B 124 9.83 -42.64 -24.45
N SER B 125 8.87 -41.82 -24.03
CA SER B 125 7.67 -41.49 -24.85
C SER B 125 8.00 -40.27 -25.70
N ASP B 126 7.31 -40.10 -26.82
CA ASP B 126 7.50 -38.91 -27.68
C ASP B 126 6.31 -37.96 -27.45
N ARG B 127 5.78 -37.94 -26.23
N ARG B 127 5.78 -37.94 -26.23
CA ARG B 127 4.61 -37.14 -25.84
CA ARG B 127 4.60 -37.13 -25.84
C ARG B 127 5.08 -35.91 -25.04
C ARG B 127 5.07 -35.92 -25.03
N ARG B 128 4.30 -34.84 -25.06
CA ARG B 128 4.61 -33.59 -24.33
C ARG B 128 4.20 -33.75 -22.87
N THR B 129 4.97 -33.16 -21.97
CA THR B 129 4.63 -33.04 -20.53
C THR B 129 4.73 -31.59 -20.13
N ILE B 130 3.90 -31.18 -19.17
CA ILE B 130 4.01 -29.88 -18.46
C ILE B 130 3.56 -30.10 -17.02
N ILE B 131 4.20 -29.43 -16.07
CA ILE B 131 3.84 -29.51 -14.63
C ILE B 131 3.16 -28.19 -14.23
N GLY B 132 2.17 -28.27 -13.35
CA GLY B 132 1.24 -27.16 -13.03
C GLY B 132 1.84 -26.06 -12.19
N TYR B 133 3.03 -25.55 -12.55
CA TYR B 133 3.68 -24.40 -11.88
C TYR B 133 3.03 -23.10 -12.39
N ASN B 134 1.79 -22.88 -11.97
CA ASN B 134 0.89 -21.86 -12.59
C ASN B 134 1.31 -20.43 -12.20
N TYR B 135 2.17 -20.22 -11.19
CA TYR B 135 2.61 -18.85 -10.82
C TYR B 135 3.61 -18.31 -11.85
N THR B 136 4.10 -19.15 -12.77
CA THR B 136 4.97 -18.68 -13.89
C THR B 136 4.12 -18.16 -15.06
N ARG B 137 2.79 -18.12 -14.94
CA ARG B 137 1.89 -17.84 -16.09
C ARG B 137 1.25 -16.44 -16.00
N SER B 138 1.37 -15.75 -14.86
CA SER B 138 0.73 -14.41 -14.70
C SER B 138 1.36 -13.45 -15.71
N PRO B 139 0.59 -12.50 -16.28
CA PRO B 139 1.19 -11.48 -17.13
C PRO B 139 2.32 -10.71 -16.43
N ALA B 140 2.16 -10.41 -15.14
CA ALA B 140 3.18 -9.65 -14.37
C ALA B 140 4.48 -10.43 -14.33
N PHE B 141 4.42 -11.73 -14.02
CA PHE B 141 5.64 -12.56 -13.92
C PHE B 141 6.31 -12.64 -15.30
N ARG B 142 5.54 -12.91 -16.35
CA ARG B 142 6.10 -13.06 -17.72
C ARG B 142 6.69 -11.73 -18.18
N ALA B 143 6.05 -10.62 -17.82
CA ALA B 143 6.56 -9.25 -18.09
C ALA B 143 7.91 -9.05 -17.38
N ALA B 144 8.05 -9.51 -16.14
CA ALA B 144 9.29 -9.35 -15.34
C ALA B 144 10.41 -10.13 -16.01
N VAL B 145 10.15 -11.34 -16.48
CA VAL B 145 11.19 -12.18 -17.14
C VAL B 145 11.67 -11.45 -18.40
N ASP B 146 10.74 -10.88 -19.17
CA ASP B 146 11.08 -10.14 -20.41
C ASP B 146 11.89 -8.89 -20.06
N LEU B 147 11.50 -8.15 -19.02
CA LEU B 147 12.24 -6.93 -18.60
C LEU B 147 13.67 -7.29 -18.21
N ILE B 148 13.88 -8.41 -17.51
CA ILE B 148 15.24 -8.85 -17.10
C ILE B 148 16.05 -9.17 -18.37
N ALA B 149 15.47 -9.93 -19.31
CA ALA B 149 16.16 -10.35 -20.55
C ALA B 149 16.56 -9.12 -21.38
N GLU B 150 15.73 -8.07 -21.33
CA GLU B 150 15.92 -6.82 -22.10
C GLU B 150 16.96 -5.91 -21.42
N GLY B 151 17.40 -6.24 -20.21
CA GLY B 151 18.40 -5.46 -19.46
C GLY B 151 17.80 -4.29 -18.68
N ALA B 152 16.50 -4.33 -18.38
CA ALA B 152 15.78 -3.22 -17.69
C ALA B 152 16.35 -2.99 -16.28
N ILE B 153 16.90 -4.01 -15.62
CA ILE B 153 17.50 -3.84 -14.26
C ILE B 153 18.97 -4.24 -14.28
N GLY B 154 19.58 -4.31 -15.48
CA GLY B 154 20.99 -4.71 -15.61
C GLY B 154 21.17 -6.14 -15.17
N ARG B 155 22.30 -6.45 -14.55
CA ARG B 155 22.65 -7.83 -14.11
C ARG B 155 22.06 -8.08 -12.74
N PRO B 156 21.27 -9.18 -12.55
CA PRO B 156 20.83 -9.56 -11.22
C PRO B 156 22.03 -9.75 -10.27
N ILE B 157 21.95 -9.14 -9.07
CA ILE B 157 22.99 -9.25 -8.00
C ILE B 157 22.39 -9.93 -6.76
N HIS B 158 21.06 -10.00 -6.64
CA HIS B 158 20.44 -10.68 -5.48
C HIS B 158 18.99 -11.06 -5.80
N PHE B 159 18.59 -12.23 -5.30
CA PHE B 159 17.19 -12.71 -5.31
C PHE B 159 16.75 -12.90 -3.87
N ARG B 160 15.55 -12.43 -3.53
CA ARG B 160 14.91 -12.75 -2.23
C ARG B 160 13.47 -13.17 -2.52
N GLY B 161 13.11 -14.38 -2.10
CA GLY B 161 11.79 -14.96 -2.36
C GLY B 161 11.22 -15.63 -1.12
N MET B 162 9.90 -15.60 -0.99
CA MET B 162 9.19 -16.27 0.12
C MET B 162 7.89 -16.82 -0.44
N TYR B 163 7.36 -17.85 0.20
CA TYR B 163 5.98 -18.32 -0.07
C TYR B 163 5.35 -18.70 1.26
N ASP B 164 4.63 -17.74 1.84
CA ASP B 164 3.95 -17.88 3.15
C ASP B 164 2.46 -18.15 2.92
N GLU B 165 1.94 -19.19 3.57
CA GLU B 165 0.49 -19.44 3.74
C GLU B 165 0.26 -19.89 5.18
N ASP B 166 -0.99 -19.87 5.65
CA ASP B 166 -1.30 -20.22 7.06
C ASP B 166 -2.33 -21.35 7.15
N TYR B 167 -2.46 -22.19 6.12
CA TYR B 167 -3.50 -23.26 6.07
C TYR B 167 -3.25 -24.30 7.17
N MET B 168 -2.05 -24.36 7.77
CA MET B 168 -1.76 -25.27 8.91
C MET B 168 -1.32 -24.49 10.15
N ALA B 169 -1.52 -23.18 10.21
CA ALA B 169 -0.95 -22.35 11.30
C ALA B 169 -1.65 -22.64 12.64
N ASP B 170 -2.95 -22.92 12.62
CA ASP B 170 -3.75 -23.16 13.86
C ASP B 170 -3.35 -24.49 14.47
N PRO B 171 -2.83 -24.53 15.72
CA PRO B 171 -2.49 -25.79 16.37
C PRO B 171 -3.70 -26.75 16.48
N ASP B 172 -4.92 -26.22 16.47
CA ASP B 172 -6.16 -27.02 16.61
C ASP B 172 -6.41 -27.86 15.35
N LEU B 173 -5.83 -27.48 14.20
CA LEU B 173 -6.11 -28.20 12.93
C LEU B 173 -5.63 -29.65 13.06
N PRO B 174 -6.50 -30.61 12.69
CA PRO B 174 -6.23 -32.03 12.88
C PRO B 174 -5.02 -32.52 12.10
N TRP B 175 -4.42 -33.60 12.60
CA TRP B 175 -3.38 -34.41 11.91
C TRP B 175 -3.97 -35.00 10.64
N SER B 176 -3.12 -35.29 9.66
CA SER B 176 -3.48 -36.08 8.46
C SER B 176 -2.25 -36.83 7.96
N TRP B 177 -2.46 -37.80 7.07
CA TRP B 177 -1.40 -38.66 6.49
C TRP B 177 -0.40 -37.81 5.68
N ALA B 178 -0.83 -36.64 5.24
CA ALA B 178 0.02 -35.67 4.51
C ALA B 178 1.16 -35.17 5.40
N LEU B 179 1.05 -35.33 6.73
CA LEU B 179 2.07 -34.85 7.70
C LEU B 179 3.06 -35.97 8.04
N THR B 180 2.96 -37.14 7.39
CA THR B 180 3.98 -38.23 7.50
C THR B 180 4.95 -38.12 6.32
N ARG B 181 6.20 -38.51 6.55
CA ARG B 181 7.24 -38.54 5.49
C ARG B 181 6.86 -39.60 4.45
N LYS B 182 6.43 -40.76 4.92
CA LYS B 182 6.14 -41.94 4.05
C LYS B 182 5.02 -41.61 3.05
N ASP B 183 3.89 -41.10 3.55
CA ASP B 183 2.65 -40.91 2.75
C ASP B 183 2.50 -39.45 2.31
N GLY B 184 3.12 -38.51 3.04
CA GLY B 184 2.99 -37.07 2.74
C GLY B 184 4.18 -36.52 1.95
N GLY B 185 5.35 -37.17 2.04
CA GLY B 185 6.61 -36.64 1.47
C GLY B 185 7.05 -35.39 2.23
N LEU B 186 7.53 -34.38 1.53
CA LEU B 186 7.95 -33.09 2.16
C LEU B 186 6.71 -32.35 2.67
N GLY B 187 6.93 -31.38 3.56
CA GLY B 187 5.87 -30.50 4.07
C GLY B 187 5.77 -29.24 3.24
N ALA B 188 6.07 -28.10 3.86
CA ALA B 188 6.01 -26.77 3.20
C ALA B 188 6.86 -26.76 1.93
N LEU B 189 8.01 -27.44 1.89
CA LEU B 189 8.87 -27.46 0.67
C LEU B 189 8.13 -28.09 -0.51
N GLY B 190 7.34 -29.15 -0.26
CA GLY B 190 6.59 -29.86 -1.31
C GLY B 190 5.33 -29.12 -1.72
N ASP B 191 4.65 -28.48 -0.76
CA ASP B 191 3.38 -27.76 -1.01
C ASP B 191 3.66 -26.41 -1.70
N LEU B 192 4.63 -25.67 -1.17
CA LEU B 192 4.86 -24.24 -1.53
C LEU B 192 6.26 -24.04 -2.11
N GLY B 193 7.28 -24.65 -1.51
CA GLY B 193 8.69 -24.46 -1.89
C GLY B 193 8.91 -24.65 -3.38
N CYS B 194 8.33 -25.72 -3.96
CA CYS B 194 8.53 -26.06 -5.40
C CYS B 194 7.99 -24.92 -6.28
N HIS B 195 6.87 -24.30 -5.91
CA HIS B 195 6.33 -23.12 -6.63
C HIS B 195 7.37 -22.00 -6.61
N LEU B 196 7.92 -21.71 -5.43
CA LEU B 196 8.92 -20.61 -5.33
C LEU B 196 10.14 -20.98 -6.18
N VAL B 197 10.58 -22.23 -6.18
CA VAL B 197 11.73 -22.65 -7.04
C VAL B 197 11.37 -22.39 -8.51
N SER B 198 10.17 -22.77 -8.96
CA SER B 198 9.76 -22.63 -10.38
C SER B 198 9.91 -21.18 -10.83
N VAL B 199 9.52 -20.23 -9.98
CA VAL B 199 9.60 -18.77 -10.26
C VAL B 199 11.06 -18.31 -10.16
N MET B 200 11.75 -18.71 -9.09
CA MET B 200 13.14 -18.28 -8.80
C MET B 200 14.07 -18.67 -9.95
N VAL B 201 14.03 -19.90 -10.44
CA VAL B 201 15.00 -20.36 -11.48
C VAL B 201 14.61 -19.75 -12.83
N SER B 202 13.35 -19.35 -13.00
CA SER B 202 12.87 -18.67 -14.24
C SER B 202 13.44 -17.25 -14.28
N LEU B 203 13.63 -16.63 -13.10
CA LEU B 203 14.16 -15.25 -12.98
C LEU B 203 15.68 -15.24 -12.99
N MET B 204 16.31 -16.19 -12.28
CA MET B 204 17.75 -16.12 -11.93
C MET B 204 18.58 -17.19 -12.65
N GLY B 205 17.94 -18.18 -13.27
CA GLY B 205 18.64 -19.35 -13.83
C GLY B 205 18.82 -20.43 -12.79
N PRO B 206 19.54 -21.52 -13.12
CA PRO B 206 19.64 -22.70 -12.26
C PRO B 206 20.35 -22.47 -10.92
N VAL B 207 19.97 -23.30 -9.94
CA VAL B 207 20.57 -23.33 -8.57
C VAL B 207 21.83 -24.19 -8.60
N ALA B 208 22.94 -23.67 -8.06
CA ALA B 208 24.22 -24.39 -7.93
C ALA B 208 24.35 -25.01 -6.54
N ARG B 209 23.87 -24.32 -5.50
CA ARG B 209 24.13 -24.70 -4.10
C ARG B 209 23.04 -24.15 -3.20
N VAL B 210 22.67 -24.89 -2.16
CA VAL B 210 21.77 -24.40 -1.09
C VAL B 210 22.39 -24.74 0.27
N TYR B 211 22.12 -23.88 1.24
CA TYR B 211 22.29 -24.19 2.67
C TYR B 211 20.96 -23.88 3.34
N ALA B 212 20.34 -24.85 4.00
CA ALA B 212 18.95 -24.67 4.47
C ALA B 212 18.80 -25.01 5.94
N GLN B 213 17.74 -24.45 6.52
N GLN B 213 17.74 -24.48 6.53
CA GLN B 213 17.21 -24.77 7.88
CA GLN B 213 17.23 -24.85 7.88
C GLN B 213 15.71 -25.06 7.71
C GLN B 213 15.72 -25.06 7.72
N ALA B 214 15.16 -25.94 8.54
CA ALA B 214 13.72 -26.27 8.50
C ALA B 214 13.27 -26.56 9.93
N ASP B 215 11.99 -26.39 10.20
CA ASP B 215 11.41 -26.64 11.53
C ASP B 215 10.03 -27.24 11.37
N THR B 216 9.70 -28.17 12.27
CA THR B 216 8.31 -28.52 12.62
C THR B 216 8.01 -27.78 13.92
N VAL B 217 7.17 -26.75 13.88
CA VAL B 217 6.97 -25.82 15.04
C VAL B 217 5.77 -26.27 15.87
N ILE B 218 4.80 -26.93 15.24
CA ILE B 218 3.67 -27.62 15.93
C ILE B 218 3.88 -29.12 15.71
N THR B 219 4.35 -29.82 16.73
CA THR B 219 4.99 -31.16 16.58
C THR B 219 3.95 -32.28 16.71
N ASP B 220 2.78 -32.00 17.27
CA ASP B 220 1.69 -33.00 17.42
C ASP B 220 0.36 -32.32 17.13
N ARG B 221 -0.62 -33.07 16.61
CA ARG B 221 -1.95 -32.53 16.25
C ARG B 221 -3.04 -33.51 16.67
N PRO B 222 -4.27 -33.00 16.90
CA PRO B 222 -5.42 -33.84 17.24
C PRO B 222 -5.60 -34.99 16.24
N HIS B 223 -5.80 -36.20 16.76
CA HIS B 223 -6.03 -37.41 15.93
C HIS B 223 -6.83 -38.45 16.72
N GLN B 224 -8.05 -38.74 16.29
CA GLN B 224 -8.93 -39.78 16.85
C GLN B 224 -9.07 -39.62 18.36
N GLY B 225 -9.21 -38.38 18.85
CA GLY B 225 -9.38 -38.07 20.28
C GLY B 225 -8.08 -38.12 21.06
N GLY B 226 -6.98 -38.51 20.39
CA GLY B 226 -5.61 -38.43 20.94
C GLY B 226 -4.80 -37.42 20.15
N THR B 227 -3.55 -37.78 19.87
CA THR B 227 -2.53 -36.88 19.28
C THR B 227 -1.65 -37.74 18.37
N ALA B 228 -1.20 -37.21 17.23
CA ALA B 228 -0.25 -37.89 16.32
C ALA B 228 0.86 -36.92 15.92
N ARG B 229 2.05 -37.46 15.65
CA ARG B 229 3.29 -36.67 15.43
C ARG B 229 3.29 -36.10 14.02
N VAL B 230 3.63 -34.82 13.90
CA VAL B 230 3.88 -34.14 12.60
C VAL B 230 5.34 -34.43 12.24
N GLU B 231 5.59 -35.08 11.11
CA GLU B 231 6.93 -35.64 10.77
C GLU B 231 7.65 -34.74 9.77
N ASN B 232 6.95 -33.94 8.97
CA ASN B 232 7.61 -33.11 7.92
C ASN B 232 7.54 -31.63 8.32
N GLU B 233 8.19 -30.77 7.53
CA GLU B 233 8.53 -29.39 7.96
C GLU B 233 7.33 -28.46 7.77
N ASP B 234 7.11 -27.59 8.76
CA ASP B 234 6.11 -26.50 8.69
C ASP B 234 6.68 -25.31 7.94
N GLN B 235 8.00 -25.14 7.97
CA GLN B 235 8.66 -23.96 7.35
C GLN B 235 10.11 -24.33 7.03
N ALA B 236 10.69 -23.68 6.02
CA ALA B 236 12.10 -23.88 5.67
C ALA B 236 12.64 -22.59 5.06
N GLN B 237 13.93 -22.33 5.28
CA GLN B 237 14.65 -21.17 4.69
C GLN B 237 15.97 -21.67 4.14
N ALA B 238 16.48 -21.02 3.09
CA ALA B 238 17.75 -21.44 2.47
C ALA B 238 18.49 -20.21 1.94
N LEU B 239 19.82 -20.23 2.04
CA LEU B 239 20.69 -19.34 1.23
C LEU B 239 21.02 -20.08 -0.07
N ILE B 240 21.01 -19.35 -1.18
CA ILE B 240 21.17 -19.90 -2.56
C ILE B 240 22.43 -19.31 -3.18
N ARG B 241 23.16 -20.13 -3.93
CA ARG B 241 24.08 -19.64 -5.00
C ARG B 241 23.56 -20.19 -6.32
N PHE B 242 23.35 -19.32 -7.30
CA PHE B 242 22.94 -19.72 -8.66
C PHE B 242 24.20 -20.12 -9.43
N ALA B 243 24.03 -20.84 -10.54
CA ALA B 243 25.11 -21.20 -11.46
C ALA B 243 25.84 -19.93 -11.91
N SER B 244 25.12 -18.81 -12.01
CA SER B 244 25.65 -17.46 -12.34
C SER B 244 26.65 -16.97 -11.29
N GLY B 245 26.62 -17.52 -10.07
CA GLY B 245 27.41 -17.07 -8.91
C GLY B 245 26.63 -16.13 -8.01
N THR B 246 25.43 -15.73 -8.43
CA THR B 246 24.60 -14.73 -7.73
C THR B 246 24.00 -15.37 -6.48
N SER B 247 23.77 -14.54 -5.46
CA SER B 247 23.21 -14.95 -4.15
C SER B 247 21.68 -14.95 -4.21
N GLY B 248 21.06 -15.73 -3.34
CA GLY B 248 19.61 -15.72 -3.16
C GLY B 248 19.24 -16.01 -1.72
N GLU B 249 18.06 -15.52 -1.33
CA GLU B 249 17.37 -15.93 -0.09
C GLU B 249 16.05 -16.58 -0.49
N PHE B 250 15.63 -17.59 0.24
CA PHE B 250 14.48 -18.46 -0.11
C PHE B 250 13.81 -18.90 1.20
N SER B 251 12.49 -18.88 1.23
CA SER B 251 11.73 -19.46 2.37
C SER B 251 10.36 -19.92 1.90
N CYS B 252 9.77 -20.83 2.66
CA CYS B 252 8.34 -21.21 2.51
C CYS B 252 7.82 -21.56 3.89
N SER B 253 6.51 -21.45 4.07
CA SER B 253 5.85 -21.77 5.36
C SER B 253 4.37 -22.07 5.13
N ARG B 254 3.86 -23.10 5.80
CA ARG B 254 2.41 -23.42 5.85
C ARG B 254 1.82 -22.95 7.19
N VAL B 255 2.60 -22.26 8.03
CA VAL B 255 2.20 -21.89 9.42
C VAL B 255 2.35 -20.38 9.64
N ALA B 256 2.44 -19.58 8.56
CA ALA B 256 2.73 -18.13 8.61
C ALA B 256 1.41 -17.34 8.74
N ARG B 257 1.02 -17.00 9.97
CA ARG B 257 -0.33 -16.46 10.30
C ARG B 257 -0.64 -15.19 9.50
N GLY B 258 -1.79 -15.18 8.82
CA GLY B 258 -2.32 -13.99 8.13
C GLY B 258 -2.07 -14.04 6.64
N TYR B 259 -1.15 -14.89 6.19
CA TYR B 259 -0.78 -15.03 4.75
C TYR B 259 -1.61 -16.15 4.14
N ARG B 260 -2.11 -15.91 2.93
CA ARG B 260 -3.07 -16.82 2.24
C ARG B 260 -2.44 -17.36 0.94
N CYS B 261 -1.73 -16.52 0.21
CA CYS B 261 -1.05 -16.91 -1.06
C CYS B 261 0.15 -16.01 -1.30
N ARG B 262 0.97 -15.80 -0.27
CA ARG B 262 2.04 -14.78 -0.29
C ARG B 262 3.31 -15.38 -0.90
N LEU B 263 3.24 -15.72 -2.20
CA LEU B 263 4.43 -15.98 -3.03
C LEU B 263 4.95 -14.61 -3.47
N ALA B 264 6.03 -14.15 -2.86
CA ALA B 264 6.56 -12.79 -3.06
C ALA B 264 8.03 -12.91 -3.38
N TRP B 265 8.49 -12.16 -4.37
CA TRP B 265 9.91 -12.25 -4.78
C TRP B 265 10.40 -10.87 -5.21
N GLU B 266 11.71 -10.76 -5.29
CA GLU B 266 12.38 -9.51 -5.63
C GLU B 266 13.69 -9.87 -6.31
N VAL B 267 13.97 -9.23 -7.45
CA VAL B 267 15.28 -9.35 -8.14
C VAL B 267 15.94 -7.98 -8.06
N GLN B 268 17.07 -7.90 -7.36
CA GLN B 268 17.90 -6.67 -7.28
C GLN B 268 18.99 -6.79 -8.33
N GLY B 269 19.11 -5.79 -9.21
CA GLY B 269 20.11 -5.79 -10.27
C GLY B 269 21.05 -4.61 -10.15
N THR B 270 22.06 -4.56 -11.02
CA THR B 270 23.05 -3.47 -11.06
C THR B 270 22.37 -2.16 -11.51
N GLU B 271 21.24 -2.22 -12.23
CA GLU B 271 20.61 -1.00 -12.81
C GLU B 271 19.13 -0.86 -12.40
N GLY B 272 18.64 -1.63 -11.43
CA GLY B 272 17.24 -1.50 -11.00
C GLY B 272 16.81 -2.66 -10.15
N THR B 273 15.53 -2.67 -9.77
CA THR B 273 14.94 -3.72 -8.89
C THR B 273 13.55 -4.05 -9.41
N LEU B 274 13.19 -5.33 -9.42
CA LEU B 274 11.81 -5.82 -9.68
C LEU B 274 11.28 -6.47 -8.41
N ARG B 275 10.04 -6.18 -8.04
CA ARG B 275 9.42 -6.75 -6.83
C ARG B 275 7.96 -7.12 -7.13
N PHE B 276 7.51 -8.24 -6.56
CA PHE B 276 6.18 -8.83 -6.87
C PHE B 276 5.65 -9.58 -5.64
N ASP B 277 4.32 -9.51 -5.44
CA ASP B 277 3.60 -10.27 -4.39
C ASP B 277 2.33 -10.85 -5.02
N GLN B 278 2.21 -12.17 -5.05
CA GLN B 278 1.08 -12.90 -5.68
C GLN B 278 -0.26 -12.52 -5.03
N GLU B 279 -0.29 -12.04 -3.78
CA GLU B 279 -1.58 -11.61 -3.16
C GLU B 279 -2.10 -10.35 -3.86
N ARG B 280 -1.22 -9.62 -4.56
CA ARG B 280 -1.56 -8.49 -5.47
C ARG B 280 -0.97 -8.82 -6.84
N MET B 281 -1.47 -9.88 -7.48
CA MET B 281 -0.81 -10.48 -8.67
C MET B 281 -0.90 -9.56 -9.88
N ASN B 282 -1.62 -8.44 -9.82
CA ASN B 282 -1.75 -7.49 -10.97
C ASN B 282 -0.78 -6.31 -10.83
N GLU B 283 0.15 -6.35 -9.87
CA GLU B 283 1.11 -5.25 -9.67
C GLU B 283 2.54 -5.78 -9.79
N LEU B 284 3.34 -5.10 -10.59
CA LEU B 284 4.78 -5.37 -10.70
C LEU B 284 5.51 -4.07 -10.38
N TRP B 285 6.40 -4.09 -9.40
CA TRP B 285 7.13 -2.88 -8.94
C TRP B 285 8.49 -2.84 -9.62
N LEU B 286 8.77 -1.78 -10.37
CA LEU B 286 10.03 -1.62 -11.10
C LEU B 286 10.71 -0.33 -10.67
N TYR B 287 11.93 -0.42 -10.14
CA TYR B 287 12.79 0.77 -9.92
C TYR B 287 13.89 0.78 -10.98
N GLN B 288 14.02 1.92 -11.65
CA GLN B 288 15.20 2.29 -12.48
C GLN B 288 15.60 3.69 -12.05
N PRO B 289 16.92 4.01 -12.00
CA PRO B 289 17.35 5.35 -11.61
C PRO B 289 16.65 6.41 -12.48
N GLY B 290 16.22 7.49 -11.84
CA GLY B 290 15.59 8.63 -12.53
C GLY B 290 16.14 9.91 -11.97
N ARG B 291 15.75 11.05 -12.55
CA ARG B 291 16.23 12.34 -12.01
C ARG B 291 15.63 12.51 -10.62
N PRO B 292 16.40 13.11 -9.68
CA PRO B 292 16.06 13.10 -8.26
C PRO B 292 14.64 13.57 -7.91
N GLU B 293 14.11 14.54 -8.65
CA GLU B 293 12.79 15.17 -8.38
C GLU B 293 11.65 14.14 -8.57
N ILE B 294 11.83 13.11 -9.41
CA ILE B 294 10.74 12.15 -9.72
C ILE B 294 11.19 10.71 -9.45
N ASP B 295 12.33 10.52 -8.78
CA ASP B 295 12.95 9.20 -8.61
C ASP B 295 12.07 8.33 -7.70
N GLY B 296 11.83 7.08 -8.10
CA GLY B 296 11.09 6.12 -7.26
C GLY B 296 10.61 4.91 -8.04
N PHE B 297 10.15 3.89 -7.30
CA PHE B 297 9.54 2.67 -7.88
C PHE B 297 8.28 3.03 -8.66
N ARG B 298 8.08 2.35 -9.79
CA ARG B 298 6.85 2.43 -10.61
C ARG B 298 5.94 1.25 -10.23
N ARG B 299 4.66 1.53 -9.99
CA ARG B 299 3.60 0.49 -9.90
C ARG B 299 3.13 0.20 -11.33
N ILE B 300 3.56 -0.92 -11.90
CA ILE B 300 3.07 -1.35 -13.24
C ILE B 300 1.81 -2.19 -13.01
N LEU B 301 0.66 -1.66 -13.42
CA LEU B 301 -0.64 -2.36 -13.28
C LEU B 301 -0.85 -3.23 -14.51
N THR B 302 -1.18 -4.51 -14.31
CA THR B 302 -1.31 -5.51 -15.40
C THR B 302 -2.35 -5.03 -16.41
N GLY B 303 -1.99 -5.18 -17.68
CA GLY B 303 -2.81 -4.75 -18.81
C GLY B 303 -2.30 -5.39 -20.09
N PRO B 304 -2.85 -5.01 -21.26
CA PRO B 304 -2.55 -5.68 -22.52
C PRO B 304 -1.09 -5.60 -23.00
N ALA B 305 -0.24 -4.76 -22.39
CA ALA B 305 1.19 -4.68 -22.73
C ALA B 305 1.94 -5.91 -22.19
N GLN B 306 1.34 -6.67 -21.27
CA GLN B 306 2.00 -7.83 -20.62
C GLN B 306 1.58 -9.13 -21.31
N PRO B 307 2.48 -10.12 -21.39
CA PRO B 307 2.18 -11.37 -22.09
C PRO B 307 0.91 -12.05 -21.57
N GLY B 308 0.04 -12.44 -22.51
CA GLY B 308 -1.16 -13.26 -22.22
C GLY B 308 -2.40 -12.41 -21.95
N PHE B 309 -2.26 -11.21 -21.38
CA PHE B 309 -3.41 -10.45 -20.83
C PHE B 309 -4.44 -10.14 -21.92
N ALA B 310 -4.01 -9.74 -23.12
CA ALA B 310 -4.90 -9.24 -24.19
C ALA B 310 -5.86 -10.34 -24.66
N ALA B 311 -5.52 -11.62 -24.44
CA ALA B 311 -6.37 -12.77 -24.77
C ALA B 311 -7.60 -12.82 -23.85
N PHE B 312 -7.54 -12.16 -22.69
CA PHE B 312 -8.60 -12.18 -21.66
C PHE B 312 -9.37 -10.86 -21.60
N CYS B 313 -8.74 -9.75 -21.97
CA CYS B 313 -9.33 -8.41 -21.77
C CYS B 313 -8.54 -7.38 -22.56
N PRO B 314 -9.19 -6.45 -23.29
CA PRO B 314 -8.47 -5.39 -24.00
C PRO B 314 -8.10 -4.17 -23.14
N GLY B 315 -8.72 -4.02 -21.96
CA GLY B 315 -8.55 -2.86 -21.08
C GLY B 315 -7.65 -3.18 -19.90
N GLY B 316 -6.60 -2.40 -19.70
CA GLY B 316 -5.70 -2.55 -18.54
C GLY B 316 -6.42 -2.32 -17.23
N GLY B 317 -5.90 -2.87 -16.14
CA GLY B 317 -6.42 -2.62 -14.79
C GLY B 317 -7.66 -3.44 -14.46
N HIS B 318 -8.20 -4.22 -15.41
CA HIS B 318 -9.25 -5.24 -15.16
C HIS B 318 -8.55 -6.50 -14.65
N ASN B 319 -8.52 -6.70 -13.33
CA ASN B 319 -7.57 -7.64 -12.68
C ASN B 319 -7.67 -9.04 -13.30
N PHE B 320 -6.52 -9.56 -13.71
CA PHE B 320 -6.28 -10.97 -14.11
C PHE B 320 -6.34 -11.84 -12.85
N GLY B 321 -6.95 -13.03 -12.94
CA GLY B 321 -7.18 -13.88 -11.77
C GLY B 321 -6.28 -15.11 -11.73
N PHE B 322 -6.22 -15.74 -10.56
CA PHE B 322 -5.46 -16.98 -10.32
C PHE B 322 -5.88 -18.04 -11.35
N ASN B 323 -7.18 -18.23 -11.55
CA ASN B 323 -7.71 -19.31 -12.42
C ASN B 323 -7.28 -19.06 -13.87
N GLU B 324 -7.15 -17.80 -14.29
CA GLU B 324 -6.75 -17.47 -15.69
C GLU B 324 -5.29 -17.86 -15.93
N GLN B 325 -4.45 -17.93 -14.89
CA GLN B 325 -3.08 -18.48 -15.01
C GLN B 325 -3.16 -19.87 -15.65
N LYS B 326 -4.19 -20.64 -15.29
CA LYS B 326 -4.33 -22.05 -15.74
C LYS B 326 -4.76 -22.09 -17.20
N VAL B 327 -5.53 -21.10 -17.67
CA VAL B 327 -5.94 -21.00 -19.11
C VAL B 327 -4.67 -20.76 -19.94
N VAL B 328 -3.78 -19.91 -19.44
CA VAL B 328 -2.46 -19.64 -20.10
C VAL B 328 -1.67 -20.96 -20.14
N GLU B 329 -1.62 -21.69 -19.03
CA GLU B 329 -0.88 -22.99 -18.94
C GLU B 329 -1.45 -23.96 -19.97
N ALA B 330 -2.77 -24.09 -20.06
CA ALA B 330 -3.45 -24.98 -21.03
C ALA B 330 -3.01 -24.60 -22.45
N GLU B 331 -2.99 -23.31 -22.76
CA GLU B 331 -2.63 -22.80 -24.11
C GLU B 331 -1.18 -23.19 -24.42
N MET B 332 -0.28 -23.04 -23.45
CA MET B 332 1.15 -23.38 -23.68
C MET B 332 1.27 -24.86 -23.98
N LEU B 333 0.51 -25.72 -23.29
CA LEU B 333 0.51 -27.18 -23.55
C LEU B 333 -0.06 -27.45 -24.94
N ARG B 334 -1.19 -26.81 -25.29
CA ARG B 334 -1.84 -26.94 -26.63
C ARG B 334 -0.82 -26.66 -27.73
N GLN B 335 -0.12 -25.52 -27.62
CA GLN B 335 0.85 -25.05 -28.64
C GLN B 335 2.02 -26.03 -28.73
N ALA B 336 2.49 -26.56 -27.59
CA ALA B 336 3.59 -27.55 -27.54
C ALA B 336 3.15 -28.84 -28.26
N ILE B 337 1.93 -29.30 -28.03
CA ILE B 337 1.38 -30.53 -28.69
C ILE B 337 1.31 -30.29 -30.20
N ALA B 338 1.03 -29.05 -30.63
CA ALA B 338 0.93 -28.64 -32.05
C ALA B 338 2.31 -28.41 -32.67
N GLY B 339 3.38 -28.49 -31.87
CA GLY B 339 4.78 -28.29 -32.31
C GLY B 339 5.10 -26.83 -32.59
N ARG B 340 4.49 -25.89 -31.86
CA ARG B 340 4.61 -24.43 -32.10
C ARG B 340 5.08 -23.69 -30.86
N GLY B 341 5.82 -24.36 -29.98
CA GLY B 341 6.28 -23.79 -28.71
C GLY B 341 6.74 -24.91 -27.81
N LYS B 342 7.69 -24.64 -26.93
CA LYS B 342 8.11 -25.65 -25.93
C LYS B 342 7.38 -25.31 -24.63
N ALA B 343 6.80 -26.32 -23.99
CA ALA B 343 6.10 -26.19 -22.69
C ALA B 343 7.16 -26.26 -21.57
N TRP B 344 7.10 -25.34 -20.62
CA TRP B 344 8.00 -25.34 -19.44
C TRP B 344 7.16 -25.32 -18.17
N PRO B 345 7.49 -26.11 -17.14
CA PRO B 345 8.56 -27.12 -17.21
C PRO B 345 8.03 -28.50 -17.60
N ASP B 346 8.75 -29.21 -18.47
CA ASP B 346 8.46 -30.64 -18.76
C ASP B 346 9.01 -31.47 -17.61
N PHE B 347 8.93 -32.81 -17.70
CA PHE B 347 9.35 -33.71 -16.59
C PHE B 347 10.87 -33.62 -16.35
N THR B 348 11.67 -33.29 -17.37
CA THR B 348 13.15 -33.11 -17.24
C THR B 348 13.41 -31.87 -16.38
N ASP B 349 12.81 -30.75 -16.75
CA ASP B 349 13.00 -29.46 -16.04
C ASP B 349 12.32 -29.57 -14.67
N GLY B 350 11.22 -30.32 -14.57
CA GLY B 350 10.53 -30.58 -13.29
C GLY B 350 11.39 -31.38 -12.34
N LEU B 351 12.15 -32.36 -12.85
CA LEU B 351 13.02 -33.22 -12.02
C LEU B 351 14.09 -32.34 -11.36
N THR B 352 14.63 -31.33 -12.05
CA THR B 352 15.62 -30.39 -11.47
C THR B 352 14.98 -29.70 -10.26
N ILE B 353 13.75 -29.23 -10.40
CA ILE B 353 13.01 -28.54 -9.28
C ILE B 353 12.89 -29.53 -8.10
N GLU B 354 12.55 -30.79 -8.37
CA GLU B 354 12.40 -31.82 -7.31
C GLU B 354 13.75 -31.98 -6.58
N ARG B 355 14.85 -32.03 -7.34
CA ARG B 355 16.20 -32.20 -6.72
C ARG B 355 16.50 -31.00 -5.82
N VAL B 356 16.10 -29.78 -6.22
CA VAL B 356 16.40 -28.56 -5.42
C VAL B 356 15.62 -28.63 -4.10
N ILE B 357 14.31 -28.91 -4.10
CA ILE B 357 13.52 -28.90 -2.84
C ILE B 357 13.98 -30.06 -1.94
N HIS B 358 14.29 -31.23 -2.51
CA HIS B 358 14.77 -32.39 -1.73
C HIS B 358 16.19 -32.13 -1.22
N GLY B 359 17.01 -31.38 -1.98
CA GLY B 359 18.36 -30.96 -1.54
C GLY B 359 18.26 -30.00 -0.36
N MET B 360 17.28 -29.10 -0.37
CA MET B 360 17.03 -28.18 0.77
C MET B 360 16.67 -29.01 2.00
N ALA B 361 15.76 -29.97 1.86
CA ALA B 361 15.31 -30.83 2.97
C ALA B 361 16.53 -31.58 3.53
N THR B 362 17.39 -32.12 2.68
CA THR B 362 18.61 -32.86 3.09
C THR B 362 19.59 -31.91 3.80
N SER B 363 19.82 -30.72 3.24
CA SER B 363 20.71 -29.70 3.83
C SER B 363 20.23 -29.38 5.26
N ALA B 364 18.93 -29.17 5.44
CA ALA B 364 18.33 -28.87 6.76
C ALA B 364 18.54 -30.04 7.73
N GLN B 365 18.44 -31.28 7.25
N GLN B 365 18.43 -31.28 7.25
CA GLN B 365 18.55 -32.50 8.09
CA GLN B 365 18.56 -32.51 8.08
C GLN B 365 20.02 -32.70 8.52
C GLN B 365 20.02 -32.70 8.52
N THR B 366 20.98 -32.51 7.61
CA THR B 366 22.41 -32.81 7.83
C THR B 366 23.19 -31.61 8.38
N GLY B 367 22.64 -30.39 8.26
CA GLY B 367 23.31 -29.14 8.67
C GLY B 367 24.48 -28.82 7.76
N GLN B 368 24.46 -29.30 6.51
CA GLN B 368 25.55 -29.11 5.53
C GLN B 368 24.99 -28.54 4.24
N PRO B 369 25.78 -27.72 3.51
CA PRO B 369 25.38 -27.27 2.18
C PRO B 369 25.20 -28.47 1.24
N VAL B 370 24.34 -28.32 0.24
CA VAL B 370 24.13 -29.33 -0.83
C VAL B 370 24.43 -28.66 -2.17
N ASN B 371 25.29 -29.29 -2.97
CA ASN B 371 25.67 -28.80 -4.33
C ASN B 371 24.85 -29.55 -5.39
N PHE B 372 24.52 -28.86 -6.48
CA PHE B 372 23.82 -29.44 -7.65
C PHE B 372 24.73 -29.34 -8.89
N LYS C 6 19.73 41.04 17.80
CA LYS C 6 19.61 40.53 16.40
C LYS C 6 19.10 39.09 16.37
N ALA C 7 19.37 38.27 17.40
CA ALA C 7 18.57 37.04 17.63
C ALA C 7 17.13 37.48 17.88
N LEU C 8 16.15 36.78 17.31
CA LEU C 8 14.71 37.10 17.47
C LEU C 8 14.26 36.78 18.90
N GLY C 9 13.62 37.74 19.57
CA GLY C 9 13.01 37.54 20.89
C GLY C 9 11.61 36.96 20.76
N VAL C 10 11.35 35.82 21.39
CA VAL C 10 10.09 35.04 21.20
C VAL C 10 9.25 35.08 22.48
N ALA C 11 7.97 35.42 22.33
CA ALA C 11 6.89 35.20 23.31
C ALA C 11 6.03 34.05 22.80
N LEU C 12 5.70 33.09 23.65
CA LEU C 12 4.79 31.96 23.31
C LEU C 12 3.60 32.00 24.26
N ILE C 13 2.39 32.13 23.73
CA ILE C 13 1.12 32.05 24.51
C ILE C 13 0.49 30.69 24.26
N GLY C 14 0.34 29.89 25.31
CA GLY C 14 -0.23 28.53 25.24
C GLY C 14 0.87 27.50 25.13
N THR C 15 0.63 26.30 25.67
CA THR C 15 1.64 25.24 25.82
C THR C 15 1.06 23.86 25.48
N GLY C 16 -0.07 23.81 24.78
CA GLY C 16 -0.79 22.55 24.49
C GLY C 16 -0.27 21.89 23.24
N PHE C 17 -1.18 21.29 22.46
CA PHE C 17 -0.86 20.60 21.18
C PHE C 17 0.04 21.52 20.36
N MET C 18 -0.44 22.73 20.02
CA MET C 18 0.33 23.66 19.14
C MET C 18 1.36 24.44 19.96
N GLY C 19 1.08 24.80 21.21
CA GLY C 19 2.06 25.51 22.05
C GLY C 19 3.38 24.76 22.13
N LYS C 20 3.33 23.45 22.42
CA LYS C 20 4.55 22.62 22.52
C LYS C 20 5.18 22.44 21.14
N CYS C 21 4.36 22.35 20.09
CA CYS C 21 4.82 22.26 18.68
C CYS C 21 5.62 23.51 18.32
N HIS C 22 5.11 24.70 18.63
CA HIS C 22 5.80 25.99 18.37
C HIS C 22 7.10 26.07 19.19
N ALA C 23 7.06 25.66 20.47
CA ALA C 23 8.24 25.69 21.37
C ALA C 23 9.35 24.83 20.75
N MET C 24 9.02 23.64 20.28
CA MET C 24 10.01 22.71 19.68
C MET C 24 10.57 23.33 18.39
N ALA C 25 9.73 24.03 17.62
CA ALA C 25 10.09 24.66 16.33
C ALA C 25 11.07 25.82 16.58
N TRP C 26 10.74 26.71 17.51
CA TRP C 26 11.62 27.86 17.85
C TRP C 26 12.98 27.36 18.35
N ARG C 27 13.00 26.26 19.09
CA ARG C 27 14.25 25.75 19.71
C ARG C 27 15.20 25.18 18.64
N ASN C 28 14.69 24.65 17.53
CA ASN C 28 15.57 23.96 16.54
C ASN C 28 15.61 24.69 15.19
N VAL C 29 14.96 25.85 15.04
CA VAL C 29 14.89 26.51 13.70
C VAL C 29 16.30 26.89 13.25
N ALA C 30 17.18 27.39 14.12
CA ALA C 30 18.58 27.75 13.75
C ALA C 30 19.44 26.49 13.60
N THR C 31 19.16 25.44 14.37
CA THR C 31 19.90 24.14 14.24
C THR C 31 19.74 23.65 12.81
N ALA C 32 18.51 23.65 12.30
CA ALA C 32 18.17 23.19 10.93
C ALA C 32 18.70 24.16 9.88
N PHE C 33 18.42 25.47 10.01
CA PHE C 33 18.52 26.44 8.90
C PHE C 33 19.68 27.42 9.06
N GLY C 34 20.39 27.39 10.19
CA GLY C 34 21.53 28.28 10.44
C GLY C 34 21.09 29.62 11.00
N GLY C 35 22.02 30.58 11.06
CA GLY C 35 21.79 31.89 11.70
C GLY C 35 21.79 31.77 13.21
N LEU C 36 21.22 32.76 13.89
CA LEU C 36 21.20 32.82 15.38
C LEU C 36 19.94 32.15 15.92
N PRO C 37 20.07 31.28 16.96
CA PRO C 37 18.90 30.73 17.63
C PRO C 37 18.04 31.86 18.20
N PRO C 38 16.72 31.89 17.92
CA PRO C 38 15.82 32.80 18.61
C PRO C 38 15.97 32.72 20.13
N ARG C 39 15.86 33.87 20.81
CA ARG C 39 15.84 33.96 22.29
C ARG C 39 14.42 33.63 22.76
N LEU C 40 14.27 32.60 23.59
CA LEU C 40 12.97 32.22 24.19
C LEU C 40 12.79 33.06 25.46
N GLU C 41 12.08 34.18 25.34
CA GLU C 41 12.03 35.24 26.38
C GLU C 41 10.92 34.96 27.39
N VAL C 42 9.68 34.81 26.93
CA VAL C 42 8.52 34.68 27.86
C VAL C 42 7.50 33.68 27.32
N LEU C 43 7.09 32.78 28.20
CA LEU C 43 6.00 31.80 28.00
C LEU C 43 4.81 32.25 28.85
N ALA C 44 3.63 32.38 28.25
CA ALA C 44 2.38 32.73 28.96
C ALA C 44 1.43 31.53 28.92
N ASP C 45 0.94 31.12 30.08
CA ASP C 45 -0.03 30.01 30.23
C ASP C 45 -0.77 30.23 31.56
N MET C 46 -1.83 29.48 31.80
CA MET C 46 -2.60 29.56 33.06
C MET C 46 -2.85 28.14 33.60
N PRO C 47 -2.76 27.92 34.93
CA PRO C 47 -2.38 28.97 35.88
C PRO C 47 -0.87 29.21 35.94
N ALA C 48 -0.45 30.17 36.78
CA ALA C 48 0.95 30.64 36.92
C ALA C 48 1.89 29.45 37.13
N ASP C 49 1.52 28.50 38.00
CA ASP C 49 2.43 27.39 38.40
C ASP C 49 2.80 26.56 37.16
N LYS C 50 1.86 26.38 36.23
CA LYS C 50 2.08 25.62 34.96
C LYS C 50 2.95 26.45 34.00
N ALA C 51 2.73 27.75 33.90
CA ALA C 51 3.56 28.67 33.09
C ALA C 51 5.02 28.60 33.59
N HIS C 52 5.23 28.60 34.90
CA HIS C 52 6.60 28.57 35.50
C HIS C 52 7.25 27.21 35.21
N SER C 53 6.49 26.12 35.38
CA SER C 53 6.96 24.73 35.16
C SER C 53 7.39 24.56 33.71
N LEU C 54 6.54 24.98 32.77
CA LEU C 54 6.77 24.74 31.32
C LEU C 54 7.79 25.75 30.76
N ALA C 55 7.88 26.96 31.32
CA ALA C 55 8.96 27.91 30.95
C ALA C 55 10.31 27.25 31.24
N SER C 56 10.42 26.54 32.36
CA SER C 56 11.68 25.86 32.77
C SER C 56 12.01 24.72 31.79
N SER C 57 11.07 23.82 31.51
CA SER C 57 11.33 22.63 30.66
C SER C 57 11.42 23.02 29.17
N PHE C 58 10.71 24.06 28.73
CA PHE C 58 10.75 24.56 27.32
C PHE C 58 11.96 25.49 27.10
N GLY C 59 12.59 25.97 28.18
CA GLY C 59 13.80 26.80 28.12
C GLY C 59 13.51 28.27 27.84
N PHE C 60 12.34 28.76 28.24
CA PHE C 60 12.00 30.21 28.20
C PHE C 60 12.58 30.87 29.46
N ALA C 61 13.08 32.10 29.32
CA ALA C 61 13.74 32.87 30.39
C ALA C 61 12.76 33.07 31.56
N ARG C 62 11.46 33.19 31.28
CA ARG C 62 10.45 33.35 32.36
C ARG C 62 9.06 32.94 31.87
N GLY C 63 8.23 32.50 32.82
CA GLY C 63 6.81 32.19 32.61
C GLY C 63 5.93 33.22 33.28
N THR C 64 4.74 33.46 32.74
CA THR C 64 3.73 34.38 33.32
C THR C 64 2.33 33.84 33.07
N ALA C 65 1.38 34.17 33.94
CA ALA C 65 -0.05 33.89 33.76
C ALA C 65 -0.75 35.08 33.10
N ASP C 66 -0.01 36.14 32.77
CA ASP C 66 -0.55 37.38 32.16
C ASP C 66 -0.01 37.53 30.74
N TRP C 67 -0.75 37.03 29.74
CA TRP C 67 -0.33 37.09 28.31
C TRP C 67 -0.15 38.55 27.87
N ARG C 68 -0.90 39.50 28.43
CA ARG C 68 -0.84 40.93 28.00
C ARG C 68 0.55 41.51 28.32
N GLU C 69 1.13 41.19 29.47
CA GLU C 69 2.51 41.60 29.87
C GLU C 69 3.50 40.97 28.89
N ALA C 70 3.28 39.70 28.52
CA ALA C 70 4.18 38.91 27.64
C ALA C 70 4.28 39.58 26.26
N VAL C 71 3.17 39.98 25.65
CA VAL C 71 3.17 40.55 24.27
C VAL C 71 3.68 41.99 24.32
N SER C 72 3.77 42.61 25.51
CA SER C 72 4.21 44.02 25.70
C SER C 72 5.70 44.09 26.10
N ASP C 73 6.36 42.94 26.31
CA ASP C 73 7.76 42.86 26.78
C ASP C 73 8.68 43.45 25.72
N PRO C 74 9.58 44.39 26.06
CA PRO C 74 10.46 45.01 25.05
C PRO C 74 11.49 44.04 24.47
N ALA C 75 11.78 42.95 25.19
CA ALA C 75 12.72 41.88 24.78
C ALA C 75 12.06 40.93 23.77
N VAL C 76 10.75 41.09 23.53
CA VAL C 76 9.95 40.24 22.59
C VAL C 76 9.84 40.96 21.24
N ASP C 77 10.09 40.24 20.14
CA ASP C 77 9.94 40.75 18.74
C ASP C 77 8.78 40.05 18.03
N VAL C 78 8.51 38.79 18.38
CA VAL C 78 7.53 37.91 17.67
C VAL C 78 6.74 37.13 18.72
N VAL C 79 5.45 36.94 18.48
CA VAL C 79 4.52 36.23 19.42
C VAL C 79 3.92 35.03 18.70
N SER C 80 4.14 33.83 19.24
CA SER C 80 3.40 32.60 18.87
C SER C 80 2.09 32.56 19.67
N ILE C 81 0.95 32.51 18.99
CA ILE C 81 -0.38 32.47 19.65
C ILE C 81 -1.01 31.11 19.37
N THR C 82 -1.08 30.25 20.38
CA THR C 82 -1.55 28.84 20.26
C THR C 82 -2.71 28.59 21.23
N THR C 83 -3.48 29.63 21.52
CA THR C 83 -4.63 29.56 22.45
C THR C 83 -5.87 29.14 21.68
N PRO C 84 -6.98 28.80 22.36
CA PRO C 84 -8.24 28.47 21.71
C PRO C 84 -8.76 29.56 20.76
N ASN C 85 -9.52 29.15 19.75
CA ASN C 85 -9.98 29.98 18.60
C ASN C 85 -10.62 31.29 19.10
N GLY C 86 -11.39 31.23 20.19
CA GLY C 86 -12.14 32.38 20.72
C GLY C 86 -11.23 33.50 21.21
N LEU C 87 -9.95 33.21 21.46
CA LEU C 87 -8.97 34.17 22.03
C LEU C 87 -8.02 34.74 20.96
N HIS C 88 -8.07 34.22 19.73
CA HIS C 88 -7.11 34.61 18.66
C HIS C 88 -7.19 36.11 18.36
N ARG C 89 -8.40 36.62 18.15
CA ARG C 89 -8.58 38.02 17.71
C ARG C 89 -8.00 38.96 18.77
N GLU C 90 -8.36 38.78 20.04
CA GLU C 90 -7.93 39.67 21.14
C GLU C 90 -6.39 39.64 21.24
N MET C 91 -5.80 38.46 21.18
CA MET C 91 -4.33 38.29 21.43
C MET C 91 -3.54 38.78 20.21
N ALA C 92 -3.99 38.49 18.99
CA ALA C 92 -3.32 38.94 17.74
C ALA C 92 -3.35 40.46 17.66
N GLU C 93 -4.50 41.07 17.93
CA GLU C 93 -4.68 42.55 17.85
C GLU C 93 -3.78 43.23 18.89
N ALA C 94 -3.70 42.69 20.11
CA ALA C 94 -2.85 43.24 21.20
C ALA C 94 -1.39 43.13 20.81
N ALA C 95 -0.97 41.98 20.27
CA ALA C 95 0.43 41.73 19.82
C ALA C 95 0.81 42.73 18.71
N LEU C 96 -0.02 42.91 17.70
CA LEU C 96 0.26 43.84 16.55
C LEU C 96 0.29 45.27 17.07
N ALA C 97 -0.63 45.64 17.97
CA ALA C 97 -0.75 47.00 18.56
C ALA C 97 0.53 47.33 19.34
N ALA C 98 1.17 46.33 19.94
CA ALA C 98 2.44 46.45 20.70
C ALA C 98 3.65 46.39 19.76
N GLY C 99 3.42 46.29 18.45
CA GLY C 99 4.46 46.31 17.41
C GLY C 99 5.20 44.98 17.29
N LYS C 100 4.53 43.86 17.58
CA LYS C 100 5.15 42.50 17.49
C LYS C 100 4.69 41.80 16.22
N HIS C 101 5.60 41.04 15.59
CA HIS C 101 5.26 40.08 14.50
C HIS C 101 4.45 38.96 15.12
N VAL C 102 3.57 38.31 14.36
CA VAL C 102 2.62 37.32 14.95
C VAL C 102 2.63 36.02 14.14
N TRP C 103 2.80 34.92 14.85
CA TRP C 103 2.60 33.53 14.37
C TRP C 103 1.31 33.02 15.00
N LEU C 104 0.22 33.05 14.25
CA LEU C 104 -1.14 32.76 14.78
C LEU C 104 -1.59 31.38 14.31
N GLU C 105 -2.11 30.58 15.22
CA GLU C 105 -2.69 29.26 14.87
C GLU C 105 -4.00 29.47 14.10
N LYS C 106 -4.36 28.49 13.29
CA LYS C 106 -5.61 28.48 12.49
C LYS C 106 -6.76 27.99 13.37
N PRO C 107 -8.02 28.27 12.99
CA PRO C 107 -8.34 29.30 12.00
C PRO C 107 -8.09 30.68 12.63
N MET C 108 -8.25 31.77 11.87
CA MET C 108 -7.92 33.14 12.34
C MET C 108 -8.78 33.48 13.56
N ALA C 109 -10.10 33.27 13.47
CA ALA C 109 -11.06 33.60 14.55
C ALA C 109 -12.36 32.83 14.31
N LEU C 110 -13.46 33.21 14.98
CA LEU C 110 -14.74 32.49 14.88
C LEU C 110 -15.57 32.99 13.69
N SER C 111 -15.36 34.23 13.24
CA SER C 111 -16.20 34.86 12.18
C SER C 111 -15.33 35.55 11.13
N VAL C 112 -15.90 35.79 9.94
CA VAL C 112 -15.27 36.59 8.86
C VAL C 112 -15.12 38.03 9.36
N GLU C 113 -16.11 38.55 10.10
CA GLU C 113 -16.06 39.92 10.69
C GLU C 113 -14.79 40.05 11.55
N ASP C 114 -14.51 39.07 12.42
CA ASP C 114 -13.30 39.06 13.29
C ASP C 114 -12.04 39.04 12.42
N ALA C 115 -12.00 38.18 11.41
CA ALA C 115 -10.82 38.01 10.51
C ALA C 115 -10.56 39.32 9.77
N GLN C 116 -11.61 40.01 9.30
CA GLN C 116 -11.51 41.30 8.56
C GLN C 116 -10.85 42.35 9.46
N ALA C 117 -11.26 42.42 10.73
CA ALA C 117 -10.68 43.36 11.74
C ALA C 117 -9.21 43.04 11.97
N MET C 118 -8.86 41.75 12.09
CA MET C 118 -7.47 41.30 12.31
C MET C 118 -6.61 41.60 11.08
N GLU C 119 -7.17 41.42 9.88
CA GLU C 119 -6.48 41.69 8.60
C GLU C 119 -6.14 43.20 8.52
N ALA C 120 -7.08 44.06 8.93
CA ALA C 120 -6.90 45.53 8.95
C ALA C 120 -5.82 45.90 9.98
N ALA C 121 -5.88 45.28 11.16
CA ALA C 121 -4.91 45.52 12.26
C ALA C 121 -3.50 45.15 11.81
N ALA C 122 -3.34 44.05 11.05
CA ALA C 122 -2.03 43.57 10.58
C ALA C 122 -1.44 44.54 9.56
N ARG C 123 -2.25 45.01 8.61
CA ARG C 123 -1.80 46.00 7.58
C ARG C 123 -1.38 47.30 8.30
N ALA C 124 -2.17 47.75 9.28
CA ALA C 124 -1.93 49.01 10.04
C ALA C 124 -0.62 48.93 10.84
N SER C 125 -0.19 47.73 11.25
CA SER C 125 0.93 47.52 12.19
C SER C 125 2.28 47.52 11.47
N ASP C 126 2.30 47.22 10.16
CA ASP C 126 3.53 47.02 9.35
C ASP C 126 4.44 45.96 10.01
N ARG C 127 3.83 44.95 10.63
N ARG C 127 3.83 44.94 10.62
CA ARG C 127 4.51 43.75 11.20
CA ARG C 127 4.56 43.76 11.17
C ARG C 127 4.18 42.54 10.32
C ARG C 127 4.17 42.54 10.34
N ARG C 128 5.03 41.52 10.32
CA ARG C 128 4.81 40.28 9.55
C ARG C 128 3.82 39.40 10.33
N THR C 129 2.99 38.66 9.60
CA THR C 129 2.06 37.66 10.17
C THR C 129 2.19 36.39 9.34
N ILE C 130 1.98 35.25 9.99
CA ILE C 130 1.82 33.95 9.31
C ILE C 130 0.79 33.15 10.11
N ILE C 131 -0.05 32.38 9.42
CA ILE C 131 -1.06 31.50 10.08
C ILE C 131 -0.56 30.06 9.98
N GLY C 132 -0.82 29.27 11.02
CA GLY C 132 -0.22 27.93 11.26
C GLY C 132 -0.77 26.85 10.34
N TYR C 133 -0.86 27.10 9.03
CA TYR C 133 -1.28 26.09 8.02
C TYR C 133 -0.10 25.18 7.69
N ASN C 134 0.28 24.32 8.65
CA ASN C 134 1.56 23.57 8.64
C ASN C 134 1.58 22.49 7.55
N TYR C 135 0.44 22.06 7.00
CA TYR C 135 0.42 21.00 5.96
C TYR C 135 0.93 21.53 4.63
N THR C 136 1.14 22.84 4.50
CA THR C 136 1.76 23.44 3.29
C THR C 136 3.29 23.45 3.40
N ARG C 137 3.86 22.89 4.48
CA ARG C 137 5.32 22.97 4.75
C ARG C 137 6.02 21.64 4.52
N SER C 138 5.32 20.52 4.30
CA SER C 138 6.00 19.22 4.08
C SER C 138 6.84 19.30 2.81
N PRO C 139 8.01 18.63 2.79
CA PRO C 139 8.79 18.52 1.56
C PRO C 139 7.96 17.97 0.39
N ALA C 140 7.10 16.97 0.64
CA ALA C 140 6.26 16.35 -0.42
C ALA C 140 5.32 17.42 -1.01
N PHE C 141 4.62 18.17 -0.16
CA PHE C 141 3.68 19.21 -0.64
C PHE C 141 4.44 20.26 -1.47
N ARG C 142 5.56 20.75 -0.95
CA ARG C 142 6.33 21.83 -1.61
C ARG C 142 6.89 21.31 -2.93
N ALA C 143 7.30 20.04 -2.97
CA ALA C 143 7.81 19.38 -4.20
C ALA C 143 6.68 19.31 -5.23
N ALA C 144 5.46 19.01 -4.80
CA ALA C 144 4.27 18.90 -5.68
C ALA C 144 3.98 20.26 -6.33
N VAL C 145 4.02 21.34 -5.54
CA VAL C 145 3.77 22.71 -6.07
C VAL C 145 4.82 23.00 -7.14
N ASP C 146 6.09 22.68 -6.88
CA ASP C 146 7.19 22.94 -7.85
C ASP C 146 6.99 22.07 -9.10
N LEU C 147 6.58 20.81 -8.95
CA LEU C 147 6.33 19.92 -10.12
C LEU C 147 5.21 20.51 -10.98
N ILE C 148 4.14 21.03 -10.37
CA ILE C 148 3.03 21.62 -11.16
C ILE C 148 3.58 22.86 -11.90
N ALA C 149 4.41 23.68 -11.26
CA ALA C 149 4.98 24.91 -11.86
C ALA C 149 5.89 24.56 -13.04
N GLU C 150 6.53 23.39 -13.03
CA GLU C 150 7.45 22.92 -14.09
C GLU C 150 6.67 22.20 -15.20
N GLY C 151 5.34 22.15 -15.13
CA GLY C 151 4.49 21.51 -16.14
C GLY C 151 4.57 19.99 -16.11
N ALA C 152 4.97 19.40 -14.98
CA ALA C 152 5.15 17.93 -14.84
C ALA C 152 3.83 17.18 -15.09
N ILE C 153 2.67 17.79 -14.82
CA ILE C 153 1.36 17.13 -15.08
C ILE C 153 0.55 17.94 -16.10
N GLY C 154 1.21 18.81 -16.86
CA GLY C 154 0.52 19.66 -17.84
C GLY C 154 -0.41 20.65 -17.15
N ARG C 155 -1.62 20.83 -17.65
CA ARG C 155 -2.59 21.81 -17.11
C ARG C 155 -3.52 21.08 -16.13
N PRO C 156 -3.61 21.53 -14.85
CA PRO C 156 -4.57 20.95 -13.91
C PRO C 156 -6.01 21.02 -14.45
N ILE C 157 -6.74 19.91 -14.39
CA ILE C 157 -8.15 19.80 -14.88
C ILE C 157 -9.09 19.38 -13.76
N HIS C 158 -8.58 18.82 -12.65
CA HIS C 158 -9.45 18.44 -11.51
C HIS C 158 -8.64 18.33 -10.22
N PHE C 159 -9.25 18.79 -9.14
CA PHE C 159 -8.74 18.64 -7.75
C PHE C 159 -9.74 17.81 -6.96
N ARG C 160 -9.26 16.83 -6.20
CA ARG C 160 -10.11 16.11 -5.22
C ARG C 160 -9.36 16.07 -3.90
N GLY C 161 -9.98 16.59 -2.85
CA GLY C 161 -9.35 16.69 -1.53
C GLY C 161 -10.30 16.29 -0.42
N MET C 162 -9.73 15.73 0.64
CA MET C 162 -10.49 15.33 1.83
C MET C 162 -9.61 15.58 3.06
N TYR C 163 -10.24 15.74 4.21
CA TYR C 163 -9.53 15.78 5.50
C TYR C 163 -10.41 15.09 6.54
N ASP C 164 -10.16 13.79 6.71
CA ASP C 164 -10.93 12.92 7.63
C ASP C 164 -10.13 12.69 8.91
N GLU C 165 -10.77 12.91 10.06
CA GLU C 165 -10.28 12.46 11.39
C GLU C 165 -11.49 11.94 12.16
N ASP C 166 -11.27 11.25 13.29
CA ASP C 166 -12.39 10.65 14.05
C ASP C 166 -12.36 11.08 15.52
N TYR C 167 -11.76 12.22 15.85
CA TYR C 167 -11.59 12.63 17.28
C TYR C 167 -12.94 12.97 17.92
N MET C 168 -14.01 13.19 17.14
CA MET C 168 -15.38 13.41 17.70
C MET C 168 -16.32 12.26 17.35
N ALA C 169 -15.82 11.14 16.82
CA ALA C 169 -16.69 10.02 16.37
C ALA C 169 -17.42 9.38 17.57
N ASP C 170 -16.77 9.32 18.74
CA ASP C 170 -17.37 8.72 19.97
C ASP C 170 -18.51 9.61 20.44
N PRO C 171 -19.78 9.14 20.37
CA PRO C 171 -20.92 9.96 20.79
C PRO C 171 -20.92 10.28 22.29
N ASP C 172 -20.15 9.53 23.10
CA ASP C 172 -20.07 9.72 24.57
C ASP C 172 -19.12 10.87 24.93
N LEU C 173 -18.30 11.36 23.99
CA LEU C 173 -17.38 12.48 24.28
C LEU C 173 -18.21 13.69 24.68
N PRO C 174 -17.87 14.37 25.79
CA PRO C 174 -18.73 15.40 26.37
C PRO C 174 -18.90 16.60 25.43
N TRP C 175 -20.03 17.29 25.59
CA TRP C 175 -20.33 18.61 24.98
C TRP C 175 -19.29 19.61 25.50
N SER C 176 -18.91 20.57 24.66
CA SER C 176 -18.02 21.71 25.02
C SER C 176 -18.53 22.97 24.34
N TRP C 177 -18.01 24.13 24.75
CA TRP C 177 -18.37 25.44 24.16
C TRP C 177 -17.92 25.51 22.70
N ALA C 178 -16.95 24.68 22.30
CA ALA C 178 -16.45 24.58 20.91
C ALA C 178 -17.56 24.11 19.96
N LEU C 179 -18.61 23.47 20.49
CA LEU C 179 -19.72 22.89 19.67
C LEU C 179 -20.90 23.86 19.58
N THR C 180 -20.77 25.09 20.10
CA THR C 180 -21.73 26.20 19.87
C THR C 180 -21.22 27.06 18.72
N ARG C 181 -22.13 27.66 17.96
CA ARG C 181 -21.76 28.57 16.86
C ARG C 181 -21.17 29.86 17.44
N LYS C 182 -21.74 30.38 18.52
CA LYS C 182 -21.34 31.70 19.09
C LYS C 182 -19.92 31.59 19.66
N ASP C 183 -19.62 30.54 20.43
CA ASP C 183 -18.35 30.42 21.19
C ASP C 183 -17.38 29.45 20.49
N GLY C 184 -17.88 28.60 19.58
CA GLY C 184 -17.06 27.59 18.88
C GLY C 184 -16.83 27.92 17.42
N GLY C 185 -17.70 28.72 16.81
CA GLY C 185 -17.66 29.02 15.36
C GLY C 185 -18.03 27.79 14.55
N LEU C 186 -17.31 27.52 13.47
CA LEU C 186 -17.59 26.35 12.60
C LEU C 186 -17.11 25.08 13.30
N GLY C 187 -17.58 23.92 12.83
CA GLY C 187 -17.17 22.61 13.34
C GLY C 187 -16.00 22.08 12.54
N ALA C 188 -16.22 20.99 11.79
CA ALA C 188 -15.19 20.32 10.98
C ALA C 188 -14.56 21.30 9.99
N LEU C 189 -15.32 22.26 9.45
CA LEU C 189 -14.80 23.26 8.48
C LEU C 189 -13.75 24.15 9.15
N GLY C 190 -13.96 24.51 10.42
CA GLY C 190 -13.01 25.35 11.19
C GLY C 190 -11.82 24.57 11.70
N ASP C 191 -12.02 23.30 12.09
CA ASP C 191 -10.93 22.45 12.66
C ASP C 191 -10.04 21.92 11.53
N LEU C 192 -10.65 21.40 10.46
CA LEU C 192 -9.95 20.62 9.40
C LEU C 192 -10.11 21.28 8.02
N GLY C 193 -11.31 21.78 7.71
CA GLY C 193 -11.62 22.34 6.38
C GLY C 193 -10.64 23.43 5.99
N CYS C 194 -10.28 24.33 6.91
CA CYS C 194 -9.38 25.46 6.60
C CYS C 194 -8.01 24.93 6.16
N HIS C 195 -7.52 23.86 6.79
CA HIS C 195 -6.25 23.19 6.39
C HIS C 195 -6.35 22.72 4.94
N LEU C 196 -7.44 22.04 4.60
CA LEU C 196 -7.61 21.52 3.23
C LEU C 196 -7.69 22.70 2.26
N VAL C 197 -8.35 23.81 2.63
CA VAL C 197 -8.39 25.02 1.75
C VAL C 197 -6.96 25.55 1.56
N SER C 198 -6.15 25.62 2.62
CA SER C 198 -4.77 26.17 2.55
C SER C 198 -3.95 25.40 1.51
N VAL C 199 -4.13 24.08 1.47
CA VAL C 199 -3.40 23.18 0.53
C VAL C 199 -4.01 23.33 -0.87
N MET C 200 -5.34 23.27 -0.97
CA MET C 200 -6.09 23.29 -2.25
C MET C 200 -5.76 24.58 -3.02
N VAL C 201 -5.82 25.76 -2.40
CA VAL C 201 -5.64 27.04 -3.13
C VAL C 201 -4.15 27.22 -3.48
N SER C 202 -3.25 26.61 -2.71
CA SER C 202 -1.79 26.61 -3.01
C SER C 202 -1.52 25.79 -4.27
N LEU C 203 -2.31 24.76 -4.54
CA LEU C 203 -2.16 23.87 -5.72
C LEU C 203 -2.92 24.44 -6.92
N MET C 204 -4.15 24.92 -6.71
CA MET C 204 -5.13 25.18 -7.80
C MET C 204 -5.40 26.69 -7.98
N GLY C 205 -4.89 27.53 -7.10
CA GLY C 205 -5.22 28.97 -7.11
C GLY C 205 -6.55 29.22 -6.41
N PRO C 206 -7.07 30.48 -6.49
CA PRO C 206 -8.24 30.86 -5.71
C PRO C 206 -9.55 30.16 -6.13
N VAL C 207 -10.45 30.07 -5.16
CA VAL C 207 -11.83 29.52 -5.31
C VAL C 207 -12.75 30.62 -5.85
N ALA C 208 -13.54 30.31 -6.88
CA ALA C 208 -14.52 31.23 -7.48
C ALA C 208 -15.93 30.92 -6.96
N ARG C 209 -16.27 29.64 -6.78
CA ARG C 209 -17.64 29.21 -6.41
C ARG C 209 -17.58 27.94 -5.58
N VAL C 210 -18.48 27.81 -4.61
CA VAL C 210 -18.68 26.53 -3.87
C VAL C 210 -20.18 26.22 -3.83
N TYR C 211 -20.51 24.93 -3.88
CA TYR C 211 -21.83 24.40 -3.52
C TYR C 211 -21.60 23.31 -2.49
N ALA C 212 -22.15 23.46 -1.28
CA ALA C 212 -21.79 22.60 -0.14
C ALA C 212 -23.02 21.95 0.49
N GLN C 213 -22.75 20.83 1.17
CA GLN C 213 -23.68 20.08 2.04
C GLN C 213 -22.94 19.86 3.36
N ALA C 214 -23.65 19.79 4.47
CA ALA C 214 -23.04 19.57 5.79
C ALA C 214 -24.02 18.77 6.65
N ASP C 215 -23.49 18.09 7.66
CA ASP C 215 -24.33 17.33 8.61
C ASP C 215 -23.73 17.42 9.99
N THR C 216 -24.61 17.51 11.00
CA THR C 216 -24.29 17.17 12.40
C THR C 216 -24.79 15.74 12.60
N VAL C 217 -23.89 14.77 12.77
CA VAL C 217 -24.33 13.33 12.82
C VAL C 217 -24.54 12.94 14.29
N ILE C 218 -23.81 13.54 15.24
CA ILE C 218 -24.10 13.41 16.70
C ILE C 218 -24.61 14.77 17.18
N THR C 219 -25.93 14.90 17.37
CA THR C 219 -26.61 16.19 17.59
C THR C 219 -26.69 16.54 19.07
N ASP C 220 -26.55 15.57 19.97
CA ASP C 220 -26.62 15.79 21.44
C ASP C 220 -25.50 15.02 22.12
N ARG C 221 -24.82 15.64 23.08
CA ARG C 221 -23.69 15.04 23.81
C ARG C 221 -23.87 15.25 25.31
N PRO C 222 -23.27 14.38 26.15
CA PRO C 222 -23.38 14.53 27.60
C PRO C 222 -22.88 15.89 28.08
N HIS C 223 -23.60 16.46 29.05
CA HIS C 223 -23.33 17.80 29.64
C HIS C 223 -23.95 17.84 31.05
N GLN C 224 -23.13 18.00 32.09
CA GLN C 224 -23.59 18.03 33.50
C GLN C 224 -24.29 16.69 33.77
N GLY C 225 -25.55 16.73 34.25
CA GLY C 225 -26.37 15.52 34.48
C GLY C 225 -26.99 14.99 33.21
N GLY C 226 -27.11 15.81 32.16
CA GLY C 226 -27.91 15.49 30.96
C GLY C 226 -27.14 15.71 29.67
N THR C 227 -27.79 16.31 28.67
CA THR C 227 -27.22 16.50 27.31
C THR C 227 -27.39 17.95 26.86
N ALA C 228 -26.57 18.37 25.89
CA ALA C 228 -26.62 19.69 25.24
C ALA C 228 -26.48 19.50 23.72
N ARG C 229 -27.08 20.41 22.96
CA ARG C 229 -27.17 20.35 21.48
C ARG C 229 -25.82 20.75 20.87
N VAL C 230 -25.33 19.94 19.94
CA VAL C 230 -24.18 20.26 19.05
C VAL C 230 -24.72 21.13 17.91
N GLU C 231 -24.21 22.36 17.76
CA GLU C 231 -24.77 23.36 16.83
C GLU C 231 -23.99 23.45 15.53
N ASN C 232 -22.76 22.92 15.47
CA ASN C 232 -21.94 23.04 14.23
C ASN C 232 -21.71 21.64 13.63
N GLU C 233 -21.18 21.63 12.40
CA GLU C 233 -21.18 20.45 11.50
C GLU C 233 -20.08 19.47 11.92
N ASP C 234 -20.38 18.17 11.85
CA ASP C 234 -19.40 17.08 12.04
C ASP C 234 -18.68 16.78 10.72
N GLN C 235 -19.35 17.06 9.59
CA GLN C 235 -18.80 16.77 8.24
C GLN C 235 -19.39 17.76 7.24
N ALA C 236 -18.64 18.07 6.20
CA ALA C 236 -19.09 18.93 5.10
C ALA C 236 -18.41 18.50 3.80
N GLN C 237 -19.10 18.67 2.69
CA GLN C 237 -18.57 18.36 1.33
C GLN C 237 -18.95 19.53 0.43
N ALA C 238 -18.12 19.80 -0.58
CA ALA C 238 -18.39 20.89 -1.53
C ALA C 238 -17.88 20.53 -2.92
N LEU C 239 -18.61 20.97 -3.94
CA LEU C 239 -18.07 21.09 -5.32
C LEU C 239 -17.47 22.47 -5.44
N ILE C 240 -16.29 22.53 -6.07
CA ILE C 240 -15.48 23.77 -6.22
C ILE C 240 -15.44 24.13 -7.69
N ARG C 241 -15.57 25.42 -7.98
CA ARG C 241 -15.10 25.98 -9.28
C ARG C 241 -14.00 26.99 -8.94
N PHE C 242 -12.79 26.79 -9.47
CA PHE C 242 -11.63 27.69 -9.23
C PHE C 242 -11.72 28.89 -10.18
N ALA C 243 -11.03 29.97 -9.84
CA ALA C 243 -10.93 31.19 -10.67
C ALA C 243 -10.42 30.82 -12.07
N SER C 244 -9.58 29.80 -12.17
CA SER C 244 -9.00 29.25 -13.44
C SER C 244 -10.08 28.58 -14.30
N GLY C 245 -11.25 28.27 -13.71
CA GLY C 245 -12.34 27.54 -14.38
C GLY C 245 -12.30 26.04 -14.11
N THR C 246 -11.27 25.56 -13.41
CA THR C 246 -11.07 24.12 -13.10
C THR C 246 -12.07 23.70 -12.02
N SER C 247 -12.43 22.41 -11.99
CA SER C 247 -13.39 21.82 -11.02
C SER C 247 -12.63 21.26 -9.81
N GLY C 248 -13.32 21.17 -8.68
CA GLY C 248 -12.76 20.57 -7.45
C GLY C 248 -13.81 19.80 -6.68
N GLU C 249 -13.36 18.82 -5.91
CA GLU C 249 -14.16 18.12 -4.88
C GLU C 249 -13.45 18.34 -3.55
N PHE C 250 -14.23 18.56 -2.50
CA PHE C 250 -13.75 19.00 -1.18
C PHE C 250 -14.60 18.33 -0.11
N SER C 251 -13.97 17.81 0.94
CA SER C 251 -14.71 17.34 2.13
C SER C 251 -13.84 17.45 3.36
N CYS C 252 -14.49 17.46 4.53
CA CYS C 252 -13.80 17.29 5.81
C CYS C 252 -14.78 16.61 6.77
N SER C 253 -14.24 15.97 7.80
CA SER C 253 -15.05 15.26 8.81
C SER C 253 -14.24 15.06 10.09
N ARG C 254 -14.90 15.26 11.23
CA ARG C 254 -14.31 14.96 12.56
C ARG C 254 -14.92 13.67 13.11
N VAL C 255 -15.69 12.92 12.31
CA VAL C 255 -16.39 11.68 12.77
C VAL C 255 -16.12 10.53 11.79
N ALA C 256 -15.06 10.59 10.99
CA ALA C 256 -14.75 9.57 9.97
C ALA C 256 -13.92 8.46 10.62
N ARG C 257 -14.57 7.37 11.02
CA ARG C 257 -13.97 6.32 11.89
C ARG C 257 -12.76 5.66 11.23
N GLY C 258 -11.64 5.64 11.95
CA GLY C 258 -10.41 4.95 11.53
C GLY C 258 -9.37 5.92 11.01
N TYR C 259 -9.78 7.14 10.66
CA TYR C 259 -8.87 8.18 10.14
C TYR C 259 -8.40 9.06 11.30
N ARG C 260 -7.11 9.41 11.28
CA ARG C 260 -6.46 10.14 12.40
C ARG C 260 -5.90 11.47 11.91
N CYS C 261 -5.39 11.52 10.68
CA CYS C 261 -4.83 12.76 10.09
C CYS C 261 -4.88 12.66 8.58
N ARG C 262 -6.03 12.25 8.04
CA ARG C 262 -6.17 11.87 6.61
C ARG C 262 -6.50 13.11 5.78
N LEU C 263 -5.56 14.06 5.71
CA LEU C 263 -5.58 15.16 4.73
C LEU C 263 -4.99 14.57 3.45
N ALA C 264 -5.85 14.27 2.48
CA ALA C 264 -5.46 13.56 1.25
C ALA C 264 -5.93 14.39 0.07
N TRP C 265 -5.09 14.55 -0.94
CA TRP C 265 -5.48 15.38 -2.10
C TRP C 265 -4.90 14.79 -3.38
N GLU C 266 -5.46 15.23 -4.48
CA GLU C 266 -5.10 14.71 -5.80
C GLU C 266 -5.30 15.82 -6.81
N VAL C 267 -4.31 16.04 -7.68
CA VAL C 267 -4.43 17.00 -8.81
C VAL C 267 -4.29 16.19 -10.09
N GLN C 268 -5.34 16.16 -10.89
CA GLN C 268 -5.34 15.50 -12.21
C GLN C 268 -5.06 16.56 -13.27
N GLY C 269 -4.07 16.33 -14.13
CA GLY C 269 -3.68 17.27 -15.18
C GLY C 269 -3.83 16.65 -16.55
N THR C 270 -3.65 17.45 -17.60
CA THR C 270 -3.71 16.98 -19.00
C THR C 270 -2.56 16.01 -19.29
N GLU C 271 -1.47 16.04 -18.51
CA GLU C 271 -0.27 15.22 -18.82
C GLU C 271 0.23 14.45 -17.59
N GLY C 272 -0.59 14.30 -16.57
CA GLY C 272 -0.20 13.49 -15.40
C GLY C 272 -1.11 13.72 -14.22
N THR C 273 -0.82 13.07 -13.11
CA THR C 273 -1.60 13.12 -11.87
C THR C 273 -0.63 13.13 -10.70
N LEU C 274 -0.90 13.96 -9.69
CA LEU C 274 -0.19 13.96 -8.39
C LEU C 274 -1.19 13.56 -7.29
N ARG C 275 -0.76 12.71 -6.35
CA ARG C 275 -1.65 12.22 -5.27
C ARG C 275 -0.85 12.14 -3.98
N PHE C 276 -1.47 12.50 -2.86
CA PHE C 276 -0.81 12.62 -1.54
C PHE C 276 -1.81 12.28 -0.42
N ASP C 277 -1.30 11.67 0.64
CA ASP C 277 -2.06 11.36 1.88
C ASP C 277 -1.15 11.67 3.07
N GLN C 278 -1.55 12.64 3.89
CA GLN C 278 -0.77 13.12 5.08
C GLN C 278 -0.50 11.98 6.06
N GLU C 279 -1.32 10.92 6.10
CA GLU C 279 -1.04 9.79 7.04
C GLU C 279 0.24 9.05 6.59
N ARG C 280 0.64 9.22 5.32
CA ARG C 280 1.94 8.78 4.77
C ARG C 280 2.63 10.00 4.15
N MET C 281 3.01 10.96 4.98
CA MET C 281 3.41 12.31 4.51
C MET C 281 4.74 12.28 3.77
N ASN C 282 5.44 11.13 3.74
CA ASN C 282 6.77 11.02 3.06
C ASN C 282 6.63 10.43 1.67
N GLU C 283 5.41 10.26 1.15
CA GLU C 283 5.18 9.68 -0.19
C GLU C 283 4.38 10.66 -1.05
N LEU C 284 4.86 10.89 -2.27
CA LEU C 284 4.15 11.68 -3.30
C LEU C 284 4.02 10.77 -4.53
N TRP C 285 2.80 10.55 -5.00
CA TRP C 285 2.53 9.68 -6.17
C TRP C 285 2.45 10.54 -7.42
N LEU C 286 3.29 10.26 -8.41
CA LEU C 286 3.28 11.02 -9.68
C LEU C 286 3.08 10.04 -10.82
N TYR C 287 2.04 10.27 -11.62
CA TYR C 287 1.87 9.58 -12.90
C TYR C 287 2.20 10.54 -14.03
N GLN C 288 3.08 10.11 -14.93
CA GLN C 288 3.29 10.75 -16.25
C GLN C 288 3.26 9.65 -17.29
N PRO C 289 2.66 9.87 -18.48
CA PRO C 289 2.65 8.85 -19.52
C PRO C 289 4.06 8.31 -19.77
N GLY C 290 4.16 6.99 -19.91
CA GLY C 290 5.43 6.29 -20.16
C GLY C 290 5.24 5.22 -21.20
N ARG C 291 6.32 4.57 -21.62
CA ARG C 291 6.18 3.48 -22.63
C ARG C 291 5.38 2.36 -21.97
N PRO C 292 4.48 1.69 -22.75
CA PRO C 292 3.54 0.73 -22.20
C PRO C 292 4.12 -0.36 -21.28
N GLU C 293 5.35 -0.81 -21.56
CA GLU C 293 6.02 -1.90 -20.80
C GLU C 293 6.28 -1.47 -19.35
N ILE C 294 6.46 -0.18 -19.07
CA ILE C 294 6.84 0.27 -17.70
C ILE C 294 5.90 1.37 -17.18
N ASP C 295 4.78 1.60 -17.86
CA ASP C 295 3.84 2.71 -17.55
C ASP C 295 3.25 2.50 -16.15
N GLY C 296 3.19 3.56 -15.33
CA GLY C 296 2.56 3.49 -14.01
C GLY C 296 2.99 4.62 -13.10
N PHE C 297 2.26 4.80 -12.00
CA PHE C 297 2.56 5.81 -10.96
C PHE C 297 3.92 5.52 -10.34
N ARG C 298 4.68 6.58 -10.05
CA ARG C 298 5.94 6.50 -9.26
C ARG C 298 5.63 6.86 -7.82
N ARG C 299 6.21 6.10 -6.89
CA ARG C 299 6.22 6.44 -5.44
C ARG C 299 7.46 7.27 -5.18
N ILE C 300 7.33 8.59 -5.04
CA ILE C 300 8.46 9.48 -4.72
C ILE C 300 8.58 9.53 -3.20
N LEU C 301 9.64 8.95 -2.66
CA LEU C 301 9.90 8.92 -1.21
C LEU C 301 10.66 10.20 -0.83
N THR C 302 10.19 10.89 0.20
CA THR C 302 10.76 12.19 0.61
C THR C 302 12.26 12.02 0.92
N GLY C 303 13.04 12.95 0.39
CA GLY C 303 14.48 13.03 0.61
C GLY C 303 14.99 14.42 0.27
N PRO C 304 16.33 14.60 0.20
CA PRO C 304 16.93 15.93 0.05
C PRO C 304 16.69 16.63 -1.29
N ALA C 305 16.09 15.95 -2.28
CA ALA C 305 15.70 16.60 -3.55
C ALA C 305 14.47 17.48 -3.33
N GLN C 306 13.75 17.33 -2.21
CA GLN C 306 12.48 18.06 -1.94
C GLN C 306 12.77 19.25 -1.02
N PRO C 307 12.05 20.38 -1.21
CA PRO C 307 12.30 21.59 -0.43
C PRO C 307 12.25 21.35 1.09
N GLY C 308 13.26 21.89 1.79
CA GLY C 308 13.32 21.87 3.27
C GLY C 308 13.99 20.62 3.83
N PHE C 309 13.92 19.47 3.15
CA PHE C 309 14.31 18.17 3.77
C PHE C 309 15.78 18.19 4.17
N ALA C 310 16.66 18.70 3.30
CA ALA C 310 18.13 18.64 3.48
C ALA C 310 18.55 19.39 4.75
N ALA C 311 17.75 20.34 5.25
CA ALA C 311 18.05 21.09 6.49
C ALA C 311 17.90 20.18 7.71
N PHE C 312 17.22 19.03 7.57
CA PHE C 312 16.91 18.10 8.69
C PHE C 312 17.70 16.79 8.60
N CYS C 313 18.11 16.40 7.40
CA CYS C 313 18.68 15.05 7.16
C CYS C 313 19.27 15.00 5.74
N PRO C 314 20.49 14.47 5.58
CA PRO C 314 21.09 14.31 4.25
C PRO C 314 20.67 13.04 3.51
N GLY C 315 20.07 12.08 4.22
CA GLY C 315 19.71 10.76 3.66
C GLY C 315 18.23 10.65 3.35
N GLY C 316 17.89 10.36 2.09
CA GLY C 316 16.49 10.16 1.68
C GLY C 316 15.86 8.98 2.41
N GLY C 317 14.54 9.00 2.57
CA GLY C 317 13.78 7.87 3.15
C GLY C 317 13.85 7.83 4.66
N HIS C 318 14.59 8.74 5.29
CA HIS C 318 14.55 8.97 6.76
C HIS C 318 13.35 9.88 7.03
N ASN C 319 12.23 9.31 7.46
CA ASN C 319 10.90 9.97 7.39
C ASN C 319 10.92 11.32 8.12
N PHE C 320 10.50 12.36 7.40
CA PHE C 320 10.21 13.72 7.91
C PHE C 320 8.92 13.64 8.72
N GLY C 321 8.84 14.35 9.84
CA GLY C 321 7.71 14.25 10.80
C GLY C 321 6.81 15.46 10.77
N PHE C 322 5.61 15.31 11.32
CA PHE C 322 4.61 16.39 11.44
C PHE C 322 5.25 17.60 12.14
N ASN C 323 5.93 17.37 13.25
CA ASN C 323 6.49 18.49 14.06
C ASN C 323 7.52 19.28 13.24
N GLU C 324 8.26 18.63 12.35
CA GLU C 324 9.31 19.32 11.55
C GLU C 324 8.66 20.26 10.52
N GLN C 325 7.39 20.06 10.17
CA GLN C 325 6.64 21.05 9.36
C GLN C 325 6.67 22.40 10.07
N LYS C 326 6.63 22.40 11.41
CA LYS C 326 6.52 23.65 12.21
C LYS C 326 7.87 24.36 12.25
N VAL C 327 8.97 23.61 12.20
CA VAL C 327 10.33 24.20 12.11
C VAL C 327 10.45 24.93 10.77
N VAL C 328 9.95 24.33 9.69
CA VAL C 328 9.94 24.97 8.34
C VAL C 328 9.10 26.25 8.43
N GLU C 329 7.93 26.19 9.08
CA GLU C 329 7.01 27.34 9.23
C GLU C 329 7.74 28.46 9.99
N ALA C 330 8.43 28.14 11.08
CA ALA C 330 9.20 29.13 11.88
C ALA C 330 10.25 29.79 10.99
N GLU C 331 10.98 29.02 10.19
CA GLU C 331 12.06 29.54 9.31
C GLU C 331 11.45 30.52 8.30
N MET C 332 10.27 30.21 7.75
CA MET C 332 9.61 31.08 6.75
C MET C 332 9.24 32.42 7.40
N LEU C 333 8.76 32.42 8.64
CA LEU C 333 8.45 33.66 9.39
C LEU C 333 9.75 34.41 9.69
N ARG C 334 10.79 33.72 10.15
CA ARG C 334 12.13 34.29 10.41
C ARG C 334 12.62 35.06 9.19
N GLN C 335 12.58 34.42 8.02
CA GLN C 335 13.10 35.00 6.75
C GLN C 335 12.22 36.19 6.34
N ALA C 336 10.90 36.11 6.56
CA ALA C 336 9.97 37.22 6.26
C ALA C 336 10.31 38.43 7.14
N ILE C 337 10.54 38.20 8.44
CA ILE C 337 10.88 39.26 9.43
C ILE C 337 12.20 39.92 9.03
N ALA C 338 13.17 39.13 8.54
CA ALA C 338 14.50 39.62 8.12
C ALA C 338 14.42 40.29 6.74
N GLY C 339 13.27 40.19 6.07
CA GLY C 339 13.02 40.79 4.74
C GLY C 339 13.67 39.99 3.62
N ARG C 340 13.84 38.68 3.80
CA ARG C 340 14.52 37.78 2.83
C ARG C 340 13.53 36.81 2.18
N GLY C 341 12.23 37.02 2.39
CA GLY C 341 11.19 36.11 1.90
C GLY C 341 9.82 36.61 2.27
N LYS C 342 8.81 36.20 1.53
CA LYS C 342 7.39 36.52 1.81
C LYS C 342 6.77 35.30 2.48
N ALA C 343 6.20 35.45 3.67
CA ALA C 343 5.54 34.37 4.44
C ALA C 343 4.11 34.19 3.91
N TRP C 344 3.67 32.95 3.72
CA TRP C 344 2.28 32.63 3.30
C TRP C 344 1.69 31.59 4.26
N PRO C 345 0.42 31.73 4.67
CA PRO C 345 -0.40 32.90 4.40
C PRO C 345 -0.28 33.95 5.51
N ASP C 346 -0.17 35.24 5.15
CA ASP C 346 -0.32 36.36 6.10
C ASP C 346 -1.82 36.54 6.40
N PHE C 347 -2.19 37.55 7.18
CA PHE C 347 -3.59 37.79 7.60
C PHE C 347 -4.46 38.13 6.38
N THR C 348 -3.90 38.73 5.34
CA THR C 348 -4.63 39.08 4.09
C THR C 348 -4.98 37.79 3.33
N ASP C 349 -3.99 36.91 3.13
CA ASP C 349 -4.19 35.60 2.48
C ASP C 349 -5.12 34.74 3.35
N GLY C 350 -4.94 34.80 4.67
CA GLY C 350 -5.73 34.03 5.64
C GLY C 350 -7.21 34.40 5.61
N LEU C 351 -7.50 35.69 5.44
CA LEU C 351 -8.90 36.19 5.39
C LEU C 351 -9.65 35.52 4.24
N THR C 352 -8.99 35.38 3.08
CA THR C 352 -9.57 34.70 1.89
C THR C 352 -9.97 33.27 2.27
N ILE C 353 -9.11 32.55 2.99
CA ILE C 353 -9.40 31.15 3.42
C ILE C 353 -10.62 31.16 4.36
N GLU C 354 -10.71 32.15 5.27
CA GLU C 354 -11.86 32.28 6.20
C GLU C 354 -13.14 32.47 5.38
N ARG C 355 -13.10 33.29 4.33
CA ARG C 355 -14.30 33.55 3.50
C ARG C 355 -14.73 32.26 2.80
N VAL C 356 -13.77 31.43 2.36
CA VAL C 356 -14.11 30.17 1.65
C VAL C 356 -14.82 29.22 2.63
N ILE C 357 -14.28 28.98 3.83
CA ILE C 357 -14.89 27.99 4.76
C ILE C 357 -16.25 28.51 5.25
N HIS C 358 -16.38 29.81 5.52
CA HIS C 358 -17.69 30.41 5.94
C HIS C 358 -18.67 30.41 4.76
N GLY C 359 -18.16 30.58 3.54
CA GLY C 359 -18.97 30.49 2.30
C GLY C 359 -19.53 29.08 2.11
N MET C 360 -18.73 28.06 2.41
CA MET C 360 -19.19 26.65 2.34
C MET C 360 -20.28 26.41 3.38
N ALA C 361 -20.08 26.91 4.61
CA ALA C 361 -21.08 26.81 5.70
C ALA C 361 -22.37 27.51 5.27
N THR C 362 -22.29 28.72 4.71
CA THR C 362 -23.46 29.49 4.19
C THR C 362 -24.17 28.66 3.11
N SER C 363 -23.42 28.11 2.16
CA SER C 363 -23.97 27.29 1.05
C SER C 363 -24.77 26.10 1.60
N ALA C 364 -24.22 25.38 2.59
CA ALA C 364 -24.89 24.21 3.21
C ALA C 364 -26.19 24.65 3.88
N GLN C 365 -26.20 25.82 4.53
CA GLN C 365 -27.38 26.34 5.28
C GLN C 365 -28.48 26.75 4.29
N THR C 366 -28.13 27.41 3.19
CA THR C 366 -29.10 28.03 2.24
C THR C 366 -29.51 27.05 1.14
N GLY C 367 -28.71 26.01 0.88
CA GLY C 367 -28.93 25.10 -0.27
C GLY C 367 -28.63 25.77 -1.59
N GLN C 368 -27.84 26.85 -1.57
CA GLN C 368 -27.50 27.65 -2.78
C GLN C 368 -25.99 27.71 -2.94
N PRO C 369 -25.49 27.83 -4.19
CA PRO C 369 -24.07 28.05 -4.42
C PRO C 369 -23.67 29.43 -3.87
N VAL C 370 -22.41 29.58 -3.49
CA VAL C 370 -21.82 30.87 -3.03
C VAL C 370 -20.67 31.22 -3.97
N ASN C 371 -20.66 32.44 -4.50
CA ASN C 371 -19.63 32.98 -5.41
C ASN C 371 -18.74 33.94 -4.63
N PHE C 372 -17.45 34.00 -4.96
CA PHE C 372 -16.45 34.83 -4.25
C PHE C 372 -15.91 35.94 -5.14
N LEU C 373 -16.00 35.82 -6.46
CA LEU C 373 -15.37 36.76 -7.42
C LEU C 373 -16.45 37.44 -8.26
N LYS D 6 23.29 20.69 37.81
CA LYS D 6 21.92 20.09 37.92
C LYS D 6 21.42 19.68 36.53
N ALA D 7 21.35 20.61 35.57
CA ALA D 7 21.17 20.29 34.13
C ALA D 7 22.40 19.53 33.63
N LEU D 8 22.22 18.57 32.71
CA LEU D 8 23.33 17.81 32.10
C LEU D 8 24.15 18.73 31.21
N GLY D 9 25.48 18.72 31.37
CA GLY D 9 26.40 19.41 30.44
C GLY D 9 26.75 18.51 29.27
N VAL D 10 26.56 18.98 28.04
CA VAL D 10 26.70 18.17 26.79
C VAL D 10 27.93 18.62 26.00
N ALA D 11 28.76 17.66 25.61
CA ALA D 11 29.74 17.81 24.53
C ALA D 11 29.25 17.04 23.30
N LEU D 12 29.40 17.61 22.11
CA LEU D 12 29.06 16.94 20.84
C LEU D 12 30.30 16.91 19.96
N ILE D 13 30.73 15.72 19.53
CA ILE D 13 31.86 15.55 18.57
C ILE D 13 31.25 15.16 17.22
N GLY D 14 31.42 16.01 16.20
CA GLY D 14 30.86 15.78 14.86
C GLY D 14 29.57 16.54 14.67
N THR D 15 29.29 16.94 13.43
CA THR D 15 28.14 17.82 13.09
C THR D 15 27.45 17.37 11.81
N GLY D 16 27.74 16.15 11.35
CA GLY D 16 27.21 15.61 10.09
C GLY D 16 25.82 15.05 10.26
N PHE D 17 25.52 13.98 9.53
CA PHE D 17 24.24 13.25 9.57
C PHE D 17 23.84 13.05 11.03
N MET D 18 24.68 12.36 11.80
CA MET D 18 24.33 12.01 13.20
C MET D 18 24.65 13.17 14.14
N GLY D 19 25.72 13.93 13.90
CA GLY D 19 26.05 15.12 14.72
C GLY D 19 24.88 16.08 14.83
N LYS D 20 24.30 16.47 13.69
CA LYS D 20 23.15 17.41 13.68
C LYS D 20 21.92 16.74 14.29
N CYS D 21 21.74 15.44 14.07
CA CYS D 21 20.64 14.64 14.66
C CYS D 21 20.75 14.67 16.19
N HIS D 22 21.95 14.41 16.74
CA HIS D 22 22.21 14.48 18.21
C HIS D 22 21.95 15.91 18.71
N ALA D 23 22.41 16.93 17.99
CA ALA D 23 22.26 18.35 18.41
C ALA D 23 20.77 18.68 18.54
N MET D 24 19.96 18.29 17.56
CA MET D 24 18.50 18.54 17.58
C MET D 24 17.87 17.76 18.74
N ALA D 25 18.36 16.55 19.03
CA ALA D 25 17.82 15.70 20.11
C ALA D 25 18.10 16.36 21.47
N TRP D 26 19.35 16.78 21.71
CA TRP D 26 19.74 17.41 22.99
C TRP D 26 18.98 18.72 23.19
N ARG D 27 18.64 19.43 22.10
CA ARG D 27 17.97 20.75 22.19
C ARG D 27 16.52 20.60 22.64
N ASN D 28 15.85 19.49 22.33
CA ASN D 28 14.38 19.37 22.59
C ASN D 28 14.04 18.24 23.57
N VAL D 29 15.02 17.55 24.16
CA VAL D 29 14.71 16.39 25.05
C VAL D 29 13.88 16.87 26.26
N ALA D 30 14.18 18.02 26.87
CA ALA D 30 13.40 18.52 28.03
C ALA D 30 12.07 19.11 27.55
N THR D 31 12.03 19.69 26.35
CA THR D 31 10.77 20.19 25.75
C THR D 31 9.78 19.03 25.67
N ALA D 32 10.23 17.87 25.18
CA ALA D 32 9.40 16.67 25.00
C ALA D 32 9.07 16.04 26.37
N PHE D 33 10.10 15.77 27.19
CA PHE D 33 9.96 14.86 28.36
C PHE D 33 9.99 15.61 29.71
N GLY D 34 10.18 16.92 29.72
CA GLY D 34 10.21 17.71 30.97
C GLY D 34 11.57 17.67 31.64
N GLY D 35 11.65 18.19 32.87
CA GLY D 35 12.93 18.36 33.59
C GLY D 35 13.70 19.56 33.05
N LEU D 36 15.00 19.60 33.33
CA LEU D 36 15.87 20.76 32.98
C LEU D 36 16.48 20.51 31.60
N PRO D 37 16.42 21.50 30.69
CA PRO D 37 17.08 21.38 29.39
C PRO D 37 18.58 21.16 29.60
N PRO D 38 19.17 20.09 29.01
CA PRO D 38 20.62 19.95 29.02
C PRO D 38 21.32 21.23 28.53
N ARG D 39 22.48 21.54 29.10
CA ARG D 39 23.33 22.67 28.67
C ARG D 39 24.23 22.20 27.54
N LEU D 40 24.16 22.87 26.40
CA LEU D 40 25.03 22.57 25.23
C LEU D 40 26.32 23.37 25.41
N GLU D 41 27.37 22.69 25.90
CA GLU D 41 28.61 23.35 26.38
C GLU D 41 29.63 23.44 25.26
N VAL D 42 30.06 22.32 24.68
CA VAL D 42 31.18 22.32 23.70
C VAL D 42 30.83 21.43 22.51
N LEU D 43 31.01 21.99 21.31
CA LEU D 43 30.89 21.28 20.02
C LEU D 43 32.31 21.18 19.43
N ALA D 44 32.70 19.99 18.98
CA ALA D 44 34.00 19.77 18.30
C ALA D 44 33.74 19.33 16.86
N ASP D 45 34.42 19.97 15.92
CA ASP D 45 34.38 19.63 14.48
C ASP D 45 35.61 20.24 13.81
N MET D 46 35.96 19.76 12.62
CA MET D 46 37.11 20.30 11.84
C MET D 46 36.60 20.78 10.49
N PRO D 47 37.07 21.93 9.96
CA PRO D 47 38.03 22.78 10.66
C PRO D 47 37.40 23.72 11.70
N ALA D 48 38.22 24.54 12.36
CA ALA D 48 37.83 25.39 13.52
C ALA D 48 36.68 26.34 13.15
N ASP D 49 36.73 27.06 12.02
CA ASP D 49 35.68 28.06 11.70
C ASP D 49 34.35 27.35 11.44
N LYS D 50 34.37 26.09 10.98
CA LYS D 50 33.14 25.27 10.86
C LYS D 50 32.60 24.97 12.27
N ALA D 51 33.48 24.59 13.20
CA ALA D 51 33.12 24.33 14.61
C ALA D 51 32.52 25.60 15.22
N HIS D 52 33.11 26.76 14.96
CA HIS D 52 32.63 28.05 15.53
C HIS D 52 31.25 28.38 14.96
N SER D 53 31.07 28.25 13.64
CA SER D 53 29.79 28.57 12.94
C SER D 53 28.68 27.65 13.43
N LEU D 54 28.92 26.33 13.48
CA LEU D 54 27.85 25.37 13.85
C LEU D 54 27.59 25.43 15.35
N ALA D 55 28.59 25.75 16.19
CA ALA D 55 28.33 25.95 17.64
C ALA D 55 27.34 27.10 17.80
N SER D 56 27.49 28.17 17.02
CA SER D 56 26.60 29.36 17.08
C SER D 56 25.18 28.97 16.66
N SER D 57 25.00 28.30 15.53
CA SER D 57 23.63 27.98 15.01
C SER D 57 23.00 26.84 15.81
N PHE D 58 23.80 25.89 16.33
CA PHE D 58 23.31 24.74 17.14
C PHE D 58 23.04 25.17 18.59
N GLY D 59 23.53 26.35 19.00
CA GLY D 59 23.31 26.89 20.36
C GLY D 59 24.26 26.29 21.39
N PHE D 60 25.43 25.81 20.97
CA PHE D 60 26.52 25.36 21.88
C PHE D 60 27.29 26.59 22.36
N ALA D 61 27.73 26.60 23.61
CA ALA D 61 28.41 27.76 24.23
C ALA D 61 29.69 28.08 23.44
N ARG D 62 30.38 27.07 22.91
CA ARG D 62 31.57 27.29 22.06
C ARG D 62 31.81 26.11 21.14
N GLY D 63 32.59 26.36 20.08
CA GLY D 63 33.10 25.34 19.17
C GLY D 63 34.62 25.25 19.28
N THR D 64 35.16 24.07 19.04
CA THR D 64 36.62 23.83 19.00
C THR D 64 36.92 22.81 17.89
N ALA D 65 38.13 22.86 17.33
CA ALA D 65 38.62 21.89 16.32
C ALA D 65 39.23 20.69 17.03
N ASP D 66 39.26 20.68 18.36
CA ASP D 66 39.97 19.65 19.18
C ASP D 66 38.95 18.83 19.96
N TRP D 67 38.69 17.60 19.52
CA TRP D 67 37.71 16.70 20.19
C TRP D 67 38.13 16.42 21.63
N ARG D 68 39.44 16.37 21.93
CA ARG D 68 39.94 16.09 23.31
C ARG D 68 39.56 17.24 24.24
N GLU D 69 39.55 18.47 23.73
CA GLU D 69 39.15 19.66 24.51
C GLU D 69 37.68 19.50 24.93
N ALA D 70 36.84 19.05 24.00
CA ALA D 70 35.38 18.91 24.25
C ALA D 70 35.13 17.82 25.29
N VAL D 71 35.81 16.67 25.21
CA VAL D 71 35.53 15.52 26.13
C VAL D 71 36.09 15.82 27.51
N SER D 72 37.10 16.70 27.64
CA SER D 72 37.82 16.98 28.91
C SER D 72 37.24 18.20 29.64
N ASP D 73 36.30 18.93 29.03
CA ASP D 73 35.80 20.20 29.62
C ASP D 73 35.05 19.90 30.92
N PRO D 74 35.36 20.60 32.04
CA PRO D 74 34.74 20.29 33.33
C PRO D 74 33.23 20.55 33.39
N ALA D 75 32.67 21.35 32.48
CA ALA D 75 31.22 21.66 32.43
C ALA D 75 30.47 20.52 31.73
N VAL D 76 31.21 19.57 31.14
CA VAL D 76 30.66 18.45 30.34
C VAL D 76 30.44 17.24 31.26
N ASP D 77 29.25 16.65 31.20
CA ASP D 77 28.87 15.42 31.95
C ASP D 77 28.74 14.25 30.98
N VAL D 78 28.35 14.52 29.73
CA VAL D 78 28.01 13.46 28.74
C VAL D 78 28.53 13.89 27.37
N VAL D 79 29.06 12.94 26.61
CA VAL D 79 29.65 13.19 25.27
C VAL D 79 28.87 12.40 24.22
N SER D 80 28.33 13.11 23.23
CA SER D 80 27.80 12.53 21.96
C SER D 80 28.97 12.39 20.98
N ILE D 81 29.26 11.16 20.54
CA ILE D 81 30.38 10.88 19.60
C ILE D 81 29.78 10.43 18.27
N THR D 82 29.86 11.28 17.24
CA THR D 82 29.20 11.07 15.93
C THR D 82 30.26 11.15 14.82
N THR D 83 31.50 10.78 15.13
CA THR D 83 32.65 10.81 14.20
C THR D 83 32.69 9.48 13.44
N PRO D 84 33.54 9.38 12.38
CA PRO D 84 33.69 8.13 11.65
C PRO D 84 34.12 6.95 12.54
N ASN D 85 33.76 5.75 12.10
CA ASN D 85 33.86 4.49 12.88
C ASN D 85 35.29 4.29 13.41
N GLY D 86 36.30 4.63 12.61
CA GLY D 86 37.72 4.41 12.97
C GLY D 86 38.16 5.24 14.16
N LEU D 87 37.40 6.27 14.55
CA LEU D 87 37.74 7.19 15.67
C LEU D 87 36.93 6.86 16.93
N HIS D 88 35.94 5.98 16.84
CA HIS D 88 35.01 5.70 17.97
C HIS D 88 35.79 5.23 19.20
N ARG D 89 36.69 4.26 19.03
CA ARG D 89 37.36 3.62 20.18
C ARG D 89 38.18 4.67 20.95
N GLU D 90 39.00 5.44 20.23
CA GLU D 90 39.92 6.42 20.86
C GLU D 90 39.09 7.45 21.62
N MET D 91 38.02 7.96 21.00
CA MET D 91 37.20 9.05 21.57
C MET D 91 36.36 8.52 22.75
N ALA D 92 35.77 7.32 22.62
CA ALA D 92 34.93 6.74 23.69
C ALA D 92 35.81 6.44 24.93
N GLU D 93 36.97 5.82 24.74
CA GLU D 93 37.88 5.48 25.86
C GLU D 93 38.36 6.77 26.55
N ALA D 94 38.67 7.82 25.79
CA ALA D 94 39.13 9.12 26.34
C ALA D 94 38.01 9.74 27.17
N ALA D 95 36.77 9.75 26.65
CA ALA D 95 35.60 10.32 27.33
C ALA D 95 35.36 9.55 28.64
N LEU D 96 35.41 8.23 28.62
CA LEU D 96 35.18 7.39 29.83
C LEU D 96 36.31 7.66 30.84
N ALA D 97 37.56 7.76 30.37
CA ALA D 97 38.74 8.02 31.23
C ALA D 97 38.58 9.38 31.92
N ALA D 98 37.94 10.35 31.24
CA ALA D 98 37.72 11.73 31.74
C ALA D 98 36.49 11.78 32.66
N GLY D 99 35.83 10.64 32.90
CA GLY D 99 34.68 10.51 33.81
C GLY D 99 33.39 11.00 33.19
N LYS D 100 33.26 10.91 31.87
CA LYS D 100 32.05 11.36 31.15
C LYS D 100 31.19 10.13 30.76
N HIS D 101 29.87 10.29 30.84
CA HIS D 101 28.90 9.32 30.24
C HIS D 101 29.05 9.45 28.72
N VAL D 102 28.74 8.39 27.97
CA VAL D 102 29.01 8.38 26.51
C VAL D 102 27.77 7.92 25.73
N TRP D 103 27.38 8.73 24.75
CA TRP D 103 26.39 8.40 23.69
C TRP D 103 27.17 8.18 22.39
N LEU D 104 27.44 6.92 22.06
CA LEU D 104 28.33 6.57 20.93
C LEU D 104 27.51 6.10 19.74
N GLU D 105 27.80 6.63 18.55
CA GLU D 105 27.15 6.16 17.30
C GLU D 105 27.61 4.73 16.99
N LYS D 106 26.76 3.97 16.29
CA LYS D 106 27.08 2.60 15.82
C LYS D 106 27.96 2.68 14.58
N PRO D 107 28.67 1.58 14.21
CA PRO D 107 28.91 0.47 15.12
C PRO D 107 29.93 0.93 16.18
N MET D 108 30.22 0.11 17.18
CA MET D 108 31.10 0.52 18.30
C MET D 108 32.47 0.93 17.74
N ALA D 109 33.10 0.08 16.94
CA ALA D 109 34.45 0.29 16.38
C ALA D 109 34.64 -0.59 15.14
N LEU D 110 35.88 -0.91 14.78
CA LEU D 110 36.17 -1.62 13.51
C LEU D 110 36.28 -3.12 13.75
N SER D 111 36.59 -3.55 14.98
CA SER D 111 36.88 -4.97 15.29
C SER D 111 36.23 -5.38 16.60
N VAL D 112 36.08 -6.67 16.82
CA VAL D 112 35.61 -7.24 18.12
C VAL D 112 36.64 -6.88 19.19
N GLU D 113 37.93 -6.99 18.89
CA GLU D 113 39.03 -6.63 19.81
C GLU D 113 38.83 -5.20 20.32
N ASP D 114 38.56 -4.25 19.42
CA ASP D 114 38.31 -2.83 19.76
C ASP D 114 37.12 -2.75 20.73
N ALA D 115 36.01 -3.41 20.41
CA ALA D 115 34.76 -3.37 21.21
C ALA D 115 35.02 -3.97 22.59
N GLN D 116 35.82 -5.03 22.68
CA GLN D 116 36.16 -5.69 23.96
C GLN D 116 36.90 -4.69 24.87
N ALA D 117 37.85 -3.94 24.32
CA ALA D 117 38.63 -2.92 25.06
C ALA D 117 37.69 -1.82 25.55
N MET D 118 36.75 -1.39 24.71
CA MET D 118 35.77 -0.32 25.06
C MET D 118 34.81 -0.84 26.13
N GLU D 119 34.37 -2.10 26.01
CA GLU D 119 33.44 -2.74 26.97
C GLU D 119 34.10 -2.77 28.36
N ALA D 120 35.39 -3.13 28.43
CA ALA D 120 36.15 -3.19 29.69
C ALA D 120 36.31 -1.78 30.27
N ALA D 121 36.64 -0.79 29.43
CA ALA D 121 36.83 0.63 29.82
C ALA D 121 35.54 1.19 30.44
N ALA D 122 34.37 0.84 29.88
CA ALA D 122 33.06 1.34 30.36
C ALA D 122 32.77 0.78 31.75
N ARG D 123 33.02 -0.52 31.98
CA ARG D 123 32.83 -1.15 33.32
C ARG D 123 33.75 -0.45 34.34
N ALA D 124 35.02 -0.24 33.99
CA ALA D 124 36.04 0.36 34.89
C ALA D 124 35.66 1.80 35.25
N SER D 125 35.02 2.54 34.32
CA SER D 125 34.71 3.99 34.46
C SER D 125 33.52 4.22 35.40
N ASP D 126 32.61 3.25 35.52
CA ASP D 126 31.33 3.39 36.25
C ASP D 126 30.54 4.59 35.71
N ARG D 127 30.58 4.82 34.39
CA ARG D 127 29.72 5.85 33.73
C ARG D 127 28.74 5.12 32.82
N ARG D 128 27.64 5.77 32.48
CA ARG D 128 26.58 5.19 31.62
C ARG D 128 27.04 5.30 30.17
N THR D 129 26.71 4.28 29.37
CA THR D 129 26.96 4.26 27.91
C THR D 129 25.66 3.88 27.22
N ILE D 130 25.46 4.40 26.01
CA ILE D 130 24.40 3.92 25.09
C ILE D 130 24.95 4.05 23.67
N ILE D 131 24.57 3.11 22.80
CA ILE D 131 24.97 3.14 21.37
C ILE D 131 23.75 3.54 20.55
N GLY D 132 23.96 4.34 19.49
CA GLY D 132 22.92 5.07 18.75
C GLY D 132 22.09 4.18 17.83
N TYR D 133 21.58 3.05 18.33
CA TYR D 133 20.69 2.15 17.55
C TYR D 133 19.28 2.74 17.56
N ASN D 134 19.10 3.82 16.79
CA ASN D 134 17.89 4.69 16.92
C ASN D 134 16.66 3.98 16.35
N TYR D 135 16.78 2.91 15.59
CA TYR D 135 15.58 2.21 15.03
C TYR D 135 14.88 1.41 16.13
N THR D 136 15.50 1.23 17.29
CA THR D 136 14.84 0.58 18.45
C THR D 136 13.98 1.59 19.23
N ARG D 137 13.90 2.85 18.80
CA ARG D 137 13.26 3.94 19.60
C ARG D 137 11.92 4.38 19.01
N SER D 138 11.52 3.93 17.83
CA SER D 138 10.24 4.38 17.23
C SER D 138 9.09 3.91 18.11
N PRO D 139 7.99 4.68 18.23
CA PRO D 139 6.80 4.18 18.92
C PRO D 139 6.33 2.82 18.38
N ALA D 140 6.39 2.62 17.06
CA ALA D 140 5.94 1.37 16.40
C ALA D 140 6.79 0.21 16.88
N PHE D 141 8.12 0.37 16.88
CA PHE D 141 9.03 -0.72 17.30
C PHE D 141 8.76 -1.06 18.77
N ARG D 142 8.70 -0.05 19.62
CA ARG D 142 8.51 -0.23 21.08
C ARG D 142 7.12 -0.85 21.34
N ALA D 143 6.11 -0.49 20.55
CA ALA D 143 4.75 -1.10 20.64
C ALA D 143 4.84 -2.60 20.28
N ALA D 144 5.60 -2.94 19.24
CA ALA D 144 5.75 -4.34 18.77
C ALA D 144 6.40 -5.19 19.87
N VAL D 145 7.44 -4.67 20.52
CA VAL D 145 8.15 -5.40 21.61
C VAL D 145 7.15 -5.68 22.74
N ASP D 146 6.34 -4.69 23.10
CA ASP D 146 5.34 -4.84 24.19
C ASP D 146 4.25 -5.84 23.77
N LEU D 147 3.81 -5.80 22.51
CA LEU D 147 2.78 -6.74 22.00
C LEU D 147 3.32 -8.17 22.07
N ILE D 148 4.58 -8.41 21.69
CA ILE D 148 5.17 -9.78 21.73
C ILE D 148 5.18 -10.25 23.20
N ALA D 149 5.62 -9.40 24.11
CA ALA D 149 5.71 -9.70 25.56
C ALA D 149 4.32 -10.06 26.11
N GLU D 150 3.26 -9.41 25.61
CA GLU D 150 1.86 -9.58 26.09
C GLU D 150 1.21 -10.83 25.47
N GLY D 151 1.90 -11.49 24.53
CA GLY D 151 1.43 -12.71 23.86
C GLY D 151 0.55 -12.43 22.65
N ALA D 152 0.61 -11.21 22.09
CA ALA D 152 -0.27 -10.77 20.99
C ALA D 152 -0.10 -11.66 19.75
N ILE D 153 1.08 -12.26 19.52
CA ILE D 153 1.31 -13.15 18.34
C ILE D 153 1.65 -14.55 18.82
N GLY D 154 1.36 -14.88 20.07
CA GLY D 154 1.69 -16.22 20.61
C GLY D 154 3.19 -16.43 20.68
N ARG D 155 3.64 -17.65 20.40
CA ARG D 155 5.07 -18.05 20.47
C ARG D 155 5.73 -17.68 19.13
N PRO D 156 6.75 -16.78 19.11
CA PRO D 156 7.48 -16.53 17.86
C PRO D 156 8.07 -17.82 17.27
N ILE D 157 7.92 -18.03 15.96
CA ILE D 157 8.44 -19.26 15.27
C ILE D 157 9.39 -18.87 14.14
N HIS D 158 9.39 -17.61 13.69
CA HIS D 158 10.31 -17.17 12.61
C HIS D 158 10.48 -15.65 12.62
N PHE D 159 11.70 -15.21 12.42
CA PHE D 159 12.05 -13.79 12.15
C PHE D 159 12.56 -13.69 10.72
N ARG D 160 12.08 -12.70 9.97
CA ARG D 160 12.71 -12.33 8.68
C ARG D 160 12.94 -10.82 8.69
N GLY D 161 14.18 -10.42 8.48
CA GLY D 161 14.56 -9.00 8.48
C GLY D 161 15.48 -8.68 7.33
N MET D 162 15.38 -7.45 6.83
CA MET D 162 16.25 -6.93 5.77
C MET D 162 16.57 -5.47 6.10
N TYR D 163 17.67 -4.96 5.56
CA TYR D 163 17.95 -3.51 5.60
C TYR D 163 18.61 -3.14 4.28
N ASP D 164 17.79 -2.70 3.33
CA ASP D 164 18.23 -2.31 1.98
C ASP D 164 18.32 -0.79 1.88
N GLU D 165 19.46 -0.30 1.39
CA GLU D 165 19.65 1.09 0.93
C GLU D 165 20.47 1.05 -0.36
N ASP D 166 20.52 2.15 -1.10
CA ASP D 166 21.22 2.16 -2.40
C ASP D 166 22.26 3.29 -2.47
N TYR D 167 22.74 3.78 -1.34
CA TYR D 167 23.67 4.94 -1.31
C TYR D 167 25.00 4.58 -2.00
N MET D 168 25.33 3.29 -2.20
CA MET D 168 26.58 2.88 -2.91
C MET D 168 26.29 2.17 -4.23
N ALA D 169 25.05 2.18 -4.71
CA ALA D 169 24.66 1.46 -5.94
C ALA D 169 25.37 2.05 -7.17
N ASP D 170 25.65 3.35 -7.16
N ASP D 170 25.65 3.35 -7.16
CA ASP D 170 26.30 4.08 -8.29
CA ASP D 170 26.30 4.05 -8.29
C ASP D 170 27.78 3.70 -8.32
C ASP D 170 27.79 3.69 -8.32
N PRO D 171 28.28 3.01 -9.37
CA PRO D 171 29.69 2.61 -9.43
C PRO D 171 30.69 3.79 -9.54
N ASP D 172 30.19 4.98 -9.92
N ASP D 172 30.19 4.98 -9.91
CA ASP D 172 31.03 6.20 -10.13
CA ASP D 172 31.01 6.21 -10.09
C ASP D 172 31.14 6.98 -8.81
C ASP D 172 31.20 6.93 -8.74
N LEU D 173 30.43 6.56 -7.76
N LEU D 173 30.42 6.55 -7.71
CA LEU D 173 30.64 7.08 -6.38
CA LEU D 173 30.62 7.08 -6.34
C LEU D 173 32.08 6.79 -5.97
C LEU D 173 32.06 6.79 -5.93
N PRO D 174 32.87 7.82 -5.58
CA PRO D 174 34.28 7.61 -5.30
C PRO D 174 34.58 6.66 -4.13
N TRP D 175 35.75 6.04 -4.24
CA TRP D 175 36.42 5.26 -3.18
C TRP D 175 36.62 6.15 -1.96
N SER D 176 36.63 5.54 -0.77
CA SER D 176 37.00 6.21 0.50
C SER D 176 37.68 5.19 1.41
N TRP D 177 38.31 5.68 2.47
CA TRP D 177 39.02 4.82 3.46
C TRP D 177 38.02 3.92 4.20
N ALA D 178 36.73 4.26 4.19
CA ALA D 178 35.65 3.41 4.77
C ALA D 178 35.58 2.08 4.03
N LEU D 179 36.14 1.98 2.82
CA LEU D 179 36.01 0.77 1.96
C LEU D 179 37.24 -0.13 2.09
N THR D 180 38.16 0.17 3.00
CA THR D 180 39.25 -0.77 3.41
C THR D 180 38.82 -1.48 4.71
N ARG D 181 39.28 -2.70 4.92
CA ARG D 181 39.01 -3.46 6.16
C ARG D 181 39.75 -2.80 7.33
N LYS D 182 41.00 -2.41 7.13
CA LYS D 182 41.87 -1.88 8.22
C LYS D 182 41.31 -0.55 8.74
N ASP D 183 40.86 0.34 7.85
CA ASP D 183 40.46 1.73 8.20
C ASP D 183 38.94 1.87 8.26
N GLY D 184 38.18 0.99 7.59
CA GLY D 184 36.71 1.10 7.49
C GLY D 184 35.98 -0.03 8.19
N GLY D 185 36.64 -1.14 8.51
CA GLY D 185 36.01 -2.33 9.10
C GLY D 185 35.07 -3.00 8.11
N LEU D 186 33.88 -3.42 8.56
CA LEU D 186 32.88 -4.12 7.71
C LEU D 186 32.25 -3.12 6.74
N GLY D 187 31.60 -3.64 5.71
CA GLY D 187 30.86 -2.84 4.72
C GLY D 187 29.42 -2.67 5.15
N ALA D 188 28.48 -3.21 4.36
CA ALA D 188 27.03 -3.14 4.63
C ALA D 188 26.71 -3.72 6.02
N LEU D 189 27.45 -4.72 6.50
CA LEU D 189 27.21 -5.31 7.85
C LEU D 189 27.47 -4.26 8.93
N GLY D 190 28.47 -3.40 8.74
CA GLY D 190 28.84 -2.34 9.69
C GLY D 190 27.91 -1.14 9.59
N ASP D 191 27.49 -0.77 8.39
CA ASP D 191 26.64 0.44 8.16
C ASP D 191 25.19 0.14 8.53
N LEU D 192 24.68 -1.02 8.12
CA LEU D 192 23.23 -1.37 8.16
C LEU D 192 22.98 -2.63 9.00
N GLY D 193 23.80 -3.66 8.79
CA GLY D 193 23.65 -4.96 9.47
C GLY D 193 23.48 -4.80 10.98
N CYS D 194 24.30 -3.96 11.63
CA CYS D 194 24.28 -3.82 13.11
C CYS D 194 22.93 -3.24 13.55
N HIS D 195 22.36 -2.31 12.79
CA HIS D 195 20.99 -1.77 13.03
C HIS D 195 19.99 -2.92 13.04
N LEU D 196 20.02 -3.77 12.01
CA LEU D 196 19.08 -4.90 11.89
C LEU D 196 19.29 -5.87 13.05
N VAL D 197 20.55 -6.12 13.46
CA VAL D 197 20.83 -7.00 14.64
C VAL D 197 20.20 -6.35 15.89
N SER D 198 20.34 -5.04 16.09
CA SER D 198 19.82 -4.33 17.29
C SER D 198 18.30 -4.54 17.40
N VAL D 199 17.59 -4.46 16.28
CA VAL D 199 16.12 -4.69 16.20
C VAL D 199 15.84 -6.19 16.39
N MET D 200 16.58 -7.04 15.70
CA MET D 200 16.35 -8.51 15.69
C MET D 200 16.51 -9.09 17.10
N VAL D 201 17.57 -8.77 17.83
CA VAL D 201 17.82 -9.37 19.18
C VAL D 201 16.84 -8.76 20.18
N SER D 202 16.36 -7.54 19.94
CA SER D 202 15.32 -6.88 20.79
C SER D 202 13.98 -7.62 20.63
N LEU D 203 13.71 -8.22 19.47
CA LEU D 203 12.45 -8.97 19.22
C LEU D 203 12.59 -10.44 19.63
N MET D 204 13.72 -11.08 19.28
CA MET D 204 13.88 -12.56 19.29
C MET D 204 14.82 -13.04 20.39
N GLY D 205 15.52 -12.12 21.06
CA GLY D 205 16.56 -12.47 22.03
C GLY D 205 17.88 -12.79 21.34
N PRO D 206 18.88 -13.29 22.10
CA PRO D 206 20.24 -13.47 21.59
C PRO D 206 20.36 -14.48 20.43
N VAL D 207 21.40 -14.28 19.62
CA VAL D 207 21.76 -15.16 18.47
C VAL D 207 22.68 -16.27 19.00
N ALA D 208 22.40 -17.52 18.63
CA ALA D 208 23.22 -18.70 18.99
C ALA D 208 24.12 -19.11 17.81
N ARG D 209 23.65 -18.92 16.57
CA ARG D 209 24.38 -19.43 15.38
C ARG D 209 23.99 -18.63 14.15
N VAL D 210 24.96 -18.40 13.27
CA VAL D 210 24.70 -17.80 11.94
C VAL D 210 25.42 -18.63 10.89
N TYR D 211 24.83 -18.70 9.69
CA TYR D 211 25.50 -19.11 8.44
C TYR D 211 25.25 -18.02 7.42
N ALA D 212 26.30 -17.42 6.87
CA ALA D 212 26.16 -16.19 6.05
C ALA D 212 26.83 -16.35 4.70
N GLN D 213 26.35 -15.55 3.74
N GLN D 213 26.36 -15.56 3.74
CA GLN D 213 26.94 -15.34 2.40
CA GLN D 213 27.01 -15.36 2.42
C GLN D 213 27.10 -13.83 2.22
C GLN D 213 27.09 -13.85 2.19
N ALA D 214 28.07 -13.39 1.42
CA ALA D 214 28.27 -11.95 1.17
C ALA D 214 28.86 -11.75 -0.23
N ASP D 215 28.71 -10.55 -0.75
CA ASP D 215 29.27 -10.18 -2.07
C ASP D 215 29.72 -8.73 -2.03
N THR D 216 30.81 -8.45 -2.73
CA THR D 216 31.17 -7.08 -3.18
C THR D 216 30.80 -7.01 -4.66
N VAL D 217 29.78 -6.20 -4.97
CA VAL D 217 29.16 -6.08 -6.33
C VAL D 217 29.99 -5.07 -7.14
N ILE D 218 30.46 -4.02 -6.49
CA ILE D 218 31.35 -2.99 -7.11
C ILE D 218 32.71 -3.09 -6.41
N THR D 219 33.67 -3.75 -7.04
CA THR D 219 34.96 -4.13 -6.38
C THR D 219 36.00 -3.03 -6.57
N ASP D 220 35.77 -2.08 -7.49
CA ASP D 220 36.75 -1.01 -7.78
C ASP D 220 35.99 0.30 -8.00
N ARG D 221 36.53 1.40 -7.47
CA ARG D 221 35.86 2.72 -7.51
C ARG D 221 36.86 3.79 -7.90
N PRO D 222 36.37 4.91 -8.49
CA PRO D 222 37.23 6.02 -8.86
C PRO D 222 37.98 6.56 -7.63
N HIS D 223 39.28 6.76 -7.79
CA HIS D 223 40.18 7.30 -6.75
C HIS D 223 41.15 8.27 -7.42
N GLN D 224 40.82 9.57 -7.38
CA GLN D 224 41.74 10.66 -7.79
C GLN D 224 42.16 10.48 -9.25
N GLY D 225 41.20 10.18 -10.13
CA GLY D 225 41.45 9.96 -11.57
C GLY D 225 41.84 8.53 -11.88
N GLY D 226 42.23 7.75 -10.87
CA GLY D 226 42.54 6.31 -11.01
C GLY D 226 41.46 5.46 -10.39
N THR D 227 41.81 4.28 -9.89
CA THR D 227 40.85 3.34 -9.26
C THR D 227 41.49 2.73 -8.02
N ALA D 228 40.66 2.32 -7.06
CA ALA D 228 41.09 1.67 -5.82
C ALA D 228 40.08 0.59 -5.45
N ARG D 229 40.55 -0.44 -4.73
CA ARG D 229 39.79 -1.67 -4.41
C ARG D 229 38.84 -1.43 -3.23
N VAL D 230 37.59 -1.82 -3.39
CA VAL D 230 36.59 -1.93 -2.30
C VAL D 230 36.83 -3.28 -1.62
N GLU D 231 37.21 -3.27 -0.33
CA GLU D 231 37.67 -4.49 0.38
C GLU D 231 36.53 -5.13 1.16
N ASN D 232 35.45 -4.41 1.47
CA ASN D 232 34.36 -4.94 2.31
C ASN D 232 33.09 -5.14 1.48
N GLU D 233 32.10 -5.82 2.08
CA GLU D 233 30.93 -6.38 1.39
C GLU D 233 29.91 -5.27 1.09
N ASP D 234 29.25 -5.36 -0.07
CA ASP D 234 28.13 -4.47 -0.46
C ASP D 234 26.81 -5.04 0.04
N GLN D 235 26.74 -6.35 0.23
CA GLN D 235 25.50 -7.04 0.68
C GLN D 235 25.89 -8.32 1.41
N ALA D 236 25.05 -8.75 2.33
CA ALA D 236 25.24 -10.01 3.09
C ALA D 236 23.88 -10.56 3.49
N GLN D 237 23.78 -11.89 3.56
CA GLN D 237 22.56 -12.59 3.98
C GLN D 237 22.97 -13.68 4.95
N ALA D 238 22.09 -14.04 5.88
CA ALA D 238 22.41 -15.06 6.90
C ALA D 238 21.15 -15.78 7.33
N LEU D 239 21.28 -17.08 7.58
CA LEU D 239 20.30 -17.86 8.37
C LEU D 239 20.72 -17.80 9.84
N ILE D 240 19.75 -17.64 10.72
CA ILE D 240 19.96 -17.41 12.18
C ILE D 240 19.33 -18.58 12.93
N ARG D 241 20.02 -19.06 13.96
CA ARG D 241 19.38 -19.79 15.09
C ARG D 241 19.51 -18.93 16.32
N PHE D 242 18.38 -18.60 16.96
CA PHE D 242 18.37 -17.86 18.24
C PHE D 242 18.65 -18.85 19.37
N ALA D 243 19.06 -18.31 20.52
CA ALA D 243 19.27 -19.07 21.77
C ALA D 243 17.99 -19.83 22.12
N SER D 244 16.82 -19.28 21.74
CA SER D 244 15.49 -19.90 21.94
C SER D 244 15.34 -21.18 21.10
N GLY D 245 16.15 -21.33 20.06
CA GLY D 245 16.04 -22.41 19.05
C GLY D 245 15.26 -21.95 17.82
N THR D 246 14.70 -20.74 17.85
CA THR D 246 13.86 -20.20 16.76
C THR D 246 14.76 -19.87 15.56
N SER D 247 14.18 -19.94 14.36
CA SER D 247 14.87 -19.63 13.09
C SER D 247 14.75 -18.14 12.76
N GLY D 248 15.70 -17.64 11.97
CA GLY D 248 15.69 -16.28 11.43
C GLY D 248 16.28 -16.21 10.05
N GLU D 249 15.82 -15.24 9.27
CA GLU D 249 16.45 -14.80 8.00
C GLU D 249 16.89 -13.36 8.17
N PHE D 250 18.03 -13.01 7.59
CA PHE D 250 18.70 -11.71 7.82
C PHE D 250 19.41 -11.30 6.54
N SER D 251 19.30 -10.04 6.16
CA SER D 251 20.10 -9.49 5.03
C SER D 251 20.35 -8.00 5.24
N CYS D 252 21.36 -7.49 4.56
CA CYS D 252 21.58 -6.04 4.45
C CYS D 252 22.25 -5.79 3.09
N SER D 253 22.08 -4.58 2.58
CA SER D 253 22.67 -4.18 1.29
C SER D 253 22.79 -2.66 1.22
N ARG D 254 23.90 -2.18 0.67
CA ARG D 254 24.12 -0.74 0.38
C ARG D 254 24.04 -0.50 -1.13
N VAL D 255 23.60 -1.50 -1.91
CA VAL D 255 23.53 -1.40 -3.41
C VAL D 255 22.16 -1.86 -3.91
N ALA D 256 21.14 -1.87 -3.05
CA ALA D 256 19.78 -2.36 -3.39
C ALA D 256 18.96 -1.20 -3.99
N ARG D 257 18.92 -1.11 -5.32
CA ARG D 257 18.45 0.11 -6.02
C ARG D 257 16.97 0.38 -5.75
N GLY D 258 16.67 1.63 -5.36
CA GLY D 258 15.31 2.13 -5.13
C GLY D 258 14.97 2.21 -3.66
N TYR D 259 15.77 1.56 -2.81
CA TYR D 259 15.56 1.57 -1.34
C TYR D 259 16.46 2.64 -0.71
N ARG D 260 15.91 3.38 0.25
CA ARG D 260 16.58 4.54 0.88
C ARG D 260 16.77 4.30 2.37
N CYS D 261 15.81 3.66 3.02
CA CYS D 261 15.90 3.34 4.48
C CYS D 261 15.03 2.12 4.77
N ARG D 262 15.17 1.08 3.95
CA ARG D 262 14.24 -0.08 4.00
C ARG D 262 14.74 -1.09 5.04
N LEU D 263 14.73 -0.68 6.31
CA LEU D 263 14.86 -1.60 7.46
C LEU D 263 13.47 -2.19 7.68
N ALA D 264 13.26 -3.43 7.26
CA ALA D 264 11.94 -4.08 7.30
C ALA D 264 12.09 -5.43 7.99
N TRP D 265 11.15 -5.78 8.86
CA TRP D 265 11.23 -7.06 9.61
C TRP D 265 9.82 -7.59 9.83
N GLU D 266 9.73 -8.87 10.12
CA GLU D 266 8.46 -9.45 10.57
C GLU D 266 8.78 -10.60 11.52
N VAL D 267 7.93 -10.73 12.53
CA VAL D 267 7.97 -11.85 13.48
C VAL D 267 6.68 -12.63 13.28
N GLN D 268 6.80 -13.88 12.84
CA GLN D 268 5.67 -14.83 12.69
C GLN D 268 5.58 -15.64 13.98
N GLY D 269 4.39 -15.73 14.56
CA GLY D 269 4.14 -16.46 15.81
C GLY D 269 3.00 -17.45 15.64
N THR D 270 2.79 -18.31 16.62
CA THR D 270 1.74 -19.36 16.54
C THR D 270 0.35 -18.73 16.64
N GLU D 271 0.22 -17.48 17.09
CA GLU D 271 -1.11 -16.82 17.22
C GLU D 271 -1.12 -15.44 16.56
N GLY D 272 -0.17 -15.15 15.68
CA GLY D 272 -0.21 -13.89 14.92
C GLY D 272 1.10 -13.57 14.23
N THR D 273 1.11 -12.45 13.53
CA THR D 273 2.30 -11.92 12.81
C THR D 273 2.38 -10.43 13.04
N LEU D 274 3.60 -9.92 13.28
CA LEU D 274 3.91 -8.47 13.31
C LEU D 274 4.85 -8.17 12.13
N ARG D 275 4.59 -7.08 11.41
CA ARG D 275 5.42 -6.71 10.23
C ARG D 275 5.61 -5.20 10.21
N PHE D 276 6.80 -4.74 9.80
CA PHE D 276 7.19 -3.31 9.88
C PHE D 276 8.15 -2.97 8.75
N ASP D 277 8.08 -1.74 8.24
CA ASP D 277 9.02 -1.19 7.24
C ASP D 277 9.33 0.25 7.65
N GLN D 278 10.60 0.52 7.95
CA GLN D 278 11.08 1.86 8.42
C GLN D 278 10.76 2.95 7.38
N GLU D 279 10.60 2.65 6.09
CA GLU D 279 10.25 3.69 5.09
C GLU D 279 8.83 4.20 5.33
N ARG D 280 8.01 3.40 6.03
CA ARG D 280 6.68 3.82 6.56
C ARG D 280 6.70 3.60 8.07
N MET D 281 7.51 4.38 8.78
CA MET D 281 7.85 4.08 10.20
C MET D 281 6.67 4.30 11.13
N ASN D 282 5.54 4.84 10.65
CA ASN D 282 4.34 5.10 11.48
C ASN D 282 3.30 3.98 11.34
N GLU D 283 3.64 2.88 10.67
CA GLU D 283 2.67 1.76 10.46
C GLU D 283 3.25 0.49 11.04
N LEU D 284 2.45 -0.19 11.86
CA LEU D 284 2.77 -1.53 12.39
C LEU D 284 1.64 -2.46 11.97
N TRP D 285 1.97 -3.55 11.27
CA TRP D 285 0.96 -4.52 10.76
C TRP D 285 0.86 -5.68 11.73
N LEU D 286 -0.34 -5.93 12.26
CA LEU D 286 -0.59 -7.01 13.23
C LEU D 286 -1.68 -7.92 12.70
N TYR D 287 -1.36 -9.19 12.48
CA TYR D 287 -2.39 -10.23 12.23
C TYR D 287 -2.63 -11.01 13.51
N GLN D 288 -3.89 -11.10 13.92
CA GLN D 288 -4.36 -12.08 14.92
C GLN D 288 -5.58 -12.78 14.35
N PRO D 289 -5.80 -14.07 14.68
CA PRO D 289 -6.96 -14.79 14.17
C PRO D 289 -8.24 -14.02 14.49
N GLY D 290 -9.17 -13.98 13.54
CA GLY D 290 -10.48 -13.30 13.68
C GLY D 290 -11.56 -14.10 13.01
N ARG D 291 -12.82 -13.72 13.20
CA ARG D 291 -13.94 -14.44 12.54
C ARG D 291 -13.73 -14.29 11.03
N PRO D 292 -14.03 -15.35 10.24
CA PRO D 292 -13.68 -15.38 8.82
C PRO D 292 -14.15 -14.18 7.97
N GLU D 293 -15.28 -13.58 8.34
CA GLU D 293 -15.89 -12.45 7.59
C GLU D 293 -15.02 -11.19 7.70
N ILE D 294 -14.21 -11.03 8.75
CA ILE D 294 -13.43 -9.78 8.96
C ILE D 294 -11.93 -10.08 9.12
N ASP D 295 -11.51 -11.32 8.88
CA ASP D 295 -10.14 -11.80 9.17
C ASP D 295 -9.13 -11.04 8.30
N GLY D 296 -8.04 -10.55 8.89
CA GLY D 296 -6.97 -9.87 8.13
C GLY D 296 -6.05 -9.05 9.01
N PHE D 297 -4.89 -8.67 8.46
CA PHE D 297 -3.91 -7.79 9.13
C PHE D 297 -4.55 -6.43 9.43
N ARG D 298 -4.24 -5.90 10.61
CA ARG D 298 -4.57 -4.52 11.03
C ARG D 298 -3.39 -3.60 10.70
N ARG D 299 -3.68 -2.43 10.15
CA ARG D 299 -2.72 -1.32 10.03
C ARG D 299 -2.83 -0.49 11.30
N ILE D 300 -1.87 -0.64 12.22
CA ILE D 300 -1.82 0.19 13.45
C ILE D 300 -1.04 1.46 13.11
N LEU D 301 -1.73 2.60 13.07
CA LEU D 301 -1.10 3.91 12.77
C LEU D 301 -0.58 4.51 14.09
N THR D 302 0.68 4.96 14.09
CA THR D 302 1.37 5.47 15.29
C THR D 302 0.57 6.63 15.88
N GLY D 303 0.40 6.60 17.20
CA GLY D 303 -0.30 7.64 17.97
C GLY D 303 0.03 7.49 19.46
N PRO D 304 -0.67 8.26 20.31
CA PRO D 304 -0.31 8.33 21.74
C PRO D 304 -0.45 7.03 22.55
N ALA D 305 -1.04 5.97 21.99
CA ALA D 305 -1.14 4.66 22.67
C ALA D 305 0.23 3.98 22.67
N GLN D 306 1.15 4.41 21.81
CA GLN D 306 2.46 3.75 21.61
C GLN D 306 3.52 4.48 22.43
N PRO D 307 4.54 3.75 22.95
CA PRO D 307 5.53 4.35 23.83
C PRO D 307 6.23 5.56 23.20
N GLY D 308 6.35 6.65 23.95
CA GLY D 308 7.12 7.85 23.57
C GLY D 308 6.30 8.87 22.80
N PHE D 309 5.30 8.46 22.04
CA PHE D 309 4.62 9.36 21.06
C PHE D 309 4.01 10.57 21.77
N ALA D 310 3.32 10.35 22.89
CA ALA D 310 2.53 11.38 23.59
C ALA D 310 3.42 12.53 24.06
N ALA D 311 4.72 12.29 24.27
CA ALA D 311 5.71 13.32 24.64
C ALA D 311 5.88 14.33 23.50
N PHE D 312 5.55 13.95 22.26
CA PHE D 312 5.77 14.78 21.04
C PHE D 312 4.46 15.32 20.46
N CYS D 313 3.35 14.64 20.69
CA CYS D 313 2.06 14.99 20.04
C CYS D 313 0.92 14.23 20.70
N PRO D 314 -0.21 14.91 21.03
CA PRO D 314 -1.38 14.24 21.57
C PRO D 314 -2.32 13.65 20.50
N GLY D 315 -2.08 13.98 19.23
CA GLY D 315 -2.95 13.59 18.10
C GLY D 315 -2.39 12.42 17.34
N GLY D 316 -3.09 11.29 17.34
CA GLY D 316 -2.69 10.10 16.55
C GLY D 316 -2.59 10.44 15.08
N GLY D 317 -1.77 9.71 14.34
CA GLY D 317 -1.67 9.82 12.87
C GLY D 317 -0.88 11.03 12.42
N HIS D 318 -0.44 11.89 13.33
CA HIS D 318 0.54 12.98 13.05
C HIS D 318 1.93 12.36 13.06
N ASN D 319 2.48 12.09 11.87
CA ASN D 319 3.61 11.15 11.69
C ASN D 319 4.80 11.55 12.58
N PHE D 320 5.28 10.59 13.36
CA PHE D 320 6.54 10.66 14.14
C PHE D 320 7.69 10.58 13.13
N GLY D 321 8.75 11.36 13.34
CA GLY D 321 9.86 11.46 12.38
C GLY D 321 11.08 10.66 12.81
N PHE D 322 11.97 10.39 11.86
CA PHE D 322 13.28 9.74 12.10
C PHE D 322 14.03 10.50 13.20
N ASN D 323 14.10 11.83 13.10
CA ASN D 323 14.90 12.64 14.05
C ASN D 323 14.35 12.50 15.48
N GLU D 324 13.05 12.31 15.64
CA GLU D 324 12.43 12.22 16.99
C GLU D 324 12.81 10.90 17.65
N GLN D 325 13.21 9.87 16.89
CA GLN D 325 13.79 8.63 17.49
C GLN D 325 14.98 9.01 18.36
N LYS D 326 15.76 10.02 17.94
CA LYS D 326 16.99 10.43 18.64
C LYS D 326 16.65 11.19 19.92
N VAL D 327 15.52 11.90 19.95
CA VAL D 327 15.06 12.62 21.19
C VAL D 327 14.70 11.56 22.24
N VAL D 328 14.03 10.49 21.83
CA VAL D 328 13.71 9.32 22.72
C VAL D 328 15.02 8.73 23.24
N GLU D 329 16.00 8.54 22.37
CA GLU D 329 17.31 7.94 22.72
C GLU D 329 17.99 8.84 23.78
N ALA D 330 18.01 10.16 23.55
CA ALA D 330 18.59 11.14 24.51
C ALA D 330 17.89 10.98 25.86
N GLU D 331 16.56 10.89 25.87
CA GLU D 331 15.78 10.79 27.12
C GLU D 331 16.16 9.50 27.87
N MET D 332 16.32 8.39 27.14
CA MET D 332 16.68 7.11 27.79
C MET D 332 18.06 7.25 28.45
N LEU D 333 18.99 7.97 27.83
CA LEU D 333 20.33 8.20 28.43
C LEU D 333 20.21 9.14 29.64
N ARG D 334 19.43 10.23 29.55
CA ARG D 334 19.23 11.16 30.70
C ARG D 334 18.76 10.36 31.91
N GLN D 335 17.77 9.50 31.71
CA GLN D 335 17.10 8.74 32.81
C GLN D 335 18.10 7.73 33.40
N ALA D 336 18.92 7.09 32.56
CA ALA D 336 19.95 6.14 33.01
C ALA D 336 20.98 6.89 33.87
N ILE D 337 21.39 8.08 33.44
CA ILE D 337 22.36 8.93 34.19
C ILE D 337 21.75 9.28 35.55
N ALA D 338 20.45 9.57 35.60
CA ALA D 338 19.73 9.97 36.84
C ALA D 338 19.40 8.74 37.70
N GLY D 339 19.73 7.54 37.24
CA GLY D 339 19.52 6.27 37.96
C GLY D 339 18.06 5.85 37.96
N ARG D 340 17.29 6.25 36.94
CA ARG D 340 15.82 6.05 36.89
C ARG D 340 15.42 5.13 35.73
N GLY D 341 16.40 4.50 35.08
CA GLY D 341 16.16 3.58 33.96
C GLY D 341 17.47 2.99 33.51
N LYS D 342 17.44 1.82 32.87
CA LYS D 342 18.64 1.23 32.24
C LYS D 342 18.58 1.56 30.74
N ALA D 343 19.67 2.12 30.19
CA ALA D 343 19.81 2.42 28.76
C ALA D 343 20.25 1.15 28.04
N TRP D 344 19.65 0.87 26.87
CA TRP D 344 20.04 -0.27 26.02
C TRP D 344 20.33 0.23 24.60
N PRO D 345 21.38 -0.27 23.92
CA PRO D 345 22.38 -1.14 24.53
C PRO D 345 23.55 -0.33 25.10
N ASP D 346 24.03 -0.71 26.29
CA ASP D 346 25.31 -0.18 26.85
C ASP D 346 26.45 -0.89 26.11
N PHE D 347 27.70 -0.61 26.46
CA PHE D 347 28.87 -1.18 25.73
C PHE D 347 28.93 -2.70 25.89
N THR D 348 28.39 -3.25 26.99
CA THR D 348 28.37 -4.73 27.21
C THR D 348 27.41 -5.36 26.21
N ASP D 349 26.18 -4.86 26.14
CA ASP D 349 25.16 -5.40 25.20
C ASP D 349 25.59 -5.07 23.76
N GLY D 350 26.28 -3.94 23.55
CA GLY D 350 26.80 -3.55 22.22
C GLY D 350 27.88 -4.49 21.74
N LEU D 351 28.76 -4.95 22.63
CA LEU D 351 29.83 -5.91 22.26
C LEU D 351 29.21 -7.19 21.66
N THR D 352 28.08 -7.66 22.21
CA THR D 352 27.41 -8.88 21.70
C THR D 352 26.98 -8.64 20.25
N ILE D 353 26.43 -7.47 19.97
CA ILE D 353 26.00 -7.10 18.59
C ILE D 353 27.23 -7.10 17.68
N GLU D 354 28.35 -6.55 18.15
CA GLU D 354 29.62 -6.53 17.37
C GLU D 354 30.04 -7.97 17.05
N ARG D 355 29.93 -8.88 18.01
CA ARG D 355 30.31 -10.30 17.81
C ARG D 355 29.42 -10.93 16.73
N VAL D 356 28.12 -10.61 16.71
CA VAL D 356 27.17 -11.17 15.71
C VAL D 356 27.56 -10.70 14.31
N ILE D 357 27.76 -9.40 14.09
CA ILE D 357 28.04 -8.90 12.70
C ILE D 357 29.41 -9.41 12.23
N HIS D 358 30.40 -9.48 13.12
CA HIS D 358 31.75 -9.98 12.75
C HIS D 358 31.70 -11.50 12.54
N GLY D 359 30.84 -12.21 13.28
CA GLY D 359 30.61 -13.65 13.08
C GLY D 359 29.98 -13.92 11.73
N MET D 360 29.05 -13.05 11.31
CA MET D 360 28.42 -13.16 9.96
C MET D 360 29.49 -12.95 8.88
N ALA D 361 30.32 -11.91 9.01
CA ALA D 361 31.43 -11.63 8.06
C ALA D 361 32.36 -12.85 8.01
N THR D 362 32.75 -13.40 9.16
CA THR D 362 33.63 -14.59 9.24
C THR D 362 32.97 -15.78 8.54
N SER D 363 31.70 -16.02 8.81
CA SER D 363 30.93 -17.14 8.20
C SER D 363 30.93 -17.01 6.68
N ALA D 364 30.69 -15.80 6.17
CA ALA D 364 30.62 -15.53 4.71
C ALA D 364 32.01 -15.74 4.09
N GLN D 365 33.07 -15.38 4.81
CA GLN D 365 34.47 -15.47 4.31
C GLN D 365 34.88 -16.94 4.21
N THR D 366 34.50 -17.77 5.18
CA THR D 366 35.03 -19.15 5.37
C THR D 366 34.06 -20.21 4.83
N GLY D 367 32.80 -19.86 4.59
CA GLY D 367 31.78 -20.80 4.10
C GLY D 367 31.34 -21.78 5.18
N GLN D 368 31.53 -21.41 6.45
CA GLN D 368 31.19 -22.26 7.62
C GLN D 368 30.28 -21.50 8.58
N PRO D 369 29.40 -22.22 9.31
CA PRO D 369 28.56 -21.57 10.31
C PRO D 369 29.43 -21.10 11.48
N VAL D 370 28.97 -20.07 12.18
CA VAL D 370 29.65 -19.54 13.40
C VAL D 370 28.67 -19.62 14.58
N ASN D 371 29.13 -20.18 15.70
CA ASN D 371 28.36 -20.35 16.96
C ASN D 371 28.79 -19.29 17.98
N PHE D 372 27.88 -18.86 18.84
CA PHE D 372 28.11 -17.84 19.90
C PHE D 372 27.81 -18.42 21.29
N LEU D 373 28.50 -17.89 22.30
CA LEU D 373 28.40 -18.26 23.75
C LEU D 373 27.38 -19.40 23.93
C ACT E . -14.99 -0.45 -17.61
O ACT E . -13.74 -0.31 -17.53
OXT ACT E . -15.60 -1.50 -17.30
CH3 ACT E . -15.80 0.74 -18.12
PA NAD F . -17.00 -3.33 -28.84
O1A NAD F . -17.03 -2.35 -29.98
O2A NAD F . -15.71 -4.00 -28.49
O5B NAD F . -18.14 -4.43 -29.06
C5B NAD F . -19.15 -4.28 -30.09
C4B NAD F . -19.45 -5.64 -30.65
O4B NAD F . -20.79 -5.63 -31.22
C3B NAD F . -18.52 -6.10 -31.77
O3B NAD F . -18.30 -7.51 -31.69
C2B NAD F . -19.31 -5.71 -33.03
O2B NAD F . -18.89 -6.40 -34.18
C1B NAD F . -20.72 -6.07 -32.57
N9A NAD F . -21.79 -5.43 -33.31
C8A NAD F . -21.88 -4.09 -33.60
N7A NAD F . -22.95 -3.77 -34.29
C5A NAD F . -23.62 -4.98 -34.46
C6A NAD F . -24.83 -5.31 -35.10
N6A NAD F . -25.63 -4.43 -35.71
N1A NAD F . -25.21 -6.61 -35.10
C2A NAD F . -24.42 -7.50 -34.49
N3A NAD F . -23.27 -7.31 -33.84
C4A NAD F . -22.92 -6.00 -33.87
O3 NAD F . -17.53 -2.60 -27.51
PN NAD F . -17.54 -3.01 -25.97
O1N NAD F . -16.42 -2.31 -25.26
O2N NAD F . -17.66 -4.50 -25.83
O5D NAD F . -18.94 -2.35 -25.54
C5D NAD F . -20.14 -3.12 -25.83
C4D NAD F . -21.19 -2.77 -24.82
O4D NAD F . -20.75 -3.22 -23.52
C3D NAD F . -21.52 -1.28 -24.67
O3D NAD F . -22.91 -1.10 -24.45
C2D NAD F . -20.70 -0.87 -23.44
O2D NAD F . -21.25 0.23 -22.75
C1D NAD F . -20.74 -2.14 -22.60
N1N NAD F . -19.56 -2.28 -21.72
C2N NAD F . -19.70 -2.54 -20.36
C3N NAD F . -18.57 -2.80 -19.60
C7N NAD F . -18.70 -3.49 -18.26
O7N NAD F . -17.72 -3.59 -17.53
N7N NAD F . -19.90 -3.95 -17.93
C4N NAD F . -17.34 -2.41 -20.10
C5N NAD F . -17.25 -1.97 -21.41
C6N NAD F . -18.32 -2.17 -22.24
PA NAD G . -8.18 -32.20 -3.61
O1A NAD G . -8.39 -33.13 -2.46
O2A NAD G . -9.05 -30.99 -3.66
O5B NAD G . -8.26 -33.00 -5.00
C5B NAD G . -8.17 -34.44 -5.05
C4B NAD G . -9.09 -34.91 -6.15
O4B NAD G . -8.58 -36.16 -6.68
C3B NAD G . -10.53 -35.19 -5.71
O3B NAD G . -11.42 -34.79 -6.74
C2B NAD G . -10.51 -36.70 -5.50
O2B NAD G . -11.80 -37.29 -5.52
C1B NAD G . -9.63 -37.11 -6.67
N9A NAD G . -9.04 -38.42 -6.52
C8A NAD G . -8.32 -38.86 -5.44
N7A NAD G . -7.92 -40.10 -5.54
C5A NAD G . -8.39 -40.51 -6.79
C6A NAD G . -8.29 -41.72 -7.50
N6A NAD G . -7.66 -42.80 -7.03
N1A NAD G . -8.87 -41.80 -8.71
C2A NAD G . -9.51 -40.71 -9.17
N3A NAD G . -9.67 -39.52 -8.61
C4A NAD G . -9.09 -39.48 -7.40
O3 NAD G . -6.65 -31.71 -3.62
PN NAD G . -5.96 -30.50 -4.41
O1N NAD G . -6.77 -30.26 -5.65
O2N NAD G . -5.71 -29.38 -3.46
O5D NAD G . -4.57 -31.17 -4.80
C5D NAD G . -4.49 -31.71 -6.15
C4D NAD G . -3.04 -31.79 -6.58
O4D NAD G . -2.69 -30.52 -7.18
C3D NAD G . -1.99 -32.06 -5.50
O3D NAD G . -0.93 -32.81 -6.07
C2D NAD G . -1.50 -30.66 -5.12
O2D NAD G . -0.13 -30.61 -4.75
C1D NAD G . -1.68 -29.88 -6.42
N1N NAD G . -2.10 -28.47 -6.22
C2N NAD G . -1.56 -27.47 -6.99
C3N NAD G . -1.99 -26.16 -6.85
C7N NAD G . -1.38 -25.14 -7.79
O7N NAD G . -1.51 -23.94 -7.57
N7N NAD G . -0.71 -25.61 -8.83
C4N NAD G . -2.94 -25.86 -5.87
C5N NAD G . -3.52 -26.88 -5.15
C6N NAD G . -3.07 -28.17 -5.32
C ACT H . -0.38 -25.32 -3.57
O ACT H . 0.16 -25.78 -4.59
OXT ACT H . -0.68 -24.12 -3.43
CH3 ACT H . -0.70 -26.28 -2.42
PA NAD I . -4.90 23.00 23.69
O1A NAD I . -6.07 22.99 24.62
O2A NAD I . -3.99 21.83 23.70
O5B NAD I . -4.04 24.34 23.89
C5B NAD I . -4.53 25.45 24.67
C4B NAD I . -3.38 26.05 25.42
O4B NAD I . -3.62 27.47 25.59
C3B NAD I . -3.15 25.49 26.83
O3B NAD I . -1.77 25.47 27.16
C2B NAD I . -3.90 26.51 27.69
O2B NAD I . -3.53 26.52 29.05
C1B NAD I . -3.52 27.78 26.96
N9A NAD I . -4.41 28.90 27.24
C8A NAD I . -5.78 28.86 27.19
N7A NAD I . -6.35 29.99 27.51
C5A NAD I . -5.27 30.83 27.83
C6A NAD I . -5.22 32.17 28.25
N6A NAD I . -6.29 32.93 28.44
N1A NAD I . -3.99 32.70 28.48
C2A NAD I . -2.92 31.93 28.27
N3A NAD I . -2.85 30.67 27.88
C4A NAD I . -4.08 30.16 27.66
O3 NAD I . -5.44 23.22 22.20
PN NAD I . -4.70 23.00 20.81
O1N NAD I . -3.24 23.22 21.02
O2N NAD I . -5.17 21.71 20.21
O5D NAD I . -5.31 24.23 19.97
C5D NAD I . -4.48 25.41 19.89
C4D NAD I . -4.87 26.23 18.69
O4D NAD I . -4.12 25.74 17.56
C3D NAD I . -6.35 26.21 18.25
O3D NAD I . -6.68 27.47 17.67
C2D NAD I . -6.38 25.11 17.19
O2D NAD I . -7.34 25.31 16.16
C1D NAD I . -4.98 25.20 16.58
N1N NAD I . -4.43 23.87 16.20
C2N NAD I . -3.76 23.72 15.02
C3N NAD I . -3.17 22.50 14.68
C7N NAD I . -2.35 22.47 13.41
O7N NAD I . -2.11 21.40 12.86
N7N NAD I . -1.92 23.63 12.94
C4N NAD I . -3.39 21.40 15.51
C5N NAD I . -4.05 21.57 16.72
C6N NAD I . -4.56 22.80 17.03
C ACT J . -6.25 20.86 13.64
O ACT J . -5.75 21.88 13.16
OXT ACT J . -5.92 19.70 13.30
CH3 ACT J . -7.33 21.02 14.72
PA NAD K . 29.43 12.56 8.45
O1A NAD K . 30.62 12.58 7.55
O2A NAD K . 28.19 13.27 8.03
O5B NAD K . 29.84 13.04 9.92
C5B NAD K . 31.22 13.05 10.36
C4B NAD K . 31.40 14.26 11.24
O4B NAD K . 32.53 14.04 12.11
C3B NAD K . 31.68 15.57 10.48
O3B NAD K . 31.00 16.66 11.10
C2B NAD K . 33.20 15.66 10.58
O2B NAD K . 33.66 16.98 10.37
C1B NAD K . 33.40 15.14 12.00
N9A NAD K . 34.75 14.69 12.28
C8A NAD K . 35.47 13.78 11.55
N7A NAD K . 36.67 13.56 12.02
C5A NAD K . 36.74 14.35 13.16
C6A NAD K . 37.76 14.56 14.12
N6A NAD K . 38.94 13.95 14.09
N1A NAD K . 37.50 15.43 15.13
C2A NAD K . 36.31 16.03 15.16
N3A NAD K . 35.29 15.93 14.32
C4A NAD K . 35.57 15.06 13.32
O3 NAD K . 29.04 11.04 8.76
PN NAD K . 27.75 10.41 9.48
O1N NAD K . 26.88 9.81 8.42
O2N NAD K . 27.17 11.39 10.43
O5D NAD K . 28.48 9.24 10.28
C5D NAD K . 28.98 9.52 11.61
C4D NAD K . 28.80 8.31 12.48
O4D NAD K . 27.38 8.12 12.71
C3D NAD K . 29.32 6.98 11.91
O3D NAD K . 29.88 6.21 12.97
C2D NAD K . 28.07 6.32 11.35
O2D NAD K . 28.13 4.90 11.38
C1D NAD K . 26.99 6.82 12.30
N1N NAD K . 25.65 6.92 11.67
C2N NAD K . 24.54 6.39 12.29
C3N NAD K . 23.26 6.61 11.79
C7N NAD K . 22.08 6.15 12.61
O7N NAD K . 20.97 6.09 12.10
N7N NAD K . 22.32 5.80 13.87
C4N NAD K . 23.13 7.24 10.55
C5N NAD K . 24.24 7.77 9.93
C6N NAD K . 25.49 7.57 10.48
C1 INS L . 21.43 4.72 6.84
C2 INS L . 21.65 4.28 8.29
C3 INS L . 23.12 4.04 8.66
C4 INS L . 24.14 4.92 7.94
C5 INS L . 23.85 5.02 6.45
C6 INS L . 22.48 5.66 6.28
O1 INS L . 20.16 5.34 6.75
O2 INS L . 21.02 5.21 9.19
O3 INS L . 23.30 4.18 10.06
O4 INS L . 25.45 4.38 8.14
O5 INS L . 24.86 5.82 5.80
O6 INS L . 22.24 5.91 4.90
#